data_2A1F
#
_entry.id   2A1F
#
_cell.length_a   77.369
_cell.length_b   79.889
_cell.length_c   79.899
_cell.angle_alpha   94.85
_cell.angle_beta   96.68
_cell.angle_gamma   96.88
#
_symmetry.space_group_name_H-M   'P 1'
#
loop_
_entity.id
_entity.type
_entity.pdbx_description
1 polymer 'Uridylate kinase'
2 water water
#
_entity_poly.entity_id   1
_entity_poly.type   'polypeptide(L)'
_entity_poly.pdbx_seq_one_letter_code
;MSLSQPIYKRILLKLSGEALQGEDGLGIDPAILDRMAVEIKELVEMGVEVSVVLGGGNLFRGAKLAKAGMNRVVGDHMGM
LATVMNGLAMRDSLFRADVNAKLMSAFQLNGICDTYNWSEAIKMLREKRVVIFSAGTGNPFFTTDSTACLRGIEIEADVV
LKATKVDGVYDCDPAKNPDAKLYKNLSYAEVIDKELKVMDLSAFTLARDHGMPIRVFNMGKPGALRQVVTGTEEGTTICE
GHHHHHH
;
_entity_poly.pdbx_strand_id   A,B,C,D,E,F
#
# COMPACT_ATOMS: atom_id res chain seq x y z
N LEU A 3 25.88 33.36 -21.39
CA LEU A 3 24.93 34.46 -21.69
C LEU A 3 23.77 33.87 -22.52
N SER A 4 24.03 32.85 -23.34
CA SER A 4 22.94 32.20 -24.09
C SER A 4 21.81 31.72 -23.17
N GLN A 5 20.57 31.94 -23.61
CA GLN A 5 19.39 31.69 -22.81
C GLN A 5 18.74 30.34 -23.21
N PRO A 6 17.86 29.79 -22.34
CA PRO A 6 17.25 28.46 -22.63
C PRO A 6 16.31 28.46 -23.80
N ILE A 7 16.35 27.40 -24.59
CA ILE A 7 15.42 27.23 -25.71
C ILE A 7 14.27 26.26 -25.39
N TYR A 8 14.26 25.75 -24.16
CA TYR A 8 13.26 24.80 -23.66
C TYR A 8 12.73 25.35 -22.35
N LYS A 9 11.46 25.08 -22.06
CA LYS A 9 10.85 25.42 -20.78
C LYS A 9 10.88 24.20 -19.81
N ARG A 10 10.80 22.99 -20.36
CA ARG A 10 10.71 21.77 -19.55
C ARG A 10 11.45 20.65 -20.28
N ILE A 11 12.41 20.02 -19.62
CA ILE A 11 13.23 18.96 -20.22
C ILE A 11 13.11 17.68 -19.43
N LEU A 12 13.39 16.58 -20.12
CA LEU A 12 13.65 15.31 -19.45
C LEU A 12 15.06 14.85 -19.87
N LEU A 13 15.96 14.78 -18.89
CA LEU A 13 17.35 14.36 -19.06
C LEU A 13 17.48 12.89 -18.65
N LYS A 14 17.70 12.02 -19.64
CA LYS A 14 17.99 10.62 -19.40
C LYS A 14 19.49 10.39 -19.24
N LEU A 15 19.91 9.86 -18.08
CA LEU A 15 21.30 9.44 -17.87
C LEU A 15 21.38 7.92 -17.72
N SER A 16 22.35 7.31 -18.38
CA SER A 16 22.65 5.92 -18.14
C SER A 16 23.28 5.85 -16.73
N GLY A 17 23.15 4.72 -16.05
CA GLY A 17 23.82 4.56 -14.77
C GLY A 17 25.33 4.73 -14.93
N GLU A 18 25.86 4.29 -16.08
CA GLU A 18 27.31 4.42 -16.37
C GLU A 18 27.86 5.84 -16.39
N ALA A 19 27.01 6.86 -16.51
CA ALA A 19 27.46 8.25 -16.46
C ALA A 19 27.89 8.68 -15.07
N LEU A 20 27.44 7.98 -14.04
CA LEU A 20 27.86 8.28 -12.67
C LEU A 20 29.11 7.47 -12.25
N GLN A 21 29.58 6.56 -13.09
CA GLN A 21 30.72 5.68 -12.78
C GLN A 21 32.02 6.46 -12.70
N GLY A 22 32.94 5.98 -11.88
CA GLY A 22 34.24 6.61 -11.73
C GLY A 22 35.23 6.11 -12.76
N GLU A 23 36.44 6.64 -12.69
CA GLU A 23 37.57 6.10 -13.48
C GLU A 23 37.80 4.63 -13.16
N ASP A 24 37.56 4.24 -11.91
CA ASP A 24 37.61 2.82 -11.52
C ASP A 24 36.44 2.06 -12.19
N GLY A 25 35.68 2.74 -13.04
CA GLY A 25 34.72 2.13 -13.97
C GLY A 25 33.51 1.53 -13.29
N LEU A 26 33.19 1.96 -12.07
CA LEU A 26 32.13 1.33 -11.31
C LEU A 26 31.61 2.19 -10.15
N GLY A 27 30.46 1.76 -9.62
CA GLY A 27 29.82 2.40 -8.50
C GLY A 27 29.30 3.77 -8.87
N ILE A 28 29.33 4.65 -7.89
CA ILE A 28 28.96 6.04 -8.03
C ILE A 28 30.14 6.90 -7.61
N ASP A 29 30.66 7.68 -8.55
CA ASP A 29 31.75 8.62 -8.26
C ASP A 29 31.19 9.94 -7.68
N PRO A 30 31.46 10.22 -6.39
CA PRO A 30 30.88 11.43 -5.78
C PRO A 30 31.22 12.74 -6.54
N ALA A 31 32.43 12.83 -7.09
CA ALA A 31 32.87 14.03 -7.79
C ALA A 31 32.18 14.23 -9.15
N ILE A 32 31.84 13.13 -9.81
CA ILE A 32 31.04 13.20 -11.03
C ILE A 32 29.60 13.62 -10.72
N LEU A 33 29.07 13.04 -9.65
CA LEU A 33 27.69 13.26 -9.24
C LEU A 33 27.49 14.70 -8.78
N ASP A 34 28.48 15.24 -8.07
CA ASP A 34 28.43 16.61 -7.60
C ASP A 34 28.64 17.60 -8.76
N ARG A 35 29.34 17.17 -9.79
CA ARG A 35 29.51 17.96 -11.01
C ARG A 35 28.16 18.13 -11.71
N MET A 36 27.42 17.03 -11.87
CA MET A 36 26.07 17.06 -12.44
C MET A 36 25.04 17.83 -11.63
N ALA A 37 25.15 17.78 -10.31
CA ALA A 37 24.29 18.58 -9.46
C ALA A 37 24.48 20.09 -9.72
N VAL A 38 25.74 20.51 -9.90
CA VAL A 38 26.08 21.90 -10.26
C VAL A 38 25.53 22.30 -11.64
N GLU A 39 25.68 21.43 -12.63
CA GLU A 39 25.07 21.66 -13.95
C GLU A 39 23.52 21.70 -13.95
N ILE A 40 22.87 20.88 -13.12
CA ILE A 40 21.41 20.88 -13.05
C ILE A 40 20.94 22.16 -12.36
N LYS A 41 21.65 22.56 -11.31
CA LYS A 41 21.38 23.80 -10.59
C LYS A 41 21.45 25.04 -11.51
N GLU A 42 22.43 25.05 -12.41
CA GLU A 42 22.53 26.13 -13.41
C GLU A 42 21.25 26.22 -14.29
N LEU A 43 20.67 25.07 -14.67
CA LEU A 43 19.44 25.08 -15.48
C LEU A 43 18.23 25.58 -14.69
N VAL A 44 18.16 25.15 -13.44
CA VAL A 44 17.11 25.57 -12.51
C VAL A 44 17.13 27.09 -12.32
N GLU A 45 18.31 27.67 -12.06
CA GLU A 45 18.40 29.11 -11.80
C GLU A 45 18.19 29.98 -13.05
N MET A 46 18.06 29.34 -14.22
CA MET A 46 17.62 30.00 -15.46
C MET A 46 16.17 29.72 -15.79
N GLY A 47 15.43 29.12 -14.85
CA GLY A 47 14.01 28.86 -15.03
C GLY A 47 13.61 27.59 -15.77
N VAL A 48 14.57 26.73 -16.13
CA VAL A 48 14.23 25.49 -16.81
C VAL A 48 13.70 24.49 -15.76
N GLU A 49 12.55 23.89 -16.08
CA GLU A 49 11.97 22.81 -15.27
C GLU A 49 12.62 21.48 -15.68
N VAL A 50 13.24 20.82 -14.72
CA VAL A 50 14.14 19.70 -15.00
C VAL A 50 13.60 18.43 -14.35
N SER A 51 13.37 17.42 -15.16
CA SER A 51 13.13 16.07 -14.69
C SER A 51 14.26 15.16 -15.22
N VAL A 52 14.54 14.10 -14.46
CA VAL A 52 15.70 13.23 -14.67
C VAL A 52 15.27 11.76 -14.59
N VAL A 53 15.58 10.98 -15.63
CA VAL A 53 15.51 9.52 -15.60
C VAL A 53 16.90 8.87 -15.50
N LEU A 54 17.12 8.01 -14.51
CA LEU A 54 18.42 7.33 -14.34
C LEU A 54 18.35 5.83 -14.63
N GLY A 55 19.39 5.32 -15.30
CA GLY A 55 19.59 3.88 -15.50
C GLY A 55 20.33 3.25 -14.32
N GLY A 56 20.51 1.94 -14.35
CA GLY A 56 21.12 1.20 -13.20
C GLY A 56 22.41 0.43 -13.51
N GLY A 57 22.94 0.58 -14.72
CA GLY A 57 24.08 -0.24 -15.18
C GLY A 57 25.45 -0.04 -14.56
N ASN A 58 25.64 1.05 -13.81
CA ASN A 58 26.83 1.25 -13.00
C ASN A 58 26.84 0.34 -11.77
N LEU A 59 25.64 -0.11 -11.37
CA LEU A 59 25.45 -0.93 -10.15
C LEU A 59 25.09 -2.39 -10.42
N PHE A 60 24.42 -2.67 -11.53
CA PHE A 60 24.07 -4.01 -11.90
C PHE A 60 24.12 -4.21 -13.39
N ARG A 61 24.93 -5.18 -13.82
CA ARG A 61 24.88 -5.69 -15.18
C ARG A 61 24.49 -7.16 -15.12
N GLY A 62 23.43 -7.51 -15.85
CA GLY A 62 22.82 -8.82 -15.72
C GLY A 62 23.45 -9.95 -16.51
N ALA A 63 24.45 -9.63 -17.34
CA ALA A 63 24.97 -10.58 -18.35
C ALA A 63 25.47 -11.90 -17.75
N LYS A 64 26.34 -11.83 -16.74
CA LYS A 64 26.93 -13.04 -16.14
C LYS A 64 25.86 -13.95 -15.52
N LEU A 65 25.00 -13.38 -14.69
CA LEU A 65 23.87 -14.12 -14.13
C LEU A 65 22.92 -14.63 -15.21
N ALA A 66 22.68 -13.83 -16.24
CA ALA A 66 21.83 -14.25 -17.35
C ALA A 66 22.42 -15.46 -18.09
N LYS A 67 23.73 -15.43 -18.34
CA LYS A 67 24.43 -16.54 -19.01
C LYS A 67 24.35 -17.83 -18.19
N ALA A 68 24.29 -17.67 -16.87
CA ALA A 68 24.12 -18.78 -15.92
C ALA A 68 22.67 -19.25 -15.82
N GLY A 69 21.74 -18.49 -16.40
CA GLY A 69 20.36 -18.94 -16.55
C GLY A 69 19.33 -18.18 -15.75
N MET A 70 19.71 -17.04 -15.18
CA MET A 70 18.79 -16.23 -14.39
C MET A 70 17.59 -15.74 -15.21
N ASN A 71 16.40 -15.85 -14.62
CA ASN A 71 15.20 -15.39 -15.26
C ASN A 71 15.35 -13.91 -15.58
N ARG A 72 15.11 -13.52 -16.83
CA ARG A 72 15.23 -12.13 -17.27
C ARG A 72 14.31 -11.16 -16.49
N VAL A 73 13.13 -11.61 -16.08
CA VAL A 73 12.25 -10.82 -15.22
C VAL A 73 13.00 -10.43 -13.96
N VAL A 74 13.57 -11.43 -13.29
CA VAL A 74 14.31 -11.21 -12.06
C VAL A 74 15.46 -10.22 -12.30
N GLY A 75 16.18 -10.41 -13.40
CA GLY A 75 17.26 -9.49 -13.76
C GLY A 75 16.75 -8.07 -13.97
N ASP A 76 15.60 -7.93 -14.61
CA ASP A 76 14.98 -6.60 -14.79
C ASP A 76 14.51 -5.97 -13.50
N HIS A 77 14.03 -6.78 -12.57
CA HIS A 77 13.63 -6.27 -11.26
C HIS A 77 14.84 -5.74 -10.50
N MET A 78 15.97 -6.44 -10.58
CA MET A 78 17.22 -6.03 -9.90
C MET A 78 17.72 -4.68 -10.46
N GLY A 79 17.64 -4.54 -11.79
CA GLY A 79 17.99 -3.29 -12.46
C GLY A 79 17.12 -2.12 -12.04
N MET A 80 15.83 -2.36 -11.84
CA MET A 80 14.90 -1.32 -11.40
C MET A 80 15.29 -0.78 -10.03
N LEU A 81 15.64 -1.66 -9.10
CA LEU A 81 16.05 -1.30 -7.75
C LEU A 81 17.35 -0.52 -7.71
N ALA A 82 18.30 -0.90 -8.55
CA ALA A 82 19.50 -0.14 -8.79
C ALA A 82 19.22 1.29 -9.30
N THR A 83 18.21 1.50 -10.15
CA THR A 83 17.89 2.90 -10.53
C THR A 83 17.40 3.74 -9.34
N VAL A 84 16.79 3.09 -8.35
CA VAL A 84 16.32 3.81 -7.16
C VAL A 84 17.51 4.22 -6.31
N MET A 85 18.54 3.35 -6.24
CA MET A 85 19.76 3.67 -5.51
C MET A 85 20.49 4.87 -6.14
N ASN A 86 20.59 4.87 -7.46
CA ASN A 86 21.12 6.03 -8.17
C ASN A 86 20.30 7.31 -7.94
N GLY A 87 18.98 7.14 -7.94
CA GLY A 87 18.06 8.22 -7.69
C GLY A 87 18.24 8.84 -6.33
N LEU A 88 18.47 8.01 -5.31
CA LEU A 88 18.64 8.50 -3.97
C LEU A 88 19.95 9.28 -3.86
N ALA A 89 21.02 8.78 -4.49
CA ALA A 89 22.30 9.49 -4.51
C ALA A 89 22.17 10.85 -5.22
N MET A 90 21.51 10.85 -6.37
CA MET A 90 21.27 12.10 -7.12
C MET A 90 20.41 13.10 -6.28
N ARG A 91 19.35 12.62 -5.63
CA ARG A 91 18.54 13.51 -4.78
C ARG A 91 19.36 14.13 -3.68
N ASP A 92 20.18 13.31 -3.00
CA ASP A 92 21.07 13.80 -1.93
C ASP A 92 22.14 14.78 -2.45
N SER A 93 22.66 14.50 -3.63
CA SER A 93 23.67 15.37 -4.28
C SER A 93 23.07 16.73 -4.58
N LEU A 94 21.82 16.73 -5.04
CA LEU A 94 21.11 17.98 -5.39
C LEU A 94 20.82 18.78 -4.12
N PHE A 95 20.41 18.10 -3.05
CA PHE A 95 20.23 18.78 -1.76
C PHE A 95 21.53 19.41 -1.22
N ARG A 96 22.64 18.70 -1.28
CA ARG A 96 23.93 19.28 -0.89
C ARG A 96 24.39 20.48 -1.75
N ALA A 97 23.92 20.55 -3.01
CA ALA A 97 24.09 21.72 -3.89
C ALA A 97 22.99 22.79 -3.73
N ASP A 98 22.18 22.69 -2.68
CA ASP A 98 21.04 23.59 -2.45
C ASP A 98 20.03 23.63 -3.60
N VAL A 99 19.73 22.46 -4.19
CA VAL A 99 18.63 22.38 -5.15
C VAL A 99 17.46 21.58 -4.55
N ASN A 100 16.26 22.17 -4.63
CA ASN A 100 14.97 21.54 -4.28
C ASN A 100 14.71 20.36 -5.21
N ALA A 101 14.73 19.15 -4.68
CA ALA A 101 14.63 17.96 -5.51
C ALA A 101 13.78 16.90 -4.86
N LYS A 102 13.06 16.15 -5.69
CA LYS A 102 12.19 15.08 -5.24
C LYS A 102 12.47 13.81 -6.06
N LEU A 103 12.36 12.66 -5.40
CA LEU A 103 12.53 11.37 -6.05
C LEU A 103 11.17 10.65 -6.07
N MET A 104 10.76 10.24 -7.26
CA MET A 104 9.56 9.46 -7.44
C MET A 104 9.96 8.09 -7.98
N SER A 105 9.28 7.06 -7.50
CA SER A 105 9.52 5.67 -7.88
C SER A 105 8.24 5.06 -8.46
N ALA A 106 8.38 4.22 -9.48
CA ALA A 106 7.28 3.39 -9.93
C ALA A 106 6.75 2.45 -8.82
N PHE A 107 7.59 2.00 -7.89
CA PHE A 107 7.08 1.23 -6.74
C PHE A 107 6.93 2.16 -5.56
N GLN A 108 5.79 2.08 -4.90
CA GLN A 108 5.59 2.73 -3.62
C GLN A 108 6.72 2.22 -2.72
N LEU A 109 7.54 3.14 -2.21
CA LEU A 109 8.67 2.81 -1.32
C LEU A 109 8.50 3.67 -0.07
N ASN A 110 7.65 3.19 0.83
CA ASN A 110 7.22 3.92 2.01
C ASN A 110 8.41 4.26 2.90
N GLY A 111 8.62 5.54 3.14
CA GLY A 111 9.72 5.98 3.99
C GLY A 111 10.99 6.34 3.25
N ILE A 112 11.08 5.98 1.97
CA ILE A 112 12.30 6.19 1.18
C ILE A 112 12.12 7.35 0.19
N CYS A 113 11.01 7.33 -0.54
CA CYS A 113 10.73 8.38 -1.51
C CYS A 113 9.24 8.43 -1.88
N ASP A 114 8.89 9.34 -2.80
CA ASP A 114 7.53 9.47 -3.31
C ASP A 114 7.13 8.40 -4.30
N THR A 115 5.83 8.10 -4.37
CA THR A 115 5.34 7.25 -5.44
C THR A 115 5.06 8.10 -6.67
N TYR A 116 5.37 7.58 -7.84
CA TYR A 116 5.13 8.30 -9.08
C TYR A 116 3.63 8.52 -9.36
N ASN A 117 3.35 9.76 -9.76
CA ASN A 117 2.04 10.21 -10.13
C ASN A 117 2.25 11.35 -11.12
N TRP A 118 1.73 11.22 -12.33
CA TRP A 118 2.07 12.15 -13.44
C TRP A 118 1.68 13.61 -13.14
N SER A 119 0.51 13.82 -12.54
CA SER A 119 0.04 15.20 -12.30
C SER A 119 0.69 15.85 -11.07
N GLU A 120 0.95 15.05 -10.03
CA GLU A 120 1.85 15.49 -8.94
C GLU A 120 3.27 15.83 -9.43
N ALA A 121 3.81 15.07 -10.37
CA ALA A 121 5.13 15.36 -10.92
C ALA A 121 5.10 16.71 -11.70
N ILE A 122 4.05 16.92 -12.49
CA ILE A 122 3.87 18.19 -13.21
C ILE A 122 3.77 19.36 -12.25
N LYS A 123 3.00 19.19 -11.17
CA LYS A 123 2.87 20.23 -10.14
C LYS A 123 4.20 20.60 -9.55
N MET A 124 5.00 19.60 -9.18
CA MET A 124 6.35 19.83 -8.68
C MET A 124 7.26 20.54 -9.69
N LEU A 125 7.15 20.17 -10.97
CA LEU A 125 7.95 20.83 -12.02
C LEU A 125 7.62 22.32 -12.12
N ARG A 126 6.32 22.65 -12.04
CA ARG A 126 5.87 24.04 -12.06
C ARG A 126 6.35 24.79 -10.82
N GLU A 127 6.44 24.09 -9.68
CA GLU A 127 6.99 24.67 -8.45
C GLU A 127 8.50 24.82 -8.52
N LYS A 128 9.09 24.52 -9.69
CA LYS A 128 10.53 24.66 -9.96
C LYS A 128 11.40 23.67 -9.14
N ARG A 129 10.83 22.51 -8.83
CA ARG A 129 11.55 21.43 -8.19
C ARG A 129 12.07 20.51 -9.27
N VAL A 130 13.27 19.99 -9.06
CA VAL A 130 13.80 18.93 -9.91
C VAL A 130 13.09 17.60 -9.55
N VAL A 131 12.59 16.87 -10.55
CA VAL A 131 11.95 15.57 -10.31
C VAL A 131 12.73 14.40 -10.92
N ILE A 132 13.16 13.47 -10.08
CA ILE A 132 13.90 12.29 -10.52
C ILE A 132 12.95 11.11 -10.58
N PHE A 133 12.94 10.42 -11.71
CA PHE A 133 12.13 9.23 -11.88
C PHE A 133 12.99 7.97 -11.86
N SER A 134 12.62 7.05 -10.97
CA SER A 134 13.30 5.76 -10.80
C SER A 134 12.37 4.54 -10.85
N ALA A 135 12.99 3.36 -10.97
CA ALA A 135 12.28 2.08 -11.03
C ALA A 135 11.52 1.90 -12.34
N GLY A 136 11.91 2.66 -13.35
CA GLY A 136 11.30 2.61 -14.67
C GLY A 136 9.80 2.74 -14.72
N THR A 137 9.15 1.80 -15.41
CA THR A 137 7.69 1.67 -15.40
C THR A 137 7.16 0.65 -14.44
N GLY A 138 8.05 0.00 -13.69
CA GLY A 138 7.65 -1.08 -12.81
C GLY A 138 7.59 -2.44 -13.48
N ASN A 139 7.78 -2.49 -14.81
CA ASN A 139 7.67 -3.70 -15.59
C ASN A 139 9.00 -4.11 -16.24
N PRO A 140 9.27 -5.43 -16.36
CA PRO A 140 10.44 -5.89 -17.11
C PRO A 140 10.29 -5.75 -18.65
N PHE A 141 11.38 -6.03 -19.36
CA PHE A 141 11.44 -6.01 -20.82
C PHE A 141 11.27 -4.60 -21.45
N PHE A 142 11.38 -3.54 -20.65
CA PHE A 142 11.31 -2.17 -21.15
C PHE A 142 12.52 -1.41 -20.67
N THR A 143 13.22 -0.79 -21.62
CA THR A 143 14.49 -0.16 -21.34
C THR A 143 14.31 1.17 -20.62
N THR A 144 15.41 1.70 -20.12
CA THR A 144 15.42 2.98 -19.49
C THR A 144 15.07 4.06 -20.54
N ASP A 145 15.43 3.84 -21.80
CA ASP A 145 15.05 4.78 -22.88
C ASP A 145 13.54 4.83 -23.08
N SER A 146 12.86 3.69 -22.94
CA SER A 146 11.39 3.67 -23.01
C SER A 146 10.76 4.44 -21.83
N THR A 147 11.36 4.30 -20.66
CA THR A 147 10.99 5.07 -19.48
C THR A 147 11.12 6.60 -19.66
N ALA A 148 12.29 7.04 -20.14
CA ALA A 148 12.54 8.43 -20.50
C ALA A 148 11.47 9.03 -21.44
N CYS A 149 11.17 8.31 -22.51
CA CYS A 149 10.15 8.74 -23.48
C CYS A 149 8.76 8.76 -22.91
N LEU A 150 8.41 7.74 -22.13
CA LEU A 150 7.10 7.66 -21.50
C LEU A 150 6.90 8.78 -20.45
N ARG A 151 7.90 8.98 -19.60
CA ARG A 151 7.82 10.02 -18.58
C ARG A 151 7.79 11.39 -19.23
N GLY A 152 8.61 11.58 -20.25
CA GLY A 152 8.67 12.82 -21.02
C GLY A 152 7.32 13.19 -21.58
N ILE A 153 6.66 12.22 -22.22
CA ILE A 153 5.33 12.44 -22.76
C ILE A 153 4.35 12.79 -21.64
N GLU A 154 4.37 12.03 -20.54
CA GLU A 154 3.42 12.20 -19.41
C GLU A 154 3.50 13.53 -18.71
N ILE A 155 4.73 14.00 -18.49
CA ILE A 155 4.95 15.27 -17.79
C ILE A 155 5.06 16.48 -18.76
N GLU A 156 4.77 16.22 -20.03
CA GLU A 156 4.66 17.23 -21.10
C GLU A 156 5.98 18.00 -21.32
N ALA A 157 7.07 17.24 -21.43
CA ALA A 157 8.39 17.80 -21.65
C ALA A 157 8.48 18.27 -23.08
N ASP A 158 9.26 19.34 -23.29
CA ASP A 158 9.53 19.86 -24.65
C ASP A 158 10.48 18.98 -25.42
N VAL A 159 11.29 18.21 -24.67
CA VAL A 159 12.39 17.46 -25.29
C VAL A 159 12.89 16.34 -24.35
N VAL A 160 13.39 15.26 -24.94
CA VAL A 160 14.18 14.28 -24.19
C VAL A 160 15.66 14.43 -24.56
N LEU A 161 16.47 14.81 -23.57
CA LEU A 161 17.95 14.87 -23.70
C LEU A 161 18.58 13.51 -23.30
N LYS A 162 19.04 12.76 -24.31
CA LYS A 162 19.68 11.47 -24.13
C LYS A 162 21.19 11.68 -23.98
N ALA A 163 21.62 11.76 -22.72
CA ALA A 163 23.01 11.89 -22.34
C ALA A 163 23.80 10.63 -22.67
N THR A 164 24.94 10.79 -23.34
CA THR A 164 25.85 9.68 -23.68
C THR A 164 27.30 10.02 -23.37
N LYS A 165 28.21 9.17 -23.82
CA LYS A 165 29.65 9.41 -23.69
C LYS A 165 30.30 9.83 -25.01
N VAL A 166 29.51 10.01 -26.07
CA VAL A 166 29.99 10.48 -27.38
C VAL A 166 29.25 11.76 -27.75
N ASP A 167 29.70 12.43 -28.81
CA ASP A 167 29.19 13.76 -29.15
C ASP A 167 27.77 13.81 -29.69
N GLY A 168 27.33 12.73 -30.32
CA GLY A 168 25.96 12.60 -30.82
C GLY A 168 25.81 11.26 -31.53
N VAL A 169 24.95 11.21 -32.55
CA VAL A 169 24.72 10.01 -33.35
C VAL A 169 25.67 9.95 -34.55
N TYR A 170 26.43 8.86 -34.67
CA TYR A 170 27.46 8.67 -35.73
C TYR A 170 27.09 7.63 -36.79
N ASP A 171 27.98 7.45 -37.77
CA ASP A 171 27.98 6.26 -38.62
C ASP A 171 28.36 4.99 -37.83
N CYS A 172 29.22 5.18 -36.82
CA CYS A 172 29.76 4.09 -36.00
C CYS A 172 29.55 4.37 -34.51
N ALA A 180 33.83 8.12 -39.43
CA ALA A 180 33.25 8.53 -38.16
C ALA A 180 32.60 9.91 -38.30
N LYS A 181 31.46 9.94 -38.99
CA LYS A 181 30.77 11.20 -39.27
C LYS A 181 29.58 11.36 -38.30
N LEU A 182 29.65 12.44 -37.51
CA LEU A 182 28.58 12.84 -36.63
C LEU A 182 27.43 13.44 -37.44
N TYR A 183 26.21 12.96 -37.24
CA TYR A 183 25.02 13.65 -37.77
C TYR A 183 24.63 14.79 -36.83
N LYS A 184 24.02 15.84 -37.39
CA LYS A 184 23.58 16.96 -36.57
C LYS A 184 22.05 17.02 -36.46
N ASN A 185 21.37 16.64 -37.53
CA ASN A 185 19.92 16.62 -37.59
C ASN A 185 19.49 15.35 -38.28
N LEU A 186 18.42 14.75 -37.76
CA LEU A 186 17.83 13.53 -38.30
C LEU A 186 16.32 13.56 -38.09
N SER A 187 15.58 12.97 -39.01
CA SER A 187 14.18 12.69 -38.77
C SER A 187 14.07 11.28 -38.18
N TYR A 188 12.88 10.94 -37.70
CA TYR A 188 12.61 9.61 -37.17
C TYR A 188 12.78 8.59 -38.31
N ALA A 189 12.31 8.98 -39.51
CA ALA A 189 12.34 8.12 -40.68
C ALA A 189 13.78 7.83 -41.14
N GLU A 190 14.62 8.86 -41.10
CA GLU A 190 16.05 8.72 -41.40
C GLU A 190 16.70 7.69 -40.47
N VAL A 191 16.47 7.86 -39.17
CA VAL A 191 17.05 6.97 -38.14
C VAL A 191 16.73 5.50 -38.44
N ILE A 192 15.48 5.23 -38.81
CA ILE A 192 15.00 3.88 -39.08
C ILE A 192 15.58 3.32 -40.40
N ASP A 193 15.66 4.16 -41.43
CA ASP A 193 16.12 3.77 -42.75
C ASP A 193 17.63 3.63 -42.91
N LYS A 194 18.39 4.39 -42.13
CA LYS A 194 19.84 4.25 -42.09
C LYS A 194 20.22 3.27 -40.97
N GLU A 195 19.20 2.74 -40.29
CA GLU A 195 19.37 1.74 -39.24
C GLU A 195 20.35 2.25 -38.21
N LEU A 196 20.25 3.54 -37.91
CA LEU A 196 21.14 4.16 -36.95
C LEU A 196 20.77 3.70 -35.55
N LYS A 197 21.77 3.66 -34.66
CA LYS A 197 21.56 3.22 -33.29
C LYS A 197 21.33 4.46 -32.44
N VAL A 198 20.09 4.61 -31.95
CA VAL A 198 19.71 5.73 -31.08
C VAL A 198 19.08 5.16 -29.79
N MET A 199 18.04 4.34 -29.94
CA MET A 199 17.48 3.60 -28.81
C MET A 199 16.64 2.43 -29.34
N ASP A 200 16.11 1.58 -28.46
CA ASP A 200 15.31 0.43 -28.90
C ASP A 200 14.09 0.89 -29.67
N LEU A 201 13.60 0.04 -30.55
CA LEU A 201 12.51 0.38 -31.48
C LEU A 201 11.26 0.84 -30.77
N SER A 202 10.95 0.25 -29.61
CA SER A 202 9.72 0.58 -28.89
C SER A 202 9.80 1.98 -28.30
N ALA A 203 10.96 2.32 -27.73
CA ALA A 203 11.17 3.62 -27.15
C ALA A 203 11.06 4.65 -28.26
N PHE A 204 11.82 4.41 -29.33
CA PHE A 204 11.90 5.32 -30.45
C PHE A 204 10.55 5.52 -31.11
N THR A 205 9.76 4.46 -31.15
CA THR A 205 8.46 4.47 -31.78
C THR A 205 7.49 5.29 -30.93
N LEU A 206 7.64 5.21 -29.61
CA LEU A 206 6.85 6.02 -28.67
C LEU A 206 7.18 7.50 -28.81
N ALA A 207 8.45 7.84 -28.94
CA ALA A 207 8.83 9.23 -29.18
C ALA A 207 8.29 9.74 -30.55
N ARG A 208 8.31 8.86 -31.54
CA ARG A 208 7.89 9.20 -32.88
C ARG A 208 6.41 9.49 -32.99
N ASP A 209 5.59 8.59 -32.44
CA ASP A 209 4.13 8.67 -32.50
C ASP A 209 3.58 9.86 -31.72
N HIS A 210 4.34 10.36 -30.75
CA HIS A 210 3.89 11.50 -29.95
C HIS A 210 4.63 12.78 -30.31
N GLY A 211 5.55 12.67 -31.27
CA GLY A 211 6.31 13.80 -31.73
C GLY A 211 7.21 14.41 -30.69
N MET A 212 7.72 13.59 -29.77
CA MET A 212 8.73 14.04 -28.80
C MET A 212 10.10 14.15 -29.46
N PRO A 213 10.67 15.39 -29.53
CA PRO A 213 12.04 15.47 -30.04
C PRO A 213 13.12 14.94 -29.08
N ILE A 214 14.20 14.41 -29.67
CA ILE A 214 15.35 13.90 -28.93
C ILE A 214 16.63 14.65 -29.28
N ARG A 215 17.45 14.91 -28.27
CA ARG A 215 18.78 15.44 -28.40
C ARG A 215 19.74 14.44 -27.80
N VAL A 216 20.74 14.04 -28.59
CA VAL A 216 21.78 13.10 -28.15
C VAL A 216 23.06 13.89 -27.98
N PHE A 217 23.61 13.90 -26.77
CA PHE A 217 24.78 14.72 -26.48
C PHE A 217 25.78 14.03 -25.57
N ASN A 218 26.96 14.63 -25.46
CA ASN A 218 28.03 14.10 -24.62
C ASN A 218 27.98 14.72 -23.23
N MET A 219 27.31 14.06 -22.30
CA MET A 219 27.29 14.51 -20.90
C MET A 219 28.66 14.39 -20.19
N GLY A 220 29.53 13.54 -20.72
CA GLY A 220 30.89 13.45 -20.21
C GLY A 220 31.62 14.78 -20.14
N LYS A 221 31.31 15.69 -21.08
CA LYS A 221 31.95 17.01 -21.15
C LYS A 221 31.29 18.00 -20.21
N PRO A 222 32.00 18.47 -19.17
CA PRO A 222 31.46 19.67 -18.54
C PRO A 222 31.17 20.76 -19.61
N GLY A 223 30.06 21.45 -19.47
CA GLY A 223 29.61 22.43 -20.46
C GLY A 223 28.52 21.96 -21.42
N ALA A 224 28.57 20.70 -21.83
CA ALA A 224 27.65 20.20 -22.85
C ALA A 224 26.18 20.37 -22.48
N LEU A 225 25.82 20.09 -21.22
CA LEU A 225 24.41 20.13 -20.85
C LEU A 225 23.81 21.54 -21.01
N ARG A 226 24.53 22.56 -20.55
CA ARG A 226 24.05 23.94 -20.66
C ARG A 226 23.99 24.37 -22.12
N GLN A 227 24.94 23.87 -22.90
CA GLN A 227 24.99 24.12 -24.34
C GLN A 227 23.79 23.54 -25.07
N VAL A 228 23.40 22.33 -24.67
CA VAL A 228 22.27 21.65 -25.31
C VAL A 228 20.98 22.39 -24.97
N VAL A 229 20.86 22.84 -23.73
CA VAL A 229 19.64 23.49 -23.28
C VAL A 229 19.50 24.94 -23.80
N THR A 230 20.62 25.59 -24.14
CA THR A 230 20.62 27.00 -24.56
C THR A 230 20.97 27.22 -26.02
N GLY A 231 20.93 26.17 -26.82
CA GLY A 231 21.24 26.29 -28.22
C GLY A 231 20.94 25.03 -28.97
N THR A 232 20.85 25.15 -30.28
CA THR A 232 20.47 24.07 -31.18
C THR A 232 21.63 23.33 -31.80
N GLU A 233 22.86 23.72 -31.48
CA GLU A 233 24.02 23.20 -32.20
C GLU A 233 24.70 21.98 -31.56
N GLU A 234 24.79 21.94 -30.23
CA GLU A 234 25.44 20.79 -29.57
C GLU A 234 24.70 19.48 -29.79
N GLY A 235 25.44 18.46 -30.23
CA GLY A 235 24.91 17.12 -30.33
C GLY A 235 24.06 16.91 -31.56
N THR A 236 23.21 15.91 -31.49
CA THR A 236 22.37 15.50 -32.61
C THR A 236 20.91 15.74 -32.23
N THR A 237 20.17 16.42 -33.11
CA THR A 237 18.75 16.67 -32.89
C THR A 237 17.93 15.73 -33.73
N ILE A 238 16.99 15.05 -33.13
CA ILE A 238 16.09 14.14 -33.87
C ILE A 238 14.67 14.64 -33.69
N CYS A 239 13.99 14.90 -34.81
CA CYS A 239 12.61 15.39 -34.76
C CYS A 239 11.83 15.03 -36.02
N GLU A 240 10.55 15.33 -36.03
CA GLU A 240 9.69 15.00 -37.18
C GLU A 240 10.10 15.69 -38.49
N GLY A 241 10.12 14.92 -39.58
CA GLY A 241 10.52 15.40 -40.90
C GLY A 241 9.42 16.16 -41.63
N LEU B 3 26.81 -37.84 6.52
CA LEU B 3 26.29 -38.96 7.36
C LEU B 3 25.89 -38.41 8.72
N SER B 4 26.68 -37.51 9.28
CA SER B 4 26.25 -36.76 10.46
C SER B 4 24.88 -36.12 10.21
N GLN B 5 23.99 -36.23 11.20
CA GLN B 5 22.65 -35.68 11.14
C GLN B 5 22.59 -34.23 11.68
N PRO B 6 21.53 -33.48 11.32
CA PRO B 6 21.36 -32.08 11.79
C PRO B 6 21.14 -31.94 13.29
N ILE B 7 21.77 -30.94 13.90
CA ILE B 7 21.59 -30.68 15.33
C ILE B 7 20.63 -29.52 15.61
N TYR B 8 20.04 -28.99 14.54
CA TYR B 8 19.11 -27.87 14.57
C TYR B 8 17.90 -28.23 13.73
N LYS B 9 16.73 -27.77 14.16
CA LYS B 9 15.48 -27.90 13.41
C LYS B 9 15.24 -26.68 12.48
N ARG B 10 15.63 -25.50 12.95
CA ARG B 10 15.37 -24.23 12.23
C ARG B 10 16.57 -23.35 12.43
N ILE B 11 17.14 -22.84 11.33
CA ILE B 11 18.32 -21.96 11.39
C ILE B 11 18.04 -20.64 10.70
N LEU B 12 18.78 -19.63 11.11
CA LEU B 12 18.88 -18.40 10.35
C LEU B 12 20.34 -18.22 9.95
N LEU B 13 20.57 -18.16 8.64
CA LEU B 13 21.90 -18.05 8.05
C LEU B 13 22.09 -16.61 7.57
N LYS B 14 22.92 -15.87 8.30
CA LYS B 14 23.31 -14.52 7.92
C LYS B 14 24.51 -14.58 6.99
N LEU B 15 24.37 -14.00 5.79
CA LEU B 15 25.50 -13.83 4.87
C LEU B 15 25.73 -12.34 4.61
N SER B 16 26.98 -11.91 4.67
CA SER B 16 27.34 -10.60 4.18
C SER B 16 27.18 -10.59 2.66
N GLY B 17 26.90 -9.43 2.09
CA GLY B 17 26.84 -9.30 0.63
C GLY B 17 28.14 -9.77 -0.01
N GLU B 18 29.25 -9.50 0.66
CA GLU B 18 30.60 -9.91 0.20
C GLU B 18 30.78 -11.43 -0.02
N ALA B 19 30.02 -12.25 0.68
CA ALA B 19 30.08 -13.70 0.48
C ALA B 19 29.72 -14.12 -0.95
N LEU B 20 29.01 -13.26 -1.69
CA LEU B 20 28.62 -13.54 -3.07
C LEU B 20 29.57 -12.96 -4.12
N GLN B 21 30.48 -12.08 -3.71
CA GLN B 21 31.49 -11.49 -4.59
C GLN B 21 32.47 -12.50 -5.13
N GLY B 22 32.85 -12.34 -6.39
CA GLY B 22 33.84 -13.22 -6.99
C GLY B 22 35.28 -12.85 -6.65
N GLU B 23 36.21 -13.54 -7.31
CA GLU B 23 37.65 -13.26 -7.21
C GLU B 23 37.91 -11.79 -7.50
N ASP B 24 37.24 -11.27 -8.53
CA ASP B 24 37.37 -9.87 -8.94
C ASP B 24 36.71 -8.91 -7.94
N GLY B 25 36.26 -9.47 -6.81
CA GLY B 25 35.95 -8.71 -5.59
C GLY B 25 34.70 -7.87 -5.71
N LEU B 26 33.78 -8.26 -6.59
CA LEU B 26 32.61 -7.43 -6.84
C LEU B 26 31.37 -8.11 -7.42
N GLY B 27 30.24 -7.43 -7.19
CA GLY B 27 28.93 -7.85 -7.68
C GLY B 27 28.54 -9.19 -7.09
N ILE B 28 28.03 -10.04 -7.97
CA ILE B 28 27.55 -11.37 -7.64
C ILE B 28 28.20 -12.37 -8.56
N ASP B 29 28.93 -13.33 -7.98
CA ASP B 29 29.54 -14.41 -8.76
C ASP B 29 28.53 -15.57 -8.90
N PRO B 30 28.08 -15.85 -10.14
CA PRO B 30 27.08 -16.91 -10.29
C PRO B 30 27.53 -18.27 -9.77
N ALA B 31 28.81 -18.61 -9.93
CA ALA B 31 29.35 -19.90 -9.50
C ALA B 31 29.35 -20.01 -7.99
N ILE B 32 29.68 -18.92 -7.31
CA ILE B 32 29.66 -18.87 -5.85
C ILE B 32 28.24 -19.00 -5.34
N LEU B 33 27.32 -18.36 -6.06
CA LEU B 33 25.93 -18.30 -5.68
C LEU B 33 25.29 -19.66 -5.87
N ASP B 34 25.63 -20.34 -6.95
CA ASP B 34 25.06 -21.66 -7.23
C ASP B 34 25.63 -22.71 -6.28
N ARG B 35 26.90 -22.53 -5.89
CA ARG B 35 27.55 -23.37 -4.88
C ARG B 35 26.75 -23.30 -3.58
N MET B 36 26.50 -22.09 -3.09
CA MET B 36 25.67 -21.84 -1.90
C MET B 36 24.24 -22.37 -2.02
N ALA B 37 23.66 -22.27 -3.22
CA ALA B 37 22.34 -22.88 -3.45
C ALA B 37 22.34 -24.41 -3.27
N VAL B 38 23.39 -25.08 -3.76
CA VAL B 38 23.53 -26.53 -3.59
C VAL B 38 23.66 -26.92 -2.12
N GLU B 39 24.45 -26.16 -1.37
CA GLU B 39 24.62 -26.42 0.05
C GLU B 39 23.34 -26.21 0.88
N ILE B 40 22.53 -25.22 0.50
CA ILE B 40 21.27 -24.98 1.14
C ILE B 40 20.31 -26.12 0.83
N LYS B 41 20.30 -26.58 -0.42
CA LYS B 41 19.45 -27.67 -0.84
C LYS B 41 19.73 -28.93 0.00
N GLU B 42 20.98 -29.21 0.28
CA GLU B 42 21.24 -30.36 1.16
C GLU B 42 20.81 -30.15 2.61
N LEU B 43 20.76 -28.93 3.13
CA LEU B 43 20.12 -28.72 4.44
C LEU B 43 18.63 -29.04 4.37
N VAL B 44 17.98 -28.52 3.33
CA VAL B 44 16.55 -28.76 3.11
C VAL B 44 16.27 -30.26 2.92
N GLU B 45 17.12 -30.95 2.16
CA GLU B 45 16.97 -32.39 1.90
C GLU B 45 17.09 -33.22 3.21
N MET B 46 17.78 -32.67 4.20
CA MET B 46 17.85 -33.30 5.54
C MET B 46 16.74 -32.87 6.50
N GLY B 47 15.79 -32.05 6.05
CA GLY B 47 14.71 -31.58 6.90
C GLY B 47 14.93 -30.31 7.72
N VAL B 48 16.05 -29.62 7.52
CA VAL B 48 16.31 -28.39 8.23
C VAL B 48 15.48 -27.26 7.59
N GLU B 49 14.86 -26.43 8.43
CA GLU B 49 14.10 -25.27 7.97
C GLU B 49 15.06 -24.08 7.89
N VAL B 50 15.21 -23.51 6.70
CA VAL B 50 16.27 -22.54 6.43
C VAL B 50 15.69 -21.19 6.07
N SER B 51 16.07 -20.19 6.86
CA SER B 51 15.88 -18.79 6.53
C SER B 51 17.26 -18.15 6.36
N VAL B 52 17.31 -17.12 5.51
CA VAL B 52 18.53 -16.47 5.08
C VAL B 52 18.33 -14.95 5.19
N VAL B 53 19.21 -14.29 5.95
CA VAL B 53 19.39 -12.83 5.87
C VAL B 53 20.63 -12.46 5.04
N LEU B 54 20.47 -11.55 4.07
CA LEU B 54 21.60 -11.08 3.26
C LEU B 54 21.94 -9.58 3.44
N GLY B 55 23.24 -9.30 3.48
CA GLY B 55 23.78 -7.96 3.47
C GLY B 55 23.88 -7.43 2.03
N GLY B 56 24.36 -6.21 1.90
CA GLY B 56 24.38 -5.52 0.61
C GLY B 56 25.72 -4.95 0.18
N GLY B 57 26.80 -5.26 0.92
CA GLY B 57 28.13 -4.67 0.66
C GLY B 57 28.92 -5.04 -0.59
N ASN B 58 28.50 -6.09 -1.29
CA ASN B 58 29.06 -6.45 -2.60
C ASN B 58 28.61 -5.50 -3.70
N LEU B 59 27.47 -4.85 -3.47
CA LEU B 59 26.80 -4.00 -4.44
C LEU B 59 26.86 -2.51 -4.11
N PHE B 60 26.90 -2.19 -2.83
CA PHE B 60 27.00 -0.81 -2.40
C PHE B 60 27.83 -0.67 -1.14
N ARG B 61 28.88 0.12 -1.22
CA ARG B 61 29.60 0.56 -0.03
C ARG B 61 29.53 2.07 0.07
N GLY B 62 29.03 2.55 1.21
CA GLY B 62 28.73 3.95 1.41
C GLY B 62 29.93 4.87 1.60
N ALA B 63 31.10 4.30 1.91
CA ALA B 63 32.30 5.05 2.33
C ALA B 63 32.58 6.34 1.55
N LYS B 64 32.81 6.22 0.24
CA LYS B 64 33.17 7.38 -0.60
C LYS B 64 32.08 8.46 -0.59
N LEU B 65 30.83 8.04 -0.82
CA LEU B 65 29.68 8.98 -0.78
C LEU B 65 29.50 9.65 0.58
N ALA B 66 29.67 8.89 1.65
CA ALA B 66 29.60 9.42 3.01
C ALA B 66 30.68 10.48 3.29
N LYS B 67 31.89 10.22 2.81
CA LYS B 67 33.02 11.15 2.95
C LYS B 67 32.71 12.48 2.28
N ALA B 68 32.01 12.40 1.15
CA ALA B 68 31.55 13.59 0.40
C ALA B 68 30.37 14.31 1.06
N GLY B 69 29.74 13.66 2.05
CA GLY B 69 28.73 14.30 2.88
C GLY B 69 27.32 13.78 2.74
N MET B 70 27.17 12.66 2.03
CA MET B 70 25.85 12.04 1.88
C MET B 70 25.24 11.71 3.23
N ASN B 71 23.96 12.07 3.36
CA ASN B 71 23.17 11.80 4.58
C ASN B 71 23.17 10.30 4.82
N ARG B 72 23.56 9.90 6.03
CA ARG B 72 23.65 8.48 6.38
C ARG B 72 22.29 7.73 6.26
N VAL B 73 21.17 8.42 6.46
CA VAL B 73 19.87 7.81 6.22
C VAL B 73 19.81 7.32 4.76
N VAL B 74 20.13 8.22 3.84
CA VAL B 74 20.05 7.91 2.43
C VAL B 74 20.96 6.74 2.07
N GLY B 75 22.17 6.74 2.61
CA GLY B 75 23.09 5.63 2.40
C GLY B 75 22.55 4.30 2.91
N ASP B 76 21.87 4.33 4.08
CA ASP B 76 21.22 3.11 4.65
C ASP B 76 20.03 2.62 3.84
N HIS B 77 19.30 3.55 3.20
CA HIS B 77 18.24 3.19 2.27
C HIS B 77 18.81 2.51 1.05
N MET B 78 19.93 3.05 0.55
CA MET B 78 20.60 2.44 -0.62
C MET B 78 21.07 1.00 -0.33
N GLY B 79 21.69 0.81 0.82
CA GLY B 79 22.06 -0.51 1.29
C GLY B 79 20.90 -1.49 1.41
N MET B 80 19.76 -1.01 1.89
CA MET B 80 18.59 -1.87 2.02
C MET B 80 18.10 -2.38 0.68
N LEU B 81 18.05 -1.51 -0.32
CA LEU B 81 17.65 -1.89 -1.66
C LEU B 81 18.61 -2.90 -2.27
N ALA B 82 19.91 -2.71 -2.01
CA ALA B 82 20.97 -3.67 -2.39
C ALA B 82 20.73 -5.06 -1.80
N THR B 83 20.26 -5.14 -0.55
CA THR B 83 19.92 -6.47 -0.01
C THR B 83 18.78 -7.16 -0.75
N VAL B 84 17.87 -6.39 -1.35
CA VAL B 84 16.75 -6.99 -2.12
C VAL B 84 17.28 -7.56 -3.42
N MET B 85 18.21 -6.84 -4.06
CA MET B 85 18.82 -7.31 -5.28
C MET B 85 19.55 -8.63 -5.03
N ASN B 86 20.27 -8.71 -3.92
CA ASN B 86 20.89 -9.97 -3.53
C ASN B 86 19.87 -11.06 -3.27
N GLY B 87 18.78 -10.69 -2.59
CA GLY B 87 17.69 -11.59 -2.34
C GLY B 87 17.09 -12.19 -3.58
N LEU B 88 16.95 -11.35 -4.62
CA LEU B 88 16.34 -11.78 -5.86
C LEU B 88 17.23 -12.78 -6.58
N ALA B 89 18.53 -12.52 -6.58
CA ALA B 89 19.52 -13.41 -7.17
C ALA B 89 19.54 -14.76 -6.44
N MET B 90 19.51 -14.73 -5.11
CA MET B 90 19.46 -15.96 -4.30
C MET B 90 18.16 -16.75 -4.52
N ARG B 91 17.02 -16.06 -4.55
CA ARG B 91 15.74 -16.71 -4.86
C ARG B 91 15.82 -17.42 -6.20
N ASP B 92 16.27 -16.72 -7.25
CA ASP B 92 16.42 -17.35 -8.59
C ASP B 92 17.44 -18.53 -8.62
N SER B 93 18.49 -18.41 -7.82
CA SER B 93 19.52 -19.46 -7.76
C SER B 93 18.94 -20.74 -7.13
N LEU B 94 18.13 -20.56 -6.10
CA LEU B 94 17.47 -21.67 -5.41
C LEU B 94 16.47 -22.37 -6.34
N PHE B 95 15.67 -21.57 -7.05
CA PHE B 95 14.75 -22.12 -8.04
C PHE B 95 15.47 -22.96 -9.11
N ARG B 96 16.58 -22.45 -9.63
CA ARG B 96 17.39 -23.19 -10.61
C ARG B 96 17.99 -24.49 -10.03
N ALA B 97 18.23 -24.54 -8.72
CA ALA B 97 18.64 -25.78 -8.01
C ALA B 97 17.45 -26.66 -7.57
N ASP B 98 16.25 -26.30 -8.02
CA ASP B 98 15.03 -27.03 -7.69
C ASP B 98 14.75 -27.01 -6.18
N VAL B 99 14.85 -25.82 -5.57
CA VAL B 99 14.51 -25.59 -4.16
C VAL B 99 13.39 -24.53 -4.05
N ASN B 100 12.30 -24.87 -3.37
CA ASN B 100 11.21 -23.92 -3.10
C ASN B 100 11.70 -22.81 -2.19
N ALA B 101 11.71 -21.57 -2.69
CA ALA B 101 12.13 -20.42 -1.89
C ALA B 101 11.25 -19.23 -2.14
N LYS B 102 11.10 -18.42 -1.09
CA LYS B 102 10.34 -17.19 -1.13
C LYS B 102 11.20 -16.04 -0.61
N LEU B 103 11.04 -14.87 -1.23
CA LEU B 103 11.69 -13.64 -0.76
C LEU B 103 10.66 -12.73 -0.08
N MET B 104 11.00 -12.28 1.11
CA MET B 104 10.24 -11.31 1.86
C MET B 104 11.07 -10.04 2.06
N SER B 105 10.39 -8.91 2.00
CA SER B 105 11.01 -7.60 2.14
C SER B 105 10.36 -6.81 3.25
N ALA B 106 11.16 -6.09 4.02
CA ALA B 106 10.64 -5.08 4.95
C ALA B 106 9.75 -4.06 4.21
N PHE B 107 10.12 -3.70 2.98
CA PHE B 107 9.29 -2.81 2.14
C PHE B 107 8.39 -3.61 1.27
N GLN B 108 7.10 -3.29 1.28
CA GLN B 108 6.16 -3.79 0.29
C GLN B 108 6.66 -3.46 -1.09
N LEU B 109 6.86 -4.47 -1.93
CA LEU B 109 7.38 -4.31 -3.28
C LEU B 109 6.47 -5.08 -4.22
N ASN B 110 5.33 -4.46 -4.54
CA ASN B 110 4.28 -5.09 -5.36
C ASN B 110 4.81 -5.60 -6.68
N GLY B 111 4.59 -6.87 -6.98
CA GLY B 111 5.06 -7.47 -8.22
C GLY B 111 6.47 -8.06 -8.19
N ILE B 112 7.19 -7.79 -7.12
CA ILE B 112 8.59 -8.19 -7.05
C ILE B 112 8.75 -9.37 -6.09
N CYS B 113 8.22 -9.25 -4.89
CA CYS B 113 8.39 -10.28 -3.89
C CYS B 113 7.31 -10.12 -2.84
N ASP B 114 7.34 -10.96 -1.80
CA ASP B 114 6.40 -10.88 -0.69
C ASP B 114 6.75 -9.78 0.34
N THR B 115 5.74 -9.29 1.06
CA THR B 115 5.99 -8.38 2.20
C THR B 115 6.25 -9.19 3.48
N TYR B 116 7.21 -8.76 4.29
CA TYR B 116 7.55 -9.52 5.49
C TYR B 116 6.41 -9.51 6.49
N ASN B 117 6.14 -10.71 7.00
CA ASN B 117 5.19 -10.95 8.03
C ASN B 117 5.69 -12.18 8.80
N TRP B 118 5.89 -12.02 10.10
CA TRP B 118 6.56 -13.02 10.95
C TRP B 118 5.82 -14.37 10.93
N SER B 119 4.49 -14.34 11.06
CA SER B 119 3.74 -15.57 11.20
C SER B 119 3.60 -16.27 9.85
N GLU B 120 3.49 -15.51 8.77
CA GLU B 120 3.55 -16.06 7.41
C GLU B 120 4.92 -16.66 7.05
N ALA B 121 6.00 -16.06 7.55
CA ALA B 121 7.34 -16.63 7.36
C ALA B 121 7.46 -17.99 8.08
N ILE B 122 7.00 -18.04 9.31
CA ILE B 122 6.94 -19.29 10.09
C ILE B 122 6.12 -20.35 9.38
N LYS B 123 4.96 -19.99 8.84
CA LYS B 123 4.13 -20.94 8.10
C LYS B 123 4.88 -21.50 6.91
N MET B 124 5.58 -20.64 6.17
CA MET B 124 6.39 -21.10 5.03
C MET B 124 7.58 -21.99 5.44
N LEU B 125 8.21 -21.67 6.56
CA LEU B 125 9.33 -22.49 7.07
C LEU B 125 8.84 -23.90 7.43
N ARG B 126 7.66 -23.98 8.05
CA ARG B 126 7.02 -25.27 8.37
C ARG B 126 6.66 -26.04 7.09
N GLU B 127 6.32 -25.33 6.01
CA GLU B 127 6.06 -26.00 4.73
C GLU B 127 7.38 -26.37 4.04
N LYS B 128 8.51 -26.15 4.72
CA LYS B 128 9.86 -26.52 4.23
C LYS B 128 10.27 -25.68 3.02
N ARG B 129 9.81 -24.43 2.99
CA ARG B 129 10.30 -23.45 2.04
C ARG B 129 11.44 -22.70 2.67
N VAL B 130 12.47 -22.40 1.88
CA VAL B 130 13.50 -21.46 2.29
C VAL B 130 12.98 -20.00 2.27
N VAL B 131 13.10 -19.26 3.37
CA VAL B 131 12.67 -17.86 3.41
C VAL B 131 13.90 -16.90 3.47
N ILE B 132 14.00 -16.03 2.47
CA ILE B 132 15.04 -15.02 2.42
C ILE B 132 14.42 -13.72 2.90
N PHE B 133 15.10 -13.08 3.84
CA PHE B 133 14.72 -11.78 4.38
C PHE B 133 15.65 -10.69 3.84
N SER B 134 15.04 -9.69 3.20
CA SER B 134 15.75 -8.54 2.67
C SER B 134 15.19 -7.20 3.14
N ALA B 135 16.00 -6.16 2.89
CA ALA B 135 15.64 -4.78 3.21
C ALA B 135 15.70 -4.48 4.71
N GLY B 136 16.36 -5.35 5.47
CA GLY B 136 16.59 -5.17 6.90
C GLY B 136 15.31 -5.04 7.72
N THR B 137 15.30 -4.03 8.60
CA THR B 137 14.08 -3.69 9.32
C THR B 137 13.28 -2.61 8.67
N GLY B 138 13.76 -2.08 7.56
CA GLY B 138 13.12 -0.94 6.97
C GLY B 138 13.68 0.38 7.47
N ASN B 139 14.48 0.33 8.54
CA ASN B 139 14.99 1.54 9.20
C ASN B 139 16.51 1.67 9.07
N PRO B 140 17.01 2.93 9.06
CA PRO B 140 18.45 3.18 9.07
C PRO B 140 19.10 2.96 10.44
N PHE B 141 20.44 2.95 10.45
CA PHE B 141 21.26 2.83 11.64
C PHE B 141 21.22 1.44 12.32
N PHE B 142 20.77 0.41 11.60
CA PHE B 142 20.69 -0.96 12.13
C PHE B 142 21.36 -1.90 11.16
N THR B 143 22.41 -2.56 11.62
CA THR B 143 23.20 -3.41 10.76
C THR B 143 22.44 -4.66 10.32
N THR B 144 23.01 -5.34 9.34
CA THR B 144 22.48 -6.62 8.89
C THR B 144 22.50 -7.67 10.03
N ASP B 145 23.49 -7.59 10.94
CA ASP B 145 23.53 -8.47 12.13
C ASP B 145 22.34 -8.28 13.05
N SER B 146 21.89 -7.05 13.21
CA SER B 146 20.69 -6.75 14.00
C SER B 146 19.42 -7.33 13.37
N THR B 147 19.31 -7.20 12.06
CA THR B 147 18.25 -7.85 11.29
C THR B 147 18.27 -9.37 11.50
N ALA B 148 19.44 -9.99 11.38
CA ALA B 148 19.63 -11.42 11.59
C ALA B 148 19.12 -11.87 12.95
N CYS B 149 19.55 -11.15 14.01
CA CYS B 149 19.09 -11.41 15.36
C CYS B 149 17.61 -11.22 15.53
N LEU B 150 17.10 -10.09 15.05
CA LEU B 150 15.67 -9.80 15.11
C LEU B 150 14.83 -10.83 14.36
N ARG B 151 15.21 -11.15 13.13
CA ARG B 151 14.44 -12.11 12.34
C ARG B 151 14.52 -13.48 12.99
N GLY B 152 15.69 -13.83 13.49
CA GLY B 152 15.93 -15.11 14.13
C GLY B 152 15.00 -15.32 15.28
N ILE B 153 14.86 -14.28 16.11
CA ILE B 153 13.98 -14.29 17.26
C ILE B 153 12.51 -14.40 16.84
N GLU B 154 12.08 -13.55 15.90
CA GLU B 154 10.70 -13.53 15.43
C GLU B 154 10.23 -14.86 14.85
N ILE B 155 11.08 -15.51 14.04
CA ILE B 155 10.73 -16.78 13.43
C ILE B 155 11.19 -17.99 14.25
N GLU B 156 11.67 -17.74 15.47
CA GLU B 156 12.01 -18.78 16.44
C GLU B 156 13.01 -19.78 15.90
N ALA B 157 14.10 -19.27 15.33
CA ALA B 157 15.21 -20.08 14.88
C ALA B 157 15.94 -20.62 16.10
N ASP B 158 16.49 -21.83 15.96
CA ASP B 158 17.31 -22.45 17.01
C ASP B 158 18.65 -21.78 17.17
N VAL B 159 19.09 -21.08 16.12
CA VAL B 159 20.45 -20.54 16.07
C VAL B 159 20.57 -19.53 14.92
N VAL B 160 21.52 -18.61 15.06
CA VAL B 160 21.94 -17.71 14.02
C VAL B 160 23.36 -18.13 13.64
N LEU B 161 23.49 -18.62 12.40
CA LEU B 161 24.81 -18.91 11.81
C LEU B 161 25.33 -17.64 11.11
N LYS B 162 26.33 -17.01 11.72
CA LYS B 162 27.05 -15.90 11.12
C LYS B 162 28.19 -16.38 10.21
N ALA B 163 27.90 -16.40 8.90
CA ALA B 163 28.87 -16.76 7.89
C ALA B 163 29.91 -15.64 7.74
N THR B 164 31.18 -16.03 7.64
CA THR B 164 32.31 -15.08 7.48
C THR B 164 33.32 -15.69 6.53
N LYS B 165 34.47 -15.04 6.37
CA LYS B 165 35.51 -15.53 5.49
C LYS B 165 36.65 -16.19 6.28
N VAL B 166 36.48 -16.31 7.59
CA VAL B 166 37.50 -16.94 8.45
C VAL B 166 36.83 -18.02 9.30
N ASP B 167 37.62 -18.78 10.06
CA ASP B 167 37.13 -20.01 10.70
C ASP B 167 36.29 -19.77 11.95
N GLY B 168 36.46 -18.64 12.59
CA GLY B 168 35.66 -18.32 13.77
C GLY B 168 36.09 -17.01 14.37
N VAL B 169 35.87 -16.85 15.68
CA VAL B 169 36.25 -15.66 16.45
C VAL B 169 37.66 -15.83 17.03
N TYR B 170 38.56 -14.90 16.69
CA TYR B 170 39.99 -14.94 17.11
C TYR B 170 40.29 -13.88 18.16
N ASP B 171 41.53 -13.80 18.64
CA ASP B 171 41.94 -12.67 19.52
C ASP B 171 42.14 -11.37 18.71
N CYS B 172 42.33 -11.51 17.39
CA CYS B 172 42.74 -10.41 16.54
C CYS B 172 42.54 -10.74 15.06
N ALA B 180 47.52 -15.57 16.82
CA ALA B 180 46.11 -15.54 16.47
C ALA B 180 45.42 -16.86 16.88
N LYS B 181 44.80 -16.85 18.06
CA LYS B 181 44.14 -18.03 18.61
C LYS B 181 42.65 -18.03 18.25
N LEU B 182 42.17 -19.13 17.67
CA LEU B 182 40.75 -19.33 17.40
C LEU B 182 40.03 -19.82 18.66
N TYR B 183 38.97 -19.12 19.08
CA TYR B 183 38.10 -19.59 20.15
C TYR B 183 37.08 -20.58 19.62
N LYS B 184 36.83 -21.66 20.37
CA LYS B 184 35.80 -22.63 19.99
C LYS B 184 34.49 -22.35 20.72
N ASN B 185 34.59 -21.84 21.94
CA ASN B 185 33.42 -21.64 22.81
C ASN B 185 33.51 -20.35 23.58
N LEU B 186 32.42 -19.60 23.61
CA LEU B 186 32.36 -18.32 24.32
C LEU B 186 30.99 -18.10 24.94
N SER B 187 30.94 -17.39 26.06
CA SER B 187 29.66 -16.83 26.53
C SER B 187 29.53 -15.40 26.00
N TYR B 188 28.35 -14.80 26.21
CA TYR B 188 28.07 -13.41 25.81
C TYR B 188 28.90 -12.49 26.69
N ALA B 189 28.92 -12.82 27.99
CA ALA B 189 29.78 -12.17 28.97
C ALA B 189 31.24 -12.12 28.53
N GLU B 190 31.78 -13.28 28.19
CA GLU B 190 33.17 -13.39 27.71
C GLU B 190 33.45 -12.44 26.54
N VAL B 191 32.59 -12.48 25.52
CA VAL B 191 32.75 -11.65 24.33
C VAL B 191 32.88 -10.16 24.70
N ILE B 192 32.03 -9.70 25.61
CA ILE B 192 31.99 -8.30 26.03
C ILE B 192 33.19 -7.94 26.91
N ASP B 193 33.58 -8.85 27.81
CA ASP B 193 34.70 -8.63 28.72
C ASP B 193 36.04 -8.61 28.01
N LYS B 194 36.18 -9.51 27.02
CA LYS B 194 37.38 -9.63 26.22
C LYS B 194 37.34 -8.72 25.00
N GLU B 195 36.21 -8.03 24.81
CA GLU B 195 36.02 -7.08 23.71
C GLU B 195 36.27 -7.75 22.37
N LEU B 196 35.78 -8.98 22.23
CA LEU B 196 35.96 -9.71 20.97
C LEU B 196 35.02 -9.19 19.90
N LYS B 197 35.53 -9.13 18.68
CA LYS B 197 34.79 -8.63 17.54
C LYS B 197 33.95 -9.78 16.99
N VAL B 198 32.65 -9.64 17.14
CA VAL B 198 31.68 -10.63 16.67
C VAL B 198 30.59 -9.89 15.90
N MET B 199 29.90 -8.97 16.56
CA MET B 199 28.94 -8.06 15.89
C MET B 199 28.70 -6.79 16.72
N ASP B 200 28.01 -5.80 16.16
CA ASP B 200 27.77 -4.55 16.91
C ASP B 200 26.98 -4.82 18.19
N LEU B 201 27.09 -3.90 19.14
CA LEU B 201 26.58 -4.06 20.50
C LEU B 201 25.06 -4.18 20.57
N SER B 202 24.36 -3.52 19.67
CA SER B 202 22.90 -3.61 19.63
C SER B 202 22.45 -5.00 19.15
N ALA B 203 23.09 -5.52 18.11
CA ALA B 203 22.75 -6.81 17.59
C ALA B 203 23.03 -7.86 18.65
N PHE B 204 24.26 -7.84 19.17
CA PHE B 204 24.72 -8.80 20.18
C PHE B 204 23.85 -8.75 21.45
N THR B 205 23.46 -7.56 21.86
CA THR B 205 22.64 -7.40 23.06
C THR B 205 21.27 -8.03 22.86
N LEU B 206 20.77 -7.98 21.62
CA LEU B 206 19.46 -8.57 21.28
C LEU B 206 19.53 -10.07 21.34
N ALA B 207 20.57 -10.66 20.76
CA ALA B 207 20.81 -12.09 20.85
C ALA B 207 20.95 -12.54 22.32
N ARG B 208 21.70 -11.77 23.10
CA ARG B 208 21.91 -12.04 24.53
C ARG B 208 20.66 -12.06 25.41
N ASP B 209 19.85 -11.01 25.32
CA ASP B 209 18.63 -10.87 26.13
C ASP B 209 17.56 -11.88 25.75
N HIS B 210 17.67 -12.48 24.57
CA HIS B 210 16.69 -13.48 24.14
C HIS B 210 17.26 -14.89 24.16
N GLY B 211 18.55 -14.99 24.46
CA GLY B 211 19.23 -16.29 24.54
C GLY B 211 19.38 -16.99 23.22
N MET B 212 19.50 -16.21 22.13
CA MET B 212 19.75 -16.78 20.82
C MET B 212 21.22 -17.18 20.67
N PRO B 213 21.52 -18.49 20.56
CA PRO B 213 22.93 -18.80 20.26
C PRO B 213 23.41 -18.39 18.85
N ILE B 214 24.72 -18.17 18.73
CA ILE B 214 25.40 -17.78 17.49
C ILE B 214 26.55 -18.73 17.16
N ARG B 215 26.62 -19.14 15.90
CA ARG B 215 27.77 -19.86 15.36
C ARG B 215 28.48 -18.99 14.34
N VAL B 216 29.78 -18.80 14.52
CA VAL B 216 30.60 -18.02 13.59
C VAL B 216 31.48 -19.01 12.85
N PHE B 217 31.30 -19.09 11.54
CA PHE B 217 32.00 -20.07 10.74
C PHE B 217 32.48 -19.49 9.42
N ASN B 218 33.22 -20.30 8.67
CA ASN B 218 33.80 -19.92 7.38
C ASN B 218 32.97 -20.48 6.27
N MET B 219 32.07 -19.67 5.71
CA MET B 219 31.25 -20.08 4.56
C MET B 219 32.06 -20.12 3.25
N GLY B 220 33.23 -19.47 3.26
CA GLY B 220 34.17 -19.56 2.16
C GLY B 220 34.59 -20.98 1.86
N LYS B 221 34.73 -21.81 2.90
CA LYS B 221 35.09 -23.24 2.77
C LYS B 221 33.91 -24.07 2.31
N PRO B 222 33.97 -24.65 1.10
CA PRO B 222 32.92 -25.62 0.77
C PRO B 222 32.85 -26.76 1.80
N GLY B 223 31.64 -27.04 2.30
CA GLY B 223 31.43 -28.07 3.31
C GLY B 223 31.22 -27.58 4.73
N ALA B 224 31.73 -26.38 5.03
CA ALA B 224 31.64 -25.86 6.38
C ALA B 224 30.20 -25.66 6.84
N LEU B 225 29.30 -25.21 5.95
CA LEU B 225 27.89 -25.00 6.32
C LEU B 225 27.27 -26.31 6.85
N ARG B 226 27.48 -27.40 6.12
CA ARG B 226 26.96 -28.72 6.51
C ARG B 226 27.57 -29.21 7.81
N GLN B 227 28.88 -28.98 7.99
CA GLN B 227 29.57 -29.28 9.24
C GLN B 227 29.00 -28.54 10.45
N VAL B 228 28.63 -27.29 10.22
CA VAL B 228 28.09 -26.45 11.31
C VAL B 228 26.69 -26.89 11.71
N VAL B 229 25.86 -27.26 10.72
CA VAL B 229 24.49 -27.65 10.98
C VAL B 229 24.39 -29.10 11.53
N THR B 230 25.41 -29.93 11.34
CA THR B 230 25.36 -31.34 11.73
C THR B 230 26.37 -31.72 12.78
N GLY B 231 26.99 -30.72 13.38
CA GLY B 231 28.03 -30.98 14.34
C GLY B 231 28.29 -29.75 15.14
N THR B 232 28.93 -29.95 16.26
CA THR B 232 29.13 -28.93 17.27
C THR B 232 30.55 -28.34 17.22
N GLU B 233 31.42 -28.91 16.39
CA GLU B 233 32.84 -28.52 16.45
C GLU B 233 33.30 -27.44 15.45
N GLU B 234 32.71 -27.38 14.26
CA GLU B 234 33.09 -26.32 13.30
C GLU B 234 32.82 -24.92 13.82
N GLY B 235 33.82 -24.05 13.70
CA GLY B 235 33.63 -22.65 14.02
C GLY B 235 33.61 -22.36 15.48
N THR B 236 33.04 -21.22 15.81
CA THR B 236 32.92 -20.73 17.16
C THR B 236 31.44 -20.78 17.52
N THR B 237 31.15 -21.23 18.74
CA THR B 237 29.78 -21.22 19.29
C THR B 237 29.71 -20.21 20.41
N ILE B 238 28.78 -19.29 20.34
CA ILE B 238 28.54 -18.33 21.44
C ILE B 238 27.17 -18.58 22.05
N CYS B 239 27.12 -18.83 23.36
CA CYS B 239 25.85 -19.11 24.06
C CYS B 239 25.83 -18.60 25.51
N GLU B 240 24.68 -18.69 26.16
CA GLU B 240 24.56 -18.21 27.53
C GLU B 240 25.33 -19.12 28.52
N GLY B 241 26.13 -18.50 29.39
CA GLY B 241 26.86 -19.21 30.44
C GLY B 241 25.90 -19.79 31.48
N SER C 4 13.54 34.47 29.18
CA SER C 4 14.37 33.28 28.85
C SER C 4 14.02 32.78 27.45
N GLN C 5 15.00 32.86 26.53
CA GLN C 5 14.83 32.43 25.14
C GLN C 5 15.14 30.94 24.99
N PRO C 6 14.68 30.30 23.90
CA PRO C 6 14.99 28.87 23.69
C PRO C 6 16.46 28.61 23.33
N ILE C 7 17.06 27.57 23.93
CA ILE C 7 18.44 27.13 23.57
C ILE C 7 18.47 26.02 22.49
N TYR C 8 17.28 25.61 22.06
CA TYR C 8 17.14 24.62 20.98
C TYR C 8 16.36 25.20 19.79
N LYS C 9 16.76 24.83 18.58
CA LYS C 9 15.97 25.13 17.38
C LYS C 9 14.93 24.02 17.09
N ARG C 10 15.33 22.77 17.29
CA ARG C 10 14.49 21.62 17.00
C ARG C 10 14.60 20.59 18.12
N ILE C 11 13.46 20.16 18.68
CA ILE C 11 13.46 19.16 19.74
C ILE C 11 12.60 17.94 19.37
N LEU C 12 12.91 16.82 20.02
CA LEU C 12 12.05 15.65 19.99
C LEU C 12 11.71 15.37 21.43
N LEU C 13 10.43 15.57 21.75
CA LEU C 13 9.90 15.30 23.05
C LEU C 13 9.37 13.86 23.11
N LYS C 14 9.97 13.05 23.98
CA LYS C 14 9.48 11.70 24.25
C LYS C 14 8.63 11.69 25.50
N LEU C 15 7.37 11.27 25.35
CA LEU C 15 6.42 11.11 26.45
C LEU C 15 6.03 9.64 26.55
N SER C 16 6.02 9.11 27.76
CA SER C 16 5.38 7.83 28.00
C SER C 16 3.86 8.02 27.84
N GLY C 17 3.18 6.94 27.45
CA GLY C 17 1.72 6.94 27.40
C GLY C 17 1.14 7.29 28.75
N GLU C 18 1.85 6.90 29.82
CA GLU C 18 1.42 7.19 31.21
C GLU C 18 1.39 8.66 31.57
N ALA C 19 2.02 9.51 30.76
CA ALA C 19 1.93 10.96 30.95
C ALA C 19 0.53 11.51 30.62
N LEU C 20 -0.25 10.77 29.84
CA LEU C 20 -1.62 11.20 29.47
C LEU C 20 -2.66 10.66 30.44
N GLN C 21 -2.23 9.74 31.28
CA GLN C 21 -3.11 8.99 32.17
C GLN C 21 -3.57 9.86 33.33
N GLY C 22 -4.82 9.70 33.72
CA GLY C 22 -5.38 10.40 34.87
C GLY C 22 -5.00 9.70 36.17
N GLU C 23 -5.19 10.38 37.30
CA GLU C 23 -4.97 9.75 38.61
C GLU C 23 -5.88 8.52 38.77
N ASP C 24 -7.07 8.60 38.18
CA ASP C 24 -8.00 7.45 38.05
C ASP C 24 -7.28 6.20 37.51
N GLY C 25 -6.18 6.41 36.80
CA GLY C 25 -5.18 5.36 36.60
C GLY C 25 -5.23 4.64 35.27
N LEU C 26 -6.05 5.11 34.32
CA LEU C 26 -5.95 4.59 32.96
C LEU C 26 -6.36 5.58 31.85
N GLY C 27 -6.06 5.17 30.61
CA GLY C 27 -6.54 5.85 29.41
C GLY C 27 -5.95 7.22 29.18
N ILE C 28 -6.80 8.15 28.77
CA ILE C 28 -6.40 9.50 28.42
C ILE C 28 -7.23 10.49 29.20
N ASP C 29 -6.56 11.38 29.94
CA ASP C 29 -7.23 12.43 30.71
C ASP C 29 -7.27 13.69 29.85
N PRO C 30 -8.48 14.12 29.43
CA PRO C 30 -8.50 15.26 28.51
C PRO C 30 -7.91 16.57 29.08
N ALA C 31 -7.94 16.74 30.40
CA ALA C 31 -7.35 17.94 31.02
C ALA C 31 -5.82 17.91 30.95
N ILE C 32 -5.22 16.77 31.24
CA ILE C 32 -3.76 16.60 31.14
C ILE C 32 -3.31 16.77 29.69
N LEU C 33 -4.05 16.16 28.77
CA LEU C 33 -3.72 16.22 27.36
C LEU C 33 -3.80 17.64 26.84
N ASP C 34 -4.86 18.36 27.22
CA ASP C 34 -5.04 19.77 26.85
C ASP C 34 -4.01 20.68 27.53
N ARG C 35 -3.61 20.35 28.75
CA ARG C 35 -2.51 21.06 29.41
C ARG C 35 -1.23 20.91 28.58
N MET C 36 -0.94 19.70 28.12
CA MET C 36 0.23 19.44 27.26
C MET C 36 0.20 20.21 25.94
N ALA C 37 -0.99 20.33 25.34
CA ALA C 37 -1.14 21.09 24.09
C ALA C 37 -0.83 22.56 24.28
N VAL C 38 -1.19 23.12 25.42
CA VAL C 38 -0.85 24.52 25.74
C VAL C 38 0.65 24.72 25.93
N GLU C 39 1.27 23.81 26.67
CA GLU C 39 2.73 23.84 26.87
C GLU C 39 3.48 23.72 25.55
N ILE C 40 3.05 22.82 24.68
CA ILE C 40 3.62 22.71 23.35
C ILE C 40 3.38 24.00 22.55
N LYS C 41 2.17 24.53 22.61
CA LYS C 41 1.84 25.73 21.88
C LYS C 41 2.78 26.85 22.28
N GLU C 42 3.13 26.94 23.56
CA GLU C 42 4.08 27.99 23.98
C GLU C 42 5.54 27.75 23.50
N LEU C 43 5.91 26.51 23.20
CA LEU C 43 7.20 26.26 22.52
C LEU C 43 7.17 26.70 21.07
N VAL C 44 6.06 26.39 20.39
CA VAL C 44 5.87 26.76 19.00
C VAL C 44 5.89 28.30 18.82
N GLU C 45 5.20 29.03 19.70
CA GLU C 45 5.21 30.50 19.58
C GLU C 45 6.55 31.15 20.01
N MET C 46 7.44 30.36 20.61
CA MET C 46 8.83 30.77 20.82
C MET C 46 9.75 30.49 19.62
N GLY C 47 9.23 29.91 18.53
CA GLY C 47 10.03 29.57 17.38
C GLY C 47 10.67 28.19 17.39
N VAL C 48 10.44 27.39 18.43
CA VAL C 48 10.96 26.02 18.54
C VAL C 48 10.18 25.08 17.61
N GLU C 49 10.90 24.29 16.84
CA GLU C 49 10.30 23.21 16.04
C GLU C 49 10.15 21.92 16.85
N VAL C 50 8.91 21.47 17.03
CA VAL C 50 8.57 20.39 17.96
C VAL C 50 8.14 19.10 17.22
N SER C 51 8.78 18.02 17.58
CA SER C 51 8.31 16.69 17.22
C SER C 51 8.07 15.94 18.52
N VAL C 52 7.13 15.00 18.45
CA VAL C 52 6.67 14.28 19.63
C VAL C 52 6.64 12.79 19.33
N VAL C 53 7.23 12.02 20.23
CA VAL C 53 7.16 10.56 20.20
C VAL C 53 6.37 10.13 21.42
N LEU C 54 5.32 9.35 21.19
CA LEU C 54 4.43 8.89 22.23
C LEU C 54 4.51 7.37 22.45
N GLY C 55 4.47 6.98 23.73
CA GLY C 55 4.32 5.57 24.12
C GLY C 55 2.85 5.16 24.19
N GLY C 56 2.58 3.94 24.64
CA GLY C 56 1.18 3.41 24.69
C GLY C 56 0.76 2.70 25.96
N GLY C 57 1.58 2.78 27.02
CA GLY C 57 1.32 2.07 28.30
C GLY C 57 0.11 2.52 29.11
N ASN C 58 -0.43 3.70 28.83
CA ASN C 58 -1.71 4.11 29.39
C ASN C 58 -2.89 3.31 28.83
N LEU C 59 -2.70 2.72 27.65
CA LEU C 59 -3.76 2.02 26.93
C LEU C 59 -3.53 0.51 26.86
N PHE C 60 -2.28 0.09 26.94
CA PHE C 60 -1.93 -1.32 26.90
C PHE C 60 -0.69 -1.66 27.71
N ARG C 61 -0.88 -2.45 28.74
CA ARG C 61 0.24 -3.08 29.47
C ARG C 61 0.15 -4.59 29.24
N GLY C 62 1.19 -5.15 28.63
CA GLY C 62 1.19 -6.55 28.20
C GLY C 62 1.53 -7.61 29.24
N ALA C 63 1.81 -7.22 30.47
CA ALA C 63 2.31 -8.14 31.51
C ALA C 63 1.42 -9.36 31.71
N LYS C 64 0.15 -9.12 32.04
CA LYS C 64 -0.77 -10.22 32.31
C LYS C 64 -0.96 -11.18 31.13
N LEU C 65 -1.14 -10.64 29.92
CA LEU C 65 -1.21 -11.45 28.72
C LEU C 65 0.12 -12.19 28.46
N ALA C 66 1.25 -11.54 28.68
CA ALA C 66 2.55 -12.19 28.58
C ALA C 66 2.70 -13.40 29.50
N LYS C 67 2.34 -13.24 30.77
CA LYS C 67 2.46 -14.35 31.71
C LYS C 67 1.52 -15.50 31.29
N ALA C 68 0.46 -15.19 30.55
CA ALA C 68 -0.50 -16.19 30.10
C ALA C 68 0.03 -16.92 28.86
N GLY C 69 1.11 -16.42 28.29
CA GLY C 69 1.78 -17.09 27.19
C GLY C 69 1.73 -16.34 25.87
N MET C 70 1.18 -15.13 25.86
CA MET C 70 1.14 -14.36 24.62
C MET C 70 2.55 -14.15 24.04
N ASN C 71 2.68 -14.42 22.74
CA ASN C 71 3.87 -14.09 21.98
C ASN C 71 4.17 -12.59 22.13
N ARG C 72 5.43 -12.27 22.43
CA ARG C 72 5.87 -10.90 22.67
C ARG C 72 5.87 -10.04 21.41
N VAL C 73 6.04 -10.69 20.26
CA VAL C 73 5.83 -10.03 18.97
C VAL C 73 4.42 -9.45 18.88
N VAL C 74 3.43 -10.27 19.23
CA VAL C 74 2.04 -9.86 19.22
C VAL C 74 1.78 -8.76 20.26
N GLY C 75 2.36 -8.91 21.45
CA GLY C 75 2.25 -7.88 22.49
C GLY C 75 2.84 -6.53 22.05
N ASP C 76 3.98 -6.58 21.37
CA ASP C 76 4.62 -5.37 20.82
C ASP C 76 3.81 -4.73 19.67
N HIS C 77 3.10 -5.53 18.87
CA HIS C 77 2.19 -4.95 17.84
C HIS C 77 1.02 -4.23 18.46
N MET C 78 0.46 -4.79 19.52
CA MET C 78 -0.64 -4.15 20.27
C MET C 78 -0.21 -2.80 20.84
N GLY C 79 0.95 -2.79 21.50
CA GLY C 79 1.56 -1.56 21.98
C GLY C 79 1.79 -0.55 20.87
N MET C 80 2.26 -0.99 19.70
CA MET C 80 2.46 0.00 18.62
C MET C 80 1.12 0.66 18.18
N LEU C 81 0.06 -0.17 18.09
CA LEU C 81 -1.28 0.36 17.75
C LEU C 81 -1.81 1.35 18.79
N ALA C 82 -1.61 1.03 20.06
CA ALA C 82 -1.86 1.96 21.18
C ALA C 82 -1.17 3.32 21.03
N THR C 83 0.08 3.37 20.55
CA THR C 83 0.73 4.66 20.32
C THR C 83 0.07 5.51 19.24
N VAL C 84 -0.52 4.87 18.24
CA VAL C 84 -1.28 5.58 17.22
C VAL C 84 -2.54 6.21 17.80
N MET C 85 -3.22 5.49 18.68
CA MET C 85 -4.40 6.02 19.35
C MET C 85 -4.07 7.27 20.21
N ASN C 86 -2.95 7.24 20.93
CA ASN C 86 -2.45 8.43 21.65
C ASN C 86 -2.06 9.57 20.73
N GLY C 87 -1.49 9.23 19.57
CA GLY C 87 -1.08 10.20 18.58
C GLY C 87 -2.27 10.91 17.98
N LEU C 88 -3.37 10.16 17.78
CA LEU C 88 -4.58 10.73 17.21
C LEU C 88 -5.23 11.67 18.23
N ALA C 89 -5.25 11.28 19.49
CA ALA C 89 -5.72 12.14 20.58
C ALA C 89 -4.91 13.42 20.67
N MET C 90 -3.59 13.31 20.56
CA MET C 90 -2.67 14.46 20.70
C MET C 90 -2.84 15.40 19.52
N ARG C 91 -2.87 14.85 18.30
CA ARG C 91 -3.13 15.67 17.12
C ARG C 91 -4.45 16.48 17.28
N ASP C 92 -5.50 15.84 17.80
CA ASP C 92 -6.82 16.50 17.93
C ASP C 92 -6.72 17.61 18.99
N SER C 93 -6.04 17.29 20.09
CA SER C 93 -5.83 18.23 21.18
C SER C 93 -5.12 19.48 20.69
N LEU C 94 -4.06 19.29 19.91
CA LEU C 94 -3.29 20.41 19.34
C LEU C 94 -4.14 21.23 18.40
N PHE C 95 -4.91 20.54 17.56
CA PHE C 95 -5.84 21.24 16.67
C PHE C 95 -6.78 22.15 17.46
N ARG C 96 -7.30 21.65 18.56
CA ARG C 96 -8.24 22.38 19.37
C ARG C 96 -7.57 23.57 20.08
N ALA C 97 -6.24 23.51 20.26
CA ALA C 97 -5.46 24.61 20.84
C ALA C 97 -4.95 25.52 19.76
N ASP C 98 -5.46 25.34 18.54
CA ASP C 98 -5.05 26.11 17.39
C ASP C 98 -3.55 25.96 17.11
N VAL C 99 -3.02 24.76 17.35
CA VAL C 99 -1.67 24.41 16.93
C VAL C 99 -1.76 23.55 15.66
N ASN C 100 -0.99 23.94 14.65
CA ASN C 100 -0.77 23.17 13.42
C ASN C 100 0.06 21.90 13.67
N ALA C 101 -0.54 20.73 13.40
CA ALA C 101 0.04 19.45 13.79
C ALA C 101 -0.28 18.30 12.83
N LYS C 102 0.70 17.43 12.63
CA LYS C 102 0.53 16.25 11.78
C LYS C 102 0.90 14.97 12.56
N LEU C 103 0.15 13.89 12.31
CA LEU C 103 0.51 12.57 12.82
C LEU C 103 1.13 11.66 11.72
N MET C 104 2.33 11.18 12.00
CA MET C 104 3.01 10.22 11.12
C MET C 104 3.07 8.88 11.82
N SER C 105 2.85 7.84 11.04
CA SER C 105 2.83 6.48 11.54
C SER C 105 3.86 5.62 10.81
N ALA C 106 4.55 4.75 11.54
CA ALA C 106 5.47 3.82 10.89
C ALA C 106 4.73 2.78 10.05
N PHE C 107 3.45 2.55 10.32
CA PHE C 107 2.59 1.76 9.40
C PHE C 107 1.77 2.72 8.56
N GLN C 108 1.69 2.46 7.26
CA GLN C 108 0.72 3.11 6.41
C GLN C 108 -0.68 2.87 6.97
N LEU C 109 -1.45 3.95 7.14
CA LEU C 109 -2.82 3.86 7.66
C LEU C 109 -3.65 4.82 6.83
N ASN C 110 -4.08 4.32 5.67
CA ASN C 110 -4.80 5.11 4.69
C ASN C 110 -6.07 5.69 5.33
N GLY C 111 -6.27 6.99 5.17
CA GLY C 111 -7.44 7.66 5.70
C GLY C 111 -7.39 8.12 7.14
N ILE C 112 -6.40 7.66 7.89
CA ILE C 112 -6.28 8.00 9.30
C ILE C 112 -5.18 9.03 9.48
N CYS C 113 -4.01 8.79 8.93
CA CYS C 113 -2.89 9.71 9.12
C CYS C 113 -1.81 9.52 8.06
N ASP C 114 -0.73 10.31 8.16
CA ASP C 114 0.40 10.26 7.24
C ASP C 114 1.35 9.10 7.53
N THR C 115 2.00 8.63 6.48
CA THR C 115 3.01 7.58 6.57
C THR C 115 4.36 8.23 6.80
N TYR C 116 5.14 7.68 7.73
CA TYR C 116 6.37 8.33 8.12
C TYR C 116 7.36 8.38 6.97
N ASN C 117 7.94 9.55 6.79
CA ASN C 117 9.01 9.73 5.86
C ASN C 117 9.89 10.84 6.47
N TRP C 118 11.17 10.54 6.67
CA TRP C 118 12.07 11.41 7.45
C TRP C 118 12.18 12.81 6.83
N SER C 119 12.30 12.89 5.51
CA SER C 119 12.53 14.18 4.86
C SER C 119 11.23 14.96 4.72
N GLU C 120 10.09 14.28 4.51
CA GLU C 120 8.77 14.94 4.70
C GLU C 120 8.54 15.51 6.10
N ALA C 121 8.92 14.76 7.13
CA ALA C 121 8.85 15.26 8.51
C ALA C 121 9.74 16.51 8.76
N ILE C 122 10.97 16.48 8.25
CA ILE C 122 11.86 17.64 8.32
C ILE C 122 11.19 18.85 7.67
N LYS C 123 10.57 18.63 6.52
CA LYS C 123 9.92 19.69 5.77
C LYS C 123 8.74 20.29 6.53
N MET C 124 7.94 19.45 7.16
CA MET C 124 6.85 19.89 8.03
C MET C 124 7.36 20.66 9.26
N LEU C 125 8.48 20.23 9.83
CA LEU C 125 9.07 20.89 11.01
C LEU C 125 9.60 22.29 10.64
N ARG C 126 10.26 22.40 9.51
CA ARG C 126 10.66 23.71 8.98
C ARG C 126 9.48 24.63 8.72
N GLU C 127 8.34 24.08 8.28
CA GLU C 127 7.09 24.84 8.17
C GLU C 127 6.42 25.12 9.52
N LYS C 128 7.12 24.79 10.61
CA LYS C 128 6.68 25.10 11.96
C LYS C 128 5.44 24.31 12.37
N ARG C 129 5.26 23.12 11.79
CA ARG C 129 4.22 22.21 12.22
C ARG C 129 4.80 21.28 13.27
N VAL C 130 4.02 20.97 14.28
CA VAL C 130 4.31 19.90 15.20
C VAL C 130 4.10 18.54 14.52
N VAL C 131 5.11 17.67 14.59
CA VAL C 131 5.00 16.35 14.00
C VAL C 131 4.99 15.30 15.11
N ILE C 132 3.91 14.53 15.15
CA ILE C 132 3.81 13.41 16.07
C ILE C 132 4.16 12.11 15.36
N PHE C 133 5.07 11.34 15.96
CA PHE C 133 5.48 10.04 15.45
C PHE C 133 4.84 8.91 16.27
N SER C 134 4.13 8.03 15.59
CA SER C 134 3.52 6.84 16.20
C SER C 134 3.91 5.52 15.52
N ALA C 135 3.58 4.44 16.23
CA ALA C 135 3.80 3.04 15.84
C ALA C 135 5.27 2.67 15.88
N GLY C 136 6.04 3.35 16.74
CA GLY C 136 7.44 3.01 16.96
C GLY C 136 8.23 3.01 15.68
N THR C 137 8.97 1.92 15.45
CA THR C 137 9.72 1.73 14.22
C THR C 137 9.12 0.67 13.31
N GLY C 138 7.90 0.22 13.61
CA GLY C 138 7.29 -0.86 12.86
C GLY C 138 7.66 -2.26 13.36
N ASN C 139 8.72 -2.37 14.17
CA ASN C 139 9.26 -3.65 14.61
C ASN C 139 9.08 -3.90 16.10
N PRO C 140 8.94 -5.20 16.47
CA PRO C 140 8.91 -5.55 17.90
C PRO C 140 10.30 -5.51 18.53
N PHE C 141 10.34 -5.65 19.85
CA PHE C 141 11.57 -5.72 20.64
C PHE C 141 12.36 -4.44 20.78
N PHE C 142 11.75 -3.32 20.45
CA PHE C 142 12.43 -2.00 20.46
C PHE C 142 11.57 -1.05 21.22
N THR C 143 12.17 -0.36 22.20
CA THR C 143 11.42 0.49 23.11
C THR C 143 11.05 1.81 22.46
N THR C 144 10.10 2.49 23.07
CA THR C 144 9.78 3.87 22.73
C THR C 144 10.99 4.81 22.86
N ASP C 145 11.84 4.60 23.88
CA ASP C 145 13.12 5.33 24.00
C ASP C 145 13.97 5.11 22.76
N SER C 146 14.02 3.88 22.27
CA SER C 146 14.76 3.58 21.03
C SER C 146 14.15 4.26 19.78
N THR C 147 12.83 4.30 19.71
CA THR C 147 12.11 5.10 18.71
C THR C 147 12.45 6.58 18.80
N ALA C 148 12.42 7.15 20.01
CA ALA C 148 12.71 8.57 20.19
C ALA C 148 14.11 8.92 19.71
N CYS C 149 15.10 8.09 20.04
CA CYS C 149 16.48 8.37 19.62
C CYS C 149 16.62 8.23 18.13
N LEU C 150 16.01 7.19 17.57
CA LEU C 150 16.09 6.93 16.15
C LEU C 150 15.50 8.09 15.35
N ARG C 151 14.28 8.51 15.69
CA ARG C 151 13.58 9.59 15.01
C ARG C 151 14.29 10.93 15.20
N GLY C 152 14.72 11.20 16.43
CA GLY C 152 15.55 12.37 16.73
C GLY C 152 16.76 12.47 15.82
N ILE C 153 17.49 11.36 15.67
CA ILE C 153 18.64 11.32 14.73
C ILE C 153 18.19 11.63 13.31
N GLU C 154 17.14 10.94 12.82
CA GLU C 154 16.71 11.06 11.43
C GLU C 154 16.28 12.47 11.04
N ILE C 155 15.49 13.11 11.91
CA ILE C 155 14.98 14.46 11.68
C ILE C 155 15.87 15.56 12.25
N GLU C 156 17.04 15.15 12.74
CA GLU C 156 18.11 16.04 13.10
C GLU C 156 17.69 16.99 14.21
N ALA C 157 17.03 16.46 15.23
CA ALA C 157 16.67 17.26 16.39
C ALA C 157 17.97 17.67 17.13
N ASP C 158 17.93 18.81 17.82
CA ASP C 158 19.06 19.23 18.66
C ASP C 158 19.23 18.37 19.89
N VAL C 159 18.14 17.74 20.31
CA VAL C 159 18.11 17.07 21.57
C VAL C 159 16.89 16.17 21.63
N VAL C 160 16.98 15.13 22.47
CA VAL C 160 15.85 14.32 22.86
C VAL C 160 15.49 14.61 24.32
N LEU C 161 14.26 15.11 24.53
CA LEU C 161 13.75 15.40 25.87
C LEU C 161 12.92 14.21 26.34
N LYS C 162 13.39 13.58 27.42
CA LYS C 162 12.77 12.41 27.98
C LYS C 162 11.97 12.81 29.20
N ALA C 163 10.68 13.02 28.97
CA ALA C 163 9.74 13.38 30.01
C ALA C 163 9.54 12.19 30.96
N THR C 164 9.75 12.43 32.25
CA THR C 164 9.46 11.42 33.27
C THR C 164 8.54 12.04 34.31
N LYS C 165 8.29 11.29 35.38
CA LYS C 165 7.57 11.78 36.55
C LYS C 165 8.56 12.15 37.66
N VAL C 166 9.86 12.09 37.38
CA VAL C 166 10.90 12.52 38.35
C VAL C 166 11.72 13.71 37.84
N ASP C 167 12.48 14.33 38.74
CA ASP C 167 13.24 15.53 38.38
C ASP C 167 14.45 15.21 37.48
N GLY C 168 14.86 13.94 37.43
CA GLY C 168 15.90 13.48 36.50
C GLY C 168 16.60 12.24 36.98
N VAL C 169 17.92 12.17 36.77
CA VAL C 169 18.71 10.98 37.11
C VAL C 169 19.44 11.15 38.44
N TYR C 170 19.15 10.24 39.37
CA TYR C 170 19.70 10.25 40.73
C TYR C 170 20.72 9.15 40.88
N ASP C 171 21.28 9.06 42.08
CA ASP C 171 22.02 7.87 42.51
C ASP C 171 21.08 6.68 42.61
N CYS C 172 19.92 6.90 43.24
CA CYS C 172 18.96 5.83 43.55
C CYS C 172 17.51 6.32 43.44
N ALA C 180 19.52 10.91 48.37
CA ALA C 180 19.61 10.75 46.92
C ALA C 180 19.89 12.08 46.21
N LYS C 181 21.02 12.15 45.50
CA LYS C 181 21.39 13.36 44.75
C LYS C 181 20.95 13.26 43.28
N LEU C 182 20.45 14.38 42.76
CA LEU C 182 20.17 14.54 41.33
C LEU C 182 21.42 15.02 40.58
N TYR C 183 21.82 14.27 39.54
CA TYR C 183 22.92 14.70 38.68
C TYR C 183 22.40 15.75 37.74
N LYS C 184 23.16 16.83 37.53
CA LYS C 184 22.75 17.82 36.52
C LYS C 184 23.31 17.47 35.14
N ASN C 185 24.58 17.04 35.09
CA ASN C 185 25.25 16.73 33.84
C ASN C 185 25.97 15.41 33.95
N LEU C 186 25.81 14.57 32.94
CA LEU C 186 26.50 13.30 32.86
C LEU C 186 27.01 13.09 31.44
N SER C 187 28.16 12.45 31.33
CA SER C 187 28.66 11.99 30.04
C SER C 187 28.09 10.59 29.78
N TYR C 188 28.07 10.17 28.52
CA TYR C 188 27.66 8.79 28.20
C TYR C 188 28.55 7.78 28.94
N ALA C 189 29.85 8.04 28.99
CA ALA C 189 30.80 7.19 29.72
C ALA C 189 30.53 7.10 31.23
N GLU C 190 30.17 8.21 31.85
CA GLU C 190 29.78 8.20 33.26
C GLU C 190 28.57 7.30 33.52
N VAL C 191 27.50 7.43 32.73
CA VAL C 191 26.29 6.63 32.94
C VAL C 191 26.62 5.13 33.01
N ILE C 192 27.42 4.67 32.06
CA ILE C 192 27.84 3.28 31.98
C ILE C 192 28.79 2.91 33.14
N ASP C 193 29.72 3.81 33.48
CA ASP C 193 30.68 3.55 34.56
C ASP C 193 29.96 3.48 35.91
N LYS C 194 29.06 4.41 36.18
CA LYS C 194 28.35 4.44 37.46
C LYS C 194 27.11 3.54 37.47
N GLU C 195 26.92 2.76 36.41
CA GLU C 195 25.77 1.88 36.28
C GLU C 195 24.45 2.56 36.66
N LEU C 196 24.21 3.73 36.06
CA LEU C 196 22.96 4.48 36.25
C LEU C 196 21.99 4.04 35.17
N LYS C 197 20.69 4.10 35.45
CA LYS C 197 19.68 3.74 34.45
C LYS C 197 19.01 4.98 33.88
N VAL C 198 19.20 5.22 32.59
CA VAL C 198 18.72 6.42 31.90
C VAL C 198 17.64 6.05 30.85
N MET C 199 17.97 5.08 30.00
CA MET C 199 17.00 4.38 29.11
C MET C 199 17.50 2.95 28.95
N ASP C 200 17.05 2.19 27.94
CA ASP C 200 17.63 0.85 27.73
C ASP C 200 18.92 0.92 26.94
N LEU C 201 19.73 -0.13 27.05
CA LEU C 201 21.04 -0.15 26.43
C LEU C 201 21.02 0.16 24.94
N SER C 202 20.07 -0.39 24.19
CA SER C 202 20.00 -0.15 22.74
C SER C 202 19.69 1.32 22.41
N ALA C 203 18.72 1.91 23.11
CA ALA C 203 18.39 3.31 22.94
C ALA C 203 19.61 4.20 23.23
N PHE C 204 20.21 3.99 24.39
CA PHE C 204 21.38 4.74 24.86
C PHE C 204 22.56 4.59 23.91
N THR C 205 22.76 3.36 23.44
CA THR C 205 23.83 3.05 22.53
C THR C 205 23.67 3.88 21.25
N LEU C 206 22.43 4.00 20.77
CA LEU C 206 22.14 4.75 19.56
C LEU C 206 22.39 6.24 19.77
N ALA C 207 21.86 6.80 20.84
CA ALA C 207 22.15 8.18 21.21
C ALA C 207 23.67 8.42 21.32
N ARG C 208 24.37 7.47 21.94
CA ARG C 208 25.79 7.60 22.18
C ARG C 208 26.60 7.65 20.90
N ASP C 209 26.38 6.67 20.02
CA ASP C 209 27.10 6.58 18.74
C ASP C 209 26.88 7.80 17.86
N HIS C 210 25.70 8.40 17.91
CA HIS C 210 25.39 9.57 17.11
C HIS C 210 25.56 10.91 17.87
N GLY C 211 25.96 10.85 19.13
CA GLY C 211 26.18 12.05 19.94
C GLY C 211 24.93 12.87 20.22
N MET C 212 23.77 12.19 20.27
CA MET C 212 22.50 12.84 20.54
C MET C 212 22.41 13.11 22.03
N PRO C 213 22.37 14.39 22.42
CA PRO C 213 22.18 14.67 23.84
C PRO C 213 20.74 14.41 24.29
N ILE C 214 20.59 14.01 25.55
CA ILE C 214 19.31 13.68 26.16
C ILE C 214 19.11 14.52 27.44
N ARG C 215 17.90 15.06 27.60
CA ARG C 215 17.49 15.72 28.83
C ARG C 215 16.35 14.96 29.49
N VAL C 216 16.59 14.50 30.72
CA VAL C 216 15.61 13.78 31.53
C VAL C 216 15.04 14.80 32.53
N PHE C 217 13.73 15.03 32.44
CA PHE C 217 13.08 16.07 33.25
C PHE C 217 11.69 15.64 33.71
N ASN C 218 11.12 16.39 34.68
CA ASN C 218 9.79 16.11 35.22
C ASN C 218 8.70 16.88 34.47
N MET C 219 8.05 16.21 33.53
CA MET C 219 6.94 16.80 32.79
C MET C 219 5.73 17.13 33.69
N GLY C 220 5.54 16.34 34.75
CA GLY C 220 4.44 16.55 35.70
C GLY C 220 4.43 17.91 36.40
N LYS C 221 5.63 18.48 36.57
CA LYS C 221 5.77 19.88 37.01
C LYS C 221 5.36 20.80 35.87
N PRO C 222 4.34 21.67 36.08
CA PRO C 222 4.06 22.70 35.06
C PRO C 222 5.15 23.76 35.04
N GLY C 223 5.47 24.28 33.85
CA GLY C 223 6.62 25.15 33.64
C GLY C 223 7.94 24.44 33.39
N ALA C 224 8.04 23.15 33.73
CA ALA C 224 9.30 22.41 33.61
C ALA C 224 9.77 22.26 32.16
N LEU C 225 8.82 21.96 31.27
CA LEU C 225 9.14 21.85 29.84
C LEU C 225 9.69 23.18 29.32
N ARG C 226 9.08 24.29 29.69
CA ARG C 226 9.56 25.61 29.27
C ARG C 226 10.95 25.88 29.84
N GLN C 227 11.13 25.60 31.13
CA GLN C 227 12.44 25.73 31.77
C GLN C 227 13.53 24.88 31.08
N VAL C 228 13.18 23.66 30.68
CA VAL C 228 14.12 22.76 29.98
C VAL C 228 14.52 23.27 28.60
N VAL C 229 13.58 23.87 27.86
CA VAL C 229 13.87 24.34 26.51
C VAL C 229 14.55 25.72 26.48
N THR C 230 14.47 26.47 27.57
CA THR C 230 15.01 27.84 27.64
C THR C 230 16.24 27.99 28.58
N GLY C 231 16.77 26.89 29.07
CA GLY C 231 17.91 26.96 29.97
C GLY C 231 18.47 25.60 30.31
N THR C 232 19.59 25.61 31.04
CA THR C 232 20.48 24.46 31.24
C THR C 232 20.27 23.74 32.56
N GLU C 233 19.53 24.37 33.47
CA GLU C 233 19.49 23.96 34.87
C GLU C 233 18.49 22.85 35.22
N GLU C 234 17.36 22.80 34.52
CA GLU C 234 16.31 21.83 34.84
C GLU C 234 16.64 20.44 34.36
N GLY C 235 16.45 19.45 35.21
CA GLY C 235 16.68 18.08 34.84
C GLY C 235 18.14 17.67 34.79
N THR C 236 18.37 16.55 34.12
CA THR C 236 19.69 15.95 33.99
C THR C 236 20.00 15.91 32.51
N THR C 237 21.19 16.40 32.13
CA THR C 237 21.66 16.36 30.75
C THR C 237 22.67 15.24 30.56
N ILE C 238 22.47 14.42 29.54
CA ILE C 238 23.42 13.38 29.19
C ILE C 238 23.96 13.73 27.81
N CYS C 239 25.27 13.88 27.70
CA CYS C 239 25.91 14.20 26.43
C CYS C 239 27.35 13.67 26.37
N GLU C 240 28.00 13.85 25.22
CA GLU C 240 29.39 13.43 25.08
C GLU C 240 30.32 14.22 25.99
N GLY C 241 31.15 13.51 26.76
CA GLY C 241 32.22 14.16 27.54
C GLY C 241 33.22 14.97 26.73
N HIS C 242 33.86 15.93 27.39
CA HIS C 242 34.79 16.89 26.74
C HIS C 242 36.13 16.30 26.24
N HIS C 243 36.47 15.08 26.67
CA HIS C 243 37.83 14.56 26.52
C HIS C 243 38.19 13.86 25.18
N HIS C 244 37.23 13.80 24.25
CA HIS C 244 37.48 13.21 22.92
C HIS C 244 37.91 14.27 21.92
N HIS C 245 37.27 15.45 21.98
CA HIS C 245 37.52 16.52 21.00
C HIS C 245 37.18 17.93 21.56
N HIS C 246 37.54 18.96 20.78
CA HIS C 246 37.35 20.37 21.18
C HIS C 246 35.92 20.88 21.03
N HIS C 247 35.36 20.79 19.83
CA HIS C 247 34.02 21.34 19.58
C HIS C 247 33.00 20.22 19.45
N SER D 4 -26.80 -31.15 21.34
CA SER D 4 -27.23 -31.48 19.96
C SER D 4 -26.10 -31.35 18.93
N GLN D 5 -26.44 -31.54 17.65
CA GLN D 5 -25.55 -31.24 16.55
C GLN D 5 -25.77 -29.79 16.12
N PRO D 6 -24.78 -29.19 15.42
CA PRO D 6 -24.98 -27.78 15.04
C PRO D 6 -26.11 -27.56 14.02
N ILE D 7 -26.82 -26.44 14.15
CA ILE D 7 -27.87 -26.06 13.18
C ILE D 7 -27.41 -25.07 12.10
N TYR D 8 -26.14 -24.64 12.20
CA TYR D 8 -25.51 -23.71 11.26
C TYR D 8 -24.24 -24.32 10.69
N LYS D 9 -23.93 -24.00 9.44
CA LYS D 9 -22.63 -24.37 8.84
C LYS D 9 -21.58 -23.25 9.04
N ARG D 10 -22.02 -22.00 9.04
CA ARG D 10 -21.11 -20.86 9.10
C ARG D 10 -21.79 -19.76 9.89
N ILE D 11 -21.11 -19.30 10.93
CA ILE D 11 -21.62 -18.23 11.79
C ILE D 11 -20.69 -17.02 11.77
N LEU D 12 -21.26 -15.88 12.13
CA LEU D 12 -20.47 -14.71 12.48
C LEU D 12 -20.84 -14.33 13.89
N LEU D 13 -19.89 -14.53 14.79
CA LEU D 13 -20.03 -14.19 16.18
C LEU D 13 -19.52 -12.77 16.46
N LYS D 14 -20.43 -11.88 16.85
CA LYS D 14 -20.06 -10.52 17.22
C LYS D 14 -19.94 -10.40 18.73
N LEU D 15 -18.77 -9.96 19.18
CA LEU D 15 -18.50 -9.67 20.60
C LEU D 15 -18.15 -8.19 20.75
N SER D 16 -18.80 -7.53 21.69
CA SER D 16 -18.34 -6.22 22.14
C SER D 16 -16.96 -6.33 22.80
N GLY D 17 -16.24 -5.22 22.87
CA GLY D 17 -14.93 -5.21 23.53
C GLY D 17 -15.07 -5.57 25.00
N GLU D 18 -16.19 -5.17 25.59
CA GLU D 18 -16.48 -5.43 27.01
C GLU D 18 -16.70 -6.90 27.39
N ALA D 19 -16.91 -7.74 26.39
CA ALA D 19 -16.93 -9.18 26.58
C ALA D 19 -15.59 -9.66 27.15
N LEU D 20 -14.49 -8.98 26.78
CA LEU D 20 -13.14 -9.40 27.19
C LEU D 20 -12.63 -8.86 28.54
N GLN D 21 -13.33 -7.90 29.13
CA GLN D 21 -12.91 -7.30 30.40
C GLN D 21 -13.22 -8.20 31.58
N GLY D 22 -12.39 -8.11 32.62
CA GLY D 22 -12.62 -8.86 33.86
C GLY D 22 -13.47 -8.03 34.81
N GLU D 23 -13.64 -8.52 36.04
CA GLU D 23 -14.35 -7.78 37.10
C GLU D 23 -13.79 -6.36 37.32
N ASP D 24 -12.51 -6.19 37.02
CA ASP D 24 -11.91 -4.85 36.99
C ASP D 24 -12.36 -4.05 35.75
N GLY D 25 -13.28 -4.62 34.97
CA GLY D 25 -14.02 -3.89 33.94
C GLY D 25 -13.17 -3.10 32.96
N LEU D 26 -11.93 -3.54 32.75
CA LEU D 26 -11.02 -2.80 31.89
C LEU D 26 -10.05 -3.74 31.17
N GLY D 27 -9.57 -3.28 30.02
CA GLY D 27 -8.58 -4.01 29.24
C GLY D 27 -9.02 -5.39 28.82
N ILE D 28 -8.05 -6.29 28.74
CA ILE D 28 -8.25 -7.67 28.37
C ILE D 28 -7.90 -8.58 29.56
N ASP D 29 -8.86 -9.40 29.99
CA ASP D 29 -8.62 -10.45 31.00
C ASP D 29 -8.23 -11.76 30.31
N PRO D 30 -6.96 -12.20 30.47
CA PRO D 30 -6.50 -13.42 29.80
C PRO D 30 -7.36 -14.68 30.09
N ALA D 31 -7.85 -14.85 31.33
CA ALA D 31 -8.65 -16.03 31.67
C ALA D 31 -9.98 -16.03 30.90
N ILE D 32 -10.56 -14.85 30.70
CA ILE D 32 -11.81 -14.73 29.94
C ILE D 32 -11.57 -15.02 28.46
N LEU D 33 -10.53 -14.42 27.91
CA LEU D 33 -10.15 -14.63 26.51
C LEU D 33 -9.82 -16.09 26.23
N ASP D 34 -9.17 -16.76 27.16
CA ASP D 34 -8.81 -18.17 26.96
C ASP D 34 -10.05 -19.07 27.05
N ARG D 35 -11.02 -18.68 27.87
CA ARG D 35 -12.30 -19.38 27.93
C ARG D 35 -13.04 -19.24 26.59
N MET D 36 -13.07 -18.03 26.04
CA MET D 36 -13.66 -17.82 24.72
C MET D 36 -13.01 -18.67 23.65
N ALA D 37 -11.67 -18.80 23.70
CA ALA D 37 -10.92 -19.58 22.74
C ALA D 37 -11.28 -21.07 22.81
N VAL D 38 -11.47 -21.59 24.02
CA VAL D 38 -11.85 -22.99 24.18
C VAL D 38 -13.30 -23.22 23.69
N GLU D 39 -14.21 -22.29 24.01
CA GLU D 39 -15.58 -22.30 23.47
C GLU D 39 -15.64 -22.27 21.93
N ILE D 40 -14.76 -21.48 21.29
CA ILE D 40 -14.68 -21.43 19.82
C ILE D 40 -14.11 -22.72 19.26
N LYS D 41 -13.10 -23.26 19.95
CA LYS D 41 -12.49 -24.53 19.56
C LYS D 41 -13.55 -25.64 19.46
N GLU D 42 -14.46 -25.70 20.43
CA GLU D 42 -15.43 -26.77 20.40
C GLU D 42 -16.44 -26.64 19.26
N LEU D 43 -16.78 -25.42 18.82
CA LEU D 43 -17.60 -25.26 17.59
C LEU D 43 -16.82 -25.73 16.38
N VAL D 44 -15.56 -25.33 16.28
CA VAL D 44 -14.66 -25.76 15.23
C VAL D 44 -14.59 -27.30 15.12
N GLU D 45 -14.33 -27.98 16.23
CA GLU D 45 -14.28 -29.46 16.22
C GLU D 45 -15.70 -30.10 16.02
N MET D 46 -16.75 -29.32 16.25
CA MET D 46 -18.11 -29.67 15.78
C MET D 46 -18.28 -29.53 14.25
N GLY D 47 -17.30 -28.92 13.57
CA GLY D 47 -17.39 -28.69 12.13
C GLY D 47 -17.97 -27.34 11.69
N VAL D 48 -18.25 -26.44 12.62
CA VAL D 48 -18.78 -25.11 12.29
C VAL D 48 -17.63 -24.20 11.80
N GLU D 49 -17.90 -23.42 10.76
CA GLU D 49 -16.98 -22.38 10.27
C GLU D 49 -17.25 -21.06 11.00
N VAL D 50 -16.26 -20.59 11.74
CA VAL D 50 -16.48 -19.48 12.68
C VAL D 50 -15.73 -18.24 12.20
N SER D 51 -16.46 -17.15 11.98
CA SER D 51 -15.84 -15.82 11.86
C SER D 51 -16.19 -15.02 13.12
N VAL D 52 -15.36 -14.04 13.43
CA VAL D 52 -15.52 -13.26 14.66
C VAL D 52 -15.32 -11.80 14.31
N VAL D 53 -16.24 -10.96 14.82
CA VAL D 53 -16.12 -9.51 14.81
C VAL D 53 -16.01 -8.99 16.25
N LEU D 54 -14.98 -8.21 16.56
CA LEU D 54 -14.85 -7.64 17.91
C LEU D 54 -14.93 -6.13 17.90
N GLY D 55 -15.58 -5.58 18.92
CA GLY D 55 -15.54 -4.15 19.19
C GLY D 55 -14.30 -3.83 20.02
N GLY D 56 -14.14 -2.57 20.40
CA GLY D 56 -12.94 -2.07 21.08
C GLY D 56 -13.19 -1.33 22.38
N GLY D 57 -14.43 -1.41 22.88
CA GLY D 57 -14.84 -0.62 24.05
C GLY D 57 -14.24 -0.97 25.41
N ASN D 58 -13.66 -2.15 25.53
CA ASN D 58 -12.78 -2.46 26.68
C ASN D 58 -11.47 -1.68 26.69
N LEU D 59 -11.07 -1.16 25.54
CA LEU D 59 -9.78 -0.51 25.44
C LEU D 59 -9.89 0.97 25.25
N PHE D 60 -11.02 1.42 24.69
CA PHE D 60 -11.24 2.83 24.45
C PHE D 60 -12.70 3.18 24.47
N ARG D 61 -13.07 4.14 25.30
CA ARG D 61 -14.41 4.73 25.24
C ARG D 61 -14.19 6.22 25.13
N GLY D 62 -14.76 6.80 24.09
CA GLY D 62 -14.42 8.17 23.73
C GLY D 62 -15.26 9.28 24.34
N ALA D 63 -16.19 8.95 25.24
CA ALA D 63 -17.20 9.92 25.76
C ALA D 63 -16.58 11.18 26.42
N LYS D 64 -15.59 10.98 27.28
CA LYS D 64 -14.89 12.09 27.95
C LYS D 64 -14.12 12.98 26.98
N LEU D 65 -13.39 12.36 26.06
CA LEU D 65 -12.73 13.09 24.97
C LEU D 65 -13.74 13.80 24.08
N ALA D 66 -14.86 13.13 23.78
CA ALA D 66 -15.91 13.77 22.97
C ALA D 66 -16.46 14.99 23.68
N LYS D 67 -16.69 14.87 24.99
CA LYS D 67 -17.23 15.96 25.81
C LYS D 67 -16.23 17.10 25.86
N ALA D 68 -14.94 16.78 25.82
CA ALA D 68 -13.87 17.77 25.73
C ALA D 68 -13.73 18.42 24.36
N GLY D 69 -14.45 17.90 23.37
CA GLY D 69 -14.48 18.52 22.05
C GLY D 69 -13.79 17.73 20.95
N MET D 70 -13.35 16.50 21.24
CA MET D 70 -12.69 15.67 20.23
C MET D 70 -13.58 15.41 19.01
N ASN D 71 -13.00 15.57 17.83
CA ASN D 71 -13.70 15.24 16.59
C ASN D 71 -14.13 13.76 16.58
N ARG D 72 -15.41 13.53 16.30
CA ARG D 72 -15.98 12.16 16.30
C ARG D 72 -15.29 11.21 15.29
N VAL D 73 -14.83 11.74 14.17
CA VAL D 73 -14.06 10.93 13.22
C VAL D 73 -12.79 10.34 13.85
N VAL D 74 -12.11 11.16 14.67
CA VAL D 74 -10.89 10.79 15.34
C VAL D 74 -11.18 9.74 16.42
N GLY D 75 -12.28 9.92 17.15
CA GLY D 75 -12.77 8.93 18.13
C GLY D 75 -13.10 7.59 17.50
N ASP D 76 -13.74 7.62 16.33
CA ASP D 76 -14.05 6.37 15.62
C ASP D 76 -12.77 5.71 15.15
N HIS D 77 -11.82 6.48 14.63
CA HIS D 77 -10.51 5.91 14.26
C HIS D 77 -9.75 5.26 15.41
N MET D 78 -9.75 5.89 16.56
CA MET D 78 -9.13 5.34 17.74
C MET D 78 -9.78 4.01 18.08
N GLY D 79 -11.11 3.96 18.03
CA GLY D 79 -11.85 2.74 18.28
C GLY D 79 -11.58 1.61 17.30
N MET D 80 -11.41 1.94 16.02
CA MET D 80 -11.06 0.93 15.00
C MET D 80 -9.71 0.27 15.30
N LEU D 81 -8.74 1.08 15.72
CA LEU D 81 -7.41 0.59 16.14
C LEU D 81 -7.51 -0.33 17.36
N ALA D 82 -8.34 0.04 18.33
CA ALA D 82 -8.63 -0.81 19.50
C ALA D 82 -9.20 -2.17 19.13
N THR D 83 -10.01 -2.26 18.08
CA THR D 83 -10.50 -3.57 17.62
C THR D 83 -9.38 -4.46 17.05
N VAL D 84 -8.38 -3.85 16.42
CA VAL D 84 -7.21 -4.62 15.91
C VAL D 84 -6.43 -5.25 17.06
N MET D 85 -6.20 -4.46 18.12
CA MET D 85 -5.51 -4.90 19.32
C MET D 85 -6.24 -6.07 19.97
N ASN D 86 -7.56 -5.96 20.12
CA ASN D 86 -8.39 -7.10 20.59
C ASN D 86 -8.28 -8.30 19.66
N GLY D 87 -8.29 -8.06 18.35
CA GLY D 87 -8.16 -9.14 17.39
C GLY D 87 -6.83 -9.87 17.44
N LEU D 88 -5.76 -9.12 17.70
CA LEU D 88 -4.43 -9.73 17.87
C LEU D 88 -4.42 -10.61 19.11
N ALA D 89 -5.08 -10.18 20.19
CA ALA D 89 -5.06 -10.93 21.40
C ALA D 89 -5.84 -12.24 21.20
N MET D 90 -6.97 -12.16 20.49
CA MET D 90 -7.82 -13.34 20.24
C MET D 90 -7.11 -14.33 19.33
N ARG D 91 -6.47 -13.82 18.29
CA ARG D 91 -5.70 -14.65 17.37
C ARG D 91 -4.59 -15.44 18.11
N ASP D 92 -3.87 -14.78 19.00
CA ASP D 92 -2.83 -15.42 19.79
C ASP D 92 -3.45 -16.42 20.79
N SER D 93 -4.58 -16.07 21.38
CA SER D 93 -5.30 -16.97 22.27
C SER D 93 -5.77 -18.26 21.55
N LEU D 94 -6.26 -18.12 20.32
CA LEU D 94 -6.65 -19.27 19.53
C LEU D 94 -5.45 -20.16 19.20
N PHE D 95 -4.33 -19.56 18.78
CA PHE D 95 -3.10 -20.32 18.52
C PHE D 95 -2.71 -21.15 19.74
N ARG D 96 -2.80 -20.55 20.93
CA ARG D 96 -2.41 -21.22 22.17
C ARG D 96 -3.38 -22.32 22.61
N ALA D 97 -4.62 -22.27 22.11
CA ALA D 97 -5.61 -23.36 22.23
C ALA D 97 -5.50 -24.33 21.06
N ASP D 98 -4.44 -24.20 20.27
CA ASP D 98 -4.22 -25.03 19.11
C ASP D 98 -5.42 -24.99 18.13
N VAL D 99 -5.88 -23.77 17.82
CA VAL D 99 -6.89 -23.54 16.77
C VAL D 99 -6.30 -22.64 15.67
N ASN D 100 -6.42 -23.11 14.43
CA ASN D 100 -5.94 -22.36 13.27
C ASN D 100 -6.77 -21.10 13.07
N ALA D 101 -6.13 -19.94 13.12
CA ALA D 101 -6.85 -18.67 13.08
C ALA D 101 -6.09 -17.60 12.30
N LYS D 102 -6.83 -16.65 11.74
CA LYS D 102 -6.26 -15.58 10.93
C LYS D 102 -6.99 -14.32 11.31
N LEU D 103 -6.27 -13.22 11.32
CA LEU D 103 -6.81 -11.89 11.58
C LEU D 103 -6.80 -11.09 10.27
N MET D 104 -7.96 -10.53 9.92
CA MET D 104 -8.07 -9.60 8.82
C MET D 104 -8.46 -8.24 9.33
N SER D 105 -8.00 -7.23 8.64
CA SER D 105 -8.22 -5.85 9.04
C SER D 105 -8.74 -5.08 7.84
N ALA D 106 -9.71 -4.22 8.07
CA ALA D 106 -10.16 -3.24 7.07
C ALA D 106 -9.01 -2.39 6.52
N PHE D 107 -8.04 -2.00 7.36
CA PHE D 107 -6.82 -1.34 6.83
C PHE D 107 -5.70 -2.33 6.65
N GLN D 108 -4.98 -2.16 5.56
CA GLN D 108 -3.68 -2.81 5.38
C GLN D 108 -2.80 -2.52 6.59
N LEU D 109 -2.31 -3.57 7.24
CA LEU D 109 -1.36 -3.44 8.34
C LEU D 109 -0.19 -4.39 8.08
N ASN D 110 0.72 -3.99 7.17
CA ASN D 110 1.81 -4.87 6.70
C ASN D 110 2.68 -5.33 7.86
N GLY D 111 2.94 -6.63 7.92
CA GLY D 111 3.68 -7.23 9.03
C GLY D 111 2.87 -7.57 10.27
N ILE D 112 1.63 -7.06 10.37
CA ILE D 112 0.80 -7.30 11.55
C ILE D 112 -0.28 -8.36 11.32
N CYS D 113 -1.08 -8.21 10.28
CA CYS D 113 -2.10 -9.21 9.95
C CYS D 113 -2.43 -9.17 8.45
N ASP D 114 -3.43 -9.95 8.03
CA ASP D 114 -3.93 -9.91 6.66
C ASP D 114 -4.86 -8.71 6.39
N THR D 115 -4.95 -8.31 5.13
CA THR D 115 -5.89 -7.28 4.70
C THR D 115 -7.23 -7.97 4.35
N TYR D 116 -8.34 -7.41 4.80
CA TYR D 116 -9.65 -7.99 4.48
C TYR D 116 -9.94 -8.10 2.96
N ASN D 117 -10.42 -9.28 2.59
CA ASN D 117 -10.83 -9.61 1.24
C ASN D 117 -11.85 -10.70 1.39
N TRP D 118 -13.08 -10.42 0.97
CA TRP D 118 -14.25 -11.29 1.20
C TRP D 118 -14.07 -12.70 0.66
N SER D 119 -13.51 -12.82 -0.53
CA SER D 119 -13.36 -14.12 -1.18
C SER D 119 -12.27 -14.95 -0.49
N GLU D 120 -11.17 -14.29 -0.14
CA GLU D 120 -10.14 -14.95 0.68
C GLU D 120 -10.63 -15.38 2.07
N ALA D 121 -11.48 -14.57 2.69
CA ALA D 121 -12.07 -14.93 3.97
C ALA D 121 -12.91 -16.21 3.87
N ILE D 122 -13.81 -16.26 2.89
CA ILE D 122 -14.61 -17.48 2.62
C ILE D 122 -13.69 -18.68 2.34
N LYS D 123 -12.66 -18.48 1.55
CA LYS D 123 -11.66 -19.54 1.31
C LYS D 123 -11.05 -20.09 2.61
N MET D 124 -10.65 -19.21 3.52
CA MET D 124 -10.11 -19.64 4.81
C MET D 124 -11.15 -20.37 5.66
N LEU D 125 -12.39 -19.87 5.67
CA LEU D 125 -13.48 -20.46 6.43
C LEU D 125 -13.80 -21.87 5.94
N ARG D 126 -13.83 -22.03 4.63
CA ARG D 126 -13.98 -23.35 4.04
C ARG D 126 -12.77 -24.27 4.32
N GLU D 127 -11.57 -23.70 4.53
CA GLU D 127 -10.43 -24.48 5.06
C GLU D 127 -10.49 -24.77 6.58
N LYS D 128 -11.61 -24.39 7.21
CA LYS D 128 -11.82 -24.56 8.65
C LYS D 128 -10.86 -23.76 9.54
N ARG D 129 -10.38 -22.62 9.03
CA ARG D 129 -9.70 -21.62 9.87
C ARG D 129 -10.75 -20.67 10.45
N VAL D 130 -10.56 -20.26 11.69
CA VAL D 130 -11.36 -19.19 12.32
C VAL D 130 -10.87 -17.83 11.79
N VAL D 131 -11.76 -17.00 11.24
CA VAL D 131 -11.35 -15.68 10.77
C VAL D 131 -11.91 -14.56 11.66
N ILE D 132 -10.99 -13.71 12.15
CA ILE D 132 -11.33 -12.56 12.96
C ILE D 132 -11.27 -11.32 12.09
N PHE D 133 -12.33 -10.51 12.15
CA PHE D 133 -12.40 -9.25 11.40
C PHE D 133 -12.26 -8.05 12.33
N SER D 134 -11.28 -7.19 12.02
CA SER D 134 -11.04 -5.99 12.81
C SER D 134 -10.96 -4.75 11.90
N ALA D 135 -10.89 -3.59 12.56
CA ALA D 135 -10.89 -2.26 11.96
C ALA D 135 -12.24 -1.86 11.34
N GLY D 136 -13.30 -2.53 11.77
CA GLY D 136 -14.65 -2.27 11.32
C GLY D 136 -14.76 -2.35 9.82
N THR D 137 -15.34 -1.31 9.23
CA THR D 137 -15.34 -1.18 7.79
C THR D 137 -14.34 -0.18 7.27
N GLY D 138 -13.53 0.38 8.16
CA GLY D 138 -12.58 1.39 7.74
C GLY D 138 -13.11 2.80 7.79
N ASN D 139 -14.42 2.95 8.05
CA ASN D 139 -15.12 4.24 8.03
C ASN D 139 -15.68 4.59 9.38
N PRO D 140 -15.70 5.89 9.74
CA PRO D 140 -16.36 6.35 10.97
C PRO D 140 -17.91 6.31 10.85
N PHE D 141 -18.59 6.51 11.97
CA PHE D 141 -20.04 6.60 12.04
C PHE D 141 -20.77 5.30 11.65
N PHE D 142 -20.12 4.16 11.86
CA PHE D 142 -20.69 2.84 11.59
C PHE D 142 -20.32 1.94 12.74
N THR D 143 -21.32 1.41 13.43
CA THR D 143 -21.15 0.58 14.61
C THR D 143 -20.51 -0.76 14.32
N THR D 144 -20.03 -1.41 15.37
CA THR D 144 -19.50 -2.75 15.28
C THR D 144 -20.64 -3.70 14.88
N ASP D 145 -21.87 -3.39 15.30
CA ASP D 145 -23.05 -4.13 14.83
C ASP D 145 -23.24 -4.03 13.31
N SER D 146 -23.05 -2.84 12.74
CA SER D 146 -23.09 -2.69 11.27
C SER D 146 -22.02 -3.55 10.59
N THR D 147 -20.83 -3.54 11.15
CA THR D 147 -19.72 -4.39 10.69
C THR D 147 -20.03 -5.88 10.75
N ALA D 148 -20.58 -6.33 11.87
CA ALA D 148 -21.04 -7.71 11.99
C ALA D 148 -22.02 -8.12 10.87
N CYS D 149 -23.03 -7.29 10.64
CA CYS D 149 -24.01 -7.55 9.58
C CYS D 149 -23.38 -7.52 8.18
N LEU D 150 -22.53 -6.52 7.92
CA LEU D 150 -21.87 -6.38 6.62
C LEU D 150 -20.99 -7.57 6.31
N ARG D 151 -20.11 -7.92 7.25
CA ARG D 151 -19.21 -9.02 7.09
C ARG D 151 -19.96 -10.34 6.97
N GLY D 152 -20.90 -10.54 7.87
CA GLY D 152 -21.80 -11.66 7.85
C GLY D 152 -22.44 -11.88 6.48
N ILE D 153 -22.98 -10.82 5.88
CA ILE D 153 -23.58 -10.89 4.55
C ILE D 153 -22.50 -11.19 3.48
N GLU D 154 -21.34 -10.51 3.53
CA GLU D 154 -20.26 -10.76 2.56
C GLU D 154 -19.73 -12.18 2.58
N ILE D 155 -19.53 -12.75 3.77
CA ILE D 155 -18.96 -14.11 3.87
C ILE D 155 -20.01 -15.23 3.84
N GLU D 156 -21.26 -14.87 3.56
CA GLU D 156 -22.39 -15.78 3.45
C GLU D 156 -22.53 -16.65 4.70
N ALA D 157 -22.49 -15.99 5.86
CA ALA D 157 -22.75 -16.64 7.14
C ALA D 157 -24.25 -16.95 7.23
N ASP D 158 -24.61 -18.00 7.97
CA ASP D 158 -26.01 -18.39 8.14
C ASP D 158 -26.75 -17.51 9.13
N VAL D 159 -25.99 -16.84 9.99
CA VAL D 159 -26.56 -16.14 11.11
C VAL D 159 -25.51 -15.21 11.69
N VAL D 160 -25.97 -14.10 12.28
CA VAL D 160 -25.10 -13.27 13.12
C VAL D 160 -25.47 -13.53 14.55
N LEU D 161 -24.51 -14.04 15.33
CA LEU D 161 -24.71 -14.18 16.76
C LEU D 161 -24.24 -12.90 17.49
N LYS D 162 -25.19 -12.20 18.08
CA LYS D 162 -24.90 -11.03 18.90
C LYS D 162 -24.76 -11.39 20.37
N ALA D 163 -23.50 -11.48 20.81
CA ALA D 163 -23.18 -11.79 22.17
C ALA D 163 -23.38 -10.51 23.03
N THR D 164 -24.21 -10.65 24.07
CA THR D 164 -24.52 -9.58 25.03
C THR D 164 -24.21 -10.08 26.44
N LYS D 165 -24.51 -9.26 27.45
CA LYS D 165 -24.41 -9.68 28.83
C LYS D 165 -25.78 -10.12 29.39
N VAL D 166 -26.82 -10.07 28.56
CA VAL D 166 -28.20 -10.40 28.96
C VAL D 166 -28.74 -11.59 28.15
N ASP D 167 -29.82 -12.20 28.65
CA ASP D 167 -30.31 -13.48 28.10
C ASP D 167 -30.89 -13.39 26.69
N GLY D 168 -31.29 -12.19 26.29
CA GLY D 168 -31.82 -11.96 24.96
C GLY D 168 -32.47 -10.60 24.93
N VAL D 169 -33.57 -10.47 24.18
CA VAL D 169 -34.33 -9.22 24.07
C VAL D 169 -35.58 -9.26 24.94
N TYR D 170 -35.73 -8.25 25.81
CA TYR D 170 -36.86 -8.16 26.74
C TYR D 170 -37.82 -7.06 26.29
N ASP D 171 -39.04 -7.06 26.83
CA ASP D 171 -39.96 -5.92 26.65
C ASP D 171 -39.32 -4.72 27.33
N CYS D 172 -39.08 -4.86 28.63
CA CYS D 172 -38.63 -3.76 29.48
C CYS D 172 -37.15 -3.46 29.30
N ALA D 180 -40.10 -8.67 33.68
CA ALA D 180 -39.33 -8.61 32.44
C ALA D 180 -39.43 -9.93 31.67
N LYS D 181 -40.17 -9.94 30.55
CA LYS D 181 -40.36 -11.16 29.74
C LYS D 181 -39.40 -11.24 28.54
N LEU D 182 -38.70 -12.36 28.41
CA LEU D 182 -37.74 -12.56 27.34
C LEU D 182 -38.45 -13.04 26.07
N TYR D 183 -38.29 -12.32 24.96
CA TYR D 183 -38.80 -12.77 23.66
C TYR D 183 -37.95 -13.92 23.13
N LYS D 184 -38.60 -14.95 22.61
CA LYS D 184 -37.89 -16.05 21.99
C LYS D 184 -37.69 -15.85 20.49
N ASN D 185 -38.72 -15.34 19.84
CA ASN D 185 -38.72 -15.18 18.39
C ASN D 185 -39.36 -13.85 18.11
N LEU D 186 -38.70 -13.05 17.27
CA LEU D 186 -39.24 -11.81 16.78
C LEU D 186 -38.98 -11.68 15.28
N SER D 187 -39.93 -11.11 14.56
CA SER D 187 -39.71 -10.75 13.16
C SER D 187 -39.06 -9.34 13.11
N TYR D 188 -38.44 -9.01 11.98
CA TYR D 188 -37.89 -7.66 11.81
C TYR D 188 -38.98 -6.60 12.01
N ALA D 189 -40.13 -6.80 11.37
CA ALA D 189 -41.29 -5.90 11.52
C ALA D 189 -41.78 -5.71 12.97
N GLU D 190 -41.80 -6.80 13.75
CA GLU D 190 -42.15 -6.75 15.17
C GLU D 190 -41.18 -5.89 15.97
N VAL D 191 -39.87 -6.11 15.80
CA VAL D 191 -38.86 -5.27 16.47
C VAL D 191 -39.17 -3.79 16.26
N ILE D 192 -39.37 -3.40 14.99
CA ILE D 192 -39.73 -2.02 14.66
C ILE D 192 -41.09 -1.59 15.28
N ASP D 193 -42.16 -2.36 15.06
CA ASP D 193 -43.48 -2.06 15.65
C ASP D 193 -43.44 -1.86 17.17
N LYS D 194 -42.84 -2.81 17.88
CA LYS D 194 -42.75 -2.72 19.34
C LYS D 194 -41.64 -1.78 19.88
N GLU D 195 -40.96 -1.08 18.98
CA GLU D 195 -39.87 -0.16 19.33
C GLU D 195 -38.82 -0.78 20.25
N LEU D 196 -38.39 -2.00 19.93
CA LEU D 196 -37.43 -2.72 20.78
C LEU D 196 -35.98 -2.35 20.42
N LYS D 197 -35.07 -2.52 21.38
CA LYS D 197 -33.65 -2.25 21.17
C LYS D 197 -32.91 -3.54 20.79
N VAL D 198 -32.45 -3.61 19.55
CA VAL D 198 -31.66 -4.76 19.11
C VAL D 198 -30.28 -4.25 18.66
N MET D 199 -30.27 -3.42 17.64
CA MET D 199 -29.05 -2.73 17.23
C MET D 199 -29.45 -1.43 16.56
N ASP D 200 -28.46 -0.59 16.26
CA ASP D 200 -28.75 0.66 15.60
C ASP D 200 -29.50 0.40 14.29
N LEU D 201 -30.34 1.36 13.93
CA LEU D 201 -31.23 1.22 12.77
C LEU D 201 -30.48 0.88 11.48
N SER D 202 -29.28 1.42 11.30
CA SER D 202 -28.51 1.13 10.06
C SER D 202 -28.13 -0.35 9.97
N ALA D 203 -27.60 -0.89 11.05
CA ALA D 203 -27.24 -2.30 11.15
C ALA D 203 -28.44 -3.22 10.98
N PHE D 204 -29.51 -2.91 11.71
CA PHE D 204 -30.75 -3.66 11.67
C PHE D 204 -31.33 -3.65 10.26
N THR D 205 -31.24 -2.51 9.57
CA THR D 205 -31.77 -2.34 8.22
C THR D 205 -31.00 -3.18 7.22
N LEU D 206 -29.67 -3.24 7.36
CA LEU D 206 -28.85 -4.10 6.50
C LEU D 206 -29.21 -5.56 6.70
N ALA D 207 -29.34 -6.00 7.95
CA ALA D 207 -29.70 -7.38 8.25
C ALA D 207 -31.10 -7.74 7.66
N ARG D 208 -32.04 -6.82 7.86
CA ARG D 208 -33.40 -6.95 7.36
C ARG D 208 -33.51 -7.05 5.81
N ASP D 209 -32.85 -6.13 5.10
CA ASP D 209 -32.96 -6.09 3.64
C ASP D 209 -32.36 -7.35 3.02
N HIS D 210 -31.40 -7.96 3.70
CA HIS D 210 -30.71 -9.13 3.19
C HIS D 210 -31.18 -10.43 3.85
N GLY D 211 -32.14 -10.34 4.75
CA GLY D 211 -32.70 -11.52 5.42
C GLY D 211 -31.77 -12.28 6.36
N MET D 212 -30.70 -11.62 6.83
CA MET D 212 -29.76 -12.24 7.73
C MET D 212 -30.41 -12.39 9.10
N PRO D 213 -30.59 -13.64 9.58
CA PRO D 213 -31.13 -13.77 10.92
C PRO D 213 -30.09 -13.39 12.00
N ILE D 214 -30.59 -12.92 13.14
CA ILE D 214 -29.74 -12.53 14.28
C ILE D 214 -30.16 -13.32 15.51
N ARG D 215 -29.18 -13.85 16.23
CA ARG D 215 -29.42 -14.37 17.58
C ARG D 215 -28.73 -13.50 18.62
N VAL D 216 -29.54 -13.05 19.58
CA VAL D 216 -29.06 -12.27 20.71
C VAL D 216 -29.04 -13.20 21.92
N PHE D 217 -27.86 -13.38 22.52
CA PHE D 217 -27.67 -14.35 23.59
C PHE D 217 -26.64 -13.89 24.63
N ASN D 218 -26.55 -14.63 25.74
CA ASN D 218 -25.69 -14.24 26.88
C ASN D 218 -24.35 -15.00 26.85
N MET D 219 -23.33 -14.35 26.30
CA MET D 219 -22.01 -14.97 26.13
C MET D 219 -21.31 -15.17 27.47
N GLY D 220 -21.71 -14.36 28.46
CA GLY D 220 -21.20 -14.46 29.81
C GLY D 220 -21.61 -15.72 30.56
N LYS D 221 -22.67 -16.39 30.09
CA LYS D 221 -23.05 -17.71 30.60
C LYS D 221 -22.23 -18.78 29.91
N PRO D 222 -21.09 -19.21 30.50
CA PRO D 222 -20.44 -20.39 29.94
C PRO D 222 -21.46 -21.42 29.43
N GLY D 223 -21.19 -21.98 28.24
CA GLY D 223 -22.09 -22.95 27.62
C GLY D 223 -23.17 -22.40 26.70
N ALA D 224 -23.56 -21.14 26.91
CA ALA D 224 -24.62 -20.52 26.10
C ALA D 224 -24.35 -20.49 24.60
N LEU D 225 -23.07 -20.35 24.22
CA LEU D 225 -22.68 -20.27 22.81
C LEU D 225 -22.94 -21.58 22.07
N ARG D 226 -22.49 -22.69 22.66
CA ARG D 226 -22.76 -24.03 22.13
C ARG D 226 -24.28 -24.32 21.99
N GLN D 227 -25.06 -23.90 22.98
CA GLN D 227 -26.50 -24.07 22.93
C GLN D 227 -27.13 -23.23 21.82
N VAL D 228 -26.60 -22.04 21.55
CA VAL D 228 -27.13 -21.22 20.47
C VAL D 228 -26.89 -21.88 19.13
N VAL D 229 -25.68 -22.42 18.96
CA VAL D 229 -25.25 -23.03 17.72
C VAL D 229 -25.89 -24.42 17.50
N THR D 230 -26.32 -25.08 18.57
CA THR D 230 -26.88 -26.44 18.47
C THR D 230 -28.41 -26.50 18.74
N GLY D 231 -29.05 -25.36 18.92
CA GLY D 231 -30.48 -25.37 19.19
C GLY D 231 -31.17 -24.04 19.05
N THR D 232 -32.49 -24.09 19.08
CA THR D 232 -33.35 -22.95 18.83
C THR D 232 -33.78 -22.24 20.11
N GLU D 233 -33.56 -22.91 21.26
CA GLU D 233 -34.12 -22.44 22.53
C GLU D 233 -33.38 -21.28 23.21
N GLU D 234 -32.04 -21.23 23.12
CA GLU D 234 -31.27 -20.17 23.85
C GLU D 234 -31.33 -18.80 23.20
N GLY D 235 -31.66 -17.78 23.98
CA GLY D 235 -31.71 -16.41 23.50
C GLY D 235 -32.94 -16.01 22.69
N THR D 236 -32.79 -14.90 22.00
CA THR D 236 -33.82 -14.38 21.13
C THR D 236 -33.35 -14.46 19.68
N THR D 237 -34.22 -14.98 18.81
CA THR D 237 -34.03 -14.99 17.37
C THR D 237 -34.84 -13.91 16.69
N ILE D 238 -34.16 -13.11 15.88
CA ILE D 238 -34.80 -12.13 15.02
C ILE D 238 -34.64 -12.61 13.56
N CYS D 239 -35.73 -12.77 12.84
CA CYS D 239 -35.66 -13.18 11.43
C CYS D 239 -36.87 -12.71 10.62
N GLU D 240 -36.90 -13.03 9.32
CA GLU D 240 -37.99 -12.58 8.44
C GLU D 240 -39.30 -13.24 8.91
N GLY D 241 -40.38 -12.46 8.94
CA GLY D 241 -41.70 -12.98 9.29
C GLY D 241 -42.22 -13.93 8.23
N HIS D 242 -43.11 -14.83 8.64
CA HIS D 242 -43.61 -15.94 7.79
C HIS D 242 -44.47 -15.50 6.60
N HIS D 243 -44.96 -14.27 6.62
CA HIS D 243 -46.08 -13.87 5.75
C HIS D 243 -45.66 -13.19 4.45
N HIS D 244 -44.55 -13.63 3.86
CA HIS D 244 -44.01 -13.03 2.63
C HIS D 244 -43.97 -14.01 1.44
N HIS D 245 -43.38 -15.19 1.65
CA HIS D 245 -42.85 -16.05 0.55
C HIS D 245 -43.26 -17.53 0.53
N HIS D 246 -43.23 -18.17 1.71
CA HIS D 246 -43.19 -19.66 1.89
C HIS D 246 -41.75 -20.07 2.20
N SER E 4 -28.36 35.28 -6.18
CA SER E 4 -27.86 36.42 -5.35
C SER E 4 -26.40 36.19 -4.84
N GLN E 5 -26.23 36.20 -3.52
CA GLN E 5 -24.98 35.83 -2.88
C GLN E 5 -25.13 34.43 -2.27
N PRO E 6 -24.01 33.70 -2.10
CA PRO E 6 -24.16 32.31 -1.65
C PRO E 6 -24.60 32.20 -0.19
N ILE E 7 -25.52 31.27 0.10
CA ILE E 7 -25.96 31.01 1.48
C ILE E 7 -25.17 29.90 2.23
N TYR E 8 -24.22 29.26 1.54
CA TYR E 8 -23.37 28.20 2.09
C TYR E 8 -21.89 28.55 1.96
N LYS E 9 -21.08 28.05 2.88
CA LYS E 9 -19.61 28.20 2.78
C LYS E 9 -18.97 26.99 2.09
N ARG E 10 -19.54 25.81 2.36
CA ARG E 10 -19.00 24.53 1.90
C ARG E 10 -20.17 23.63 1.60
N ILE E 11 -20.18 23.06 0.41
CA ILE E 11 -21.23 22.13 -0.03
C ILE E 11 -20.63 20.79 -0.43
N LEU E 12 -21.46 19.77 -0.37
CA LEU E 12 -21.21 18.52 -1.04
C LEU E 12 -22.32 18.33 -2.05
N LEU E 13 -21.92 18.33 -3.31
CA LEU E 13 -22.80 18.12 -4.44
C LEU E 13 -22.77 16.63 -4.87
N LYS E 14 -23.90 15.94 -4.73
CA LYS E 14 -24.01 14.56 -5.17
C LYS E 14 -24.73 14.46 -6.50
N LEU E 15 -24.04 13.90 -7.50
CA LEU E 15 -24.62 13.64 -8.81
C LEU E 15 -24.62 12.14 -9.08
N SER E 16 -25.74 11.63 -9.57
CA SER E 16 -25.78 10.27 -10.07
C SER E 16 -24.92 10.20 -11.33
N GLY E 17 -24.44 9.01 -11.67
CA GLY E 17 -23.71 8.84 -12.94
C GLY E 17 -24.60 9.25 -14.11
N GLU E 18 -25.90 9.00 -13.98
CA GLU E 18 -26.89 9.33 -15.01
C GLU E 18 -26.98 10.82 -15.35
N ALA E 19 -26.52 11.68 -14.46
CA ALA E 19 -26.42 13.11 -14.75
C ALA E 19 -25.41 13.40 -15.87
N LEU E 20 -24.43 12.53 -16.06
CA LEU E 20 -23.41 12.73 -17.09
C LEU E 20 -23.82 12.21 -18.48
N GLN E 21 -24.88 11.41 -18.56
CA GLN E 21 -25.32 10.77 -19.81
C GLN E 21 -26.00 11.73 -20.77
N GLY E 22 -25.97 11.37 -22.06
CA GLY E 22 -26.70 12.11 -23.09
C GLY E 22 -27.98 11.38 -23.49
N GLU E 23 -28.63 11.89 -24.53
CA GLU E 23 -29.81 11.23 -25.12
C GLU E 23 -29.50 9.80 -25.62
N ASP E 24 -28.21 9.51 -25.85
CA ASP E 24 -27.76 8.20 -26.34
C ASP E 24 -27.82 7.08 -25.28
N GLY E 25 -28.13 7.44 -24.04
CA GLY E 25 -28.51 6.46 -23.03
C GLY E 25 -27.37 5.80 -22.26
N LEU E 26 -26.13 6.09 -22.63
CA LEU E 26 -24.99 5.57 -21.86
C LEU E 26 -23.77 6.49 -21.91
N GLY E 27 -22.79 6.17 -21.08
CA GLY E 27 -21.49 6.81 -21.12
C GLY E 27 -21.44 8.20 -20.54
N ILE E 28 -20.45 8.94 -21.01
CA ILE E 28 -20.22 10.30 -20.58
C ILE E 28 -20.38 11.20 -21.81
N ASP E 29 -21.27 12.18 -21.70
CA ASP E 29 -21.48 13.18 -22.76
C ASP E 29 -20.59 14.39 -22.50
N PRO E 30 -19.52 14.58 -23.31
CA PRO E 30 -18.58 15.66 -23.04
C PRO E 30 -19.20 17.07 -22.90
N ALA E 31 -20.23 17.38 -23.68
CA ALA E 31 -20.93 18.68 -23.58
C ALA E 31 -21.67 18.85 -22.25
N ILE E 32 -22.29 17.79 -21.75
CA ILE E 32 -22.98 17.85 -20.45
C ILE E 32 -21.95 18.02 -19.33
N LEU E 33 -20.90 17.21 -19.38
CA LEU E 33 -19.79 17.28 -18.44
C LEU E 33 -19.20 18.69 -18.36
N ASP E 34 -18.93 19.30 -19.52
CA ASP E 34 -18.33 20.64 -19.54
C ASP E 34 -19.30 21.74 -19.04
N ARG E 35 -20.59 21.58 -19.27
CA ARG E 35 -21.60 22.48 -18.70
C ARG E 35 -21.55 22.42 -17.18
N MET E 36 -21.48 21.22 -16.63
CA MET E 36 -21.35 21.05 -15.19
C MET E 36 -20.10 21.71 -14.64
N ALA E 37 -18.98 21.60 -15.38
CA ALA E 37 -17.71 22.18 -14.96
C ALA E 37 -17.74 23.70 -14.90
N VAL E 38 -18.42 24.33 -15.86
CA VAL E 38 -18.62 25.80 -15.85
C VAL E 38 -19.57 26.22 -14.71
N GLU E 39 -20.64 25.46 -14.50
CA GLU E 39 -21.51 25.68 -13.33
C GLU E 39 -20.79 25.59 -11.98
N ILE E 40 -19.82 24.66 -11.86
CA ILE E 40 -19.02 24.50 -10.65
C ILE E 40 -18.00 25.62 -10.55
N LYS E 41 -17.45 26.03 -11.68
CA LYS E 41 -16.55 27.18 -11.72
C LYS E 41 -17.24 28.42 -11.15
N GLU E 42 -18.51 28.64 -11.49
CA GLU E 42 -19.16 29.86 -11.03
C GLU E 42 -19.43 29.86 -9.53
N LEU E 43 -19.66 28.72 -8.90
CA LEU E 43 -19.67 28.62 -7.43
C LEU E 43 -18.32 28.90 -6.82
N VAL E 44 -17.26 28.32 -7.39
CA VAL E 44 -15.90 28.53 -6.91
C VAL E 44 -15.55 30.03 -6.91
N GLU E 45 -15.86 30.72 -7.99
CA GLU E 45 -15.56 32.16 -8.06
C GLU E 45 -16.56 33.05 -7.26
N MET E 46 -17.67 32.45 -6.81
CA MET E 46 -18.51 33.05 -5.75
C MET E 46 -17.94 32.83 -4.35
N GLY E 47 -16.89 32.03 -4.24
CA GLY E 47 -16.24 31.75 -2.96
C GLY E 47 -16.66 30.49 -2.21
N VAL E 48 -17.56 29.70 -2.80
CA VAL E 48 -18.02 28.46 -2.22
C VAL E 48 -16.96 27.33 -2.39
N GLU E 49 -16.71 26.59 -1.32
CA GLU E 49 -15.91 25.37 -1.34
C GLU E 49 -16.78 24.17 -1.73
N VAL E 50 -16.36 23.49 -2.79
CA VAL E 50 -17.20 22.51 -3.46
C VAL E 50 -16.49 21.17 -3.41
N SER E 51 -17.20 20.18 -2.85
CA SER E 51 -16.82 18.78 -3.01
C SER E 51 -17.92 18.10 -3.83
N VAL E 52 -17.56 17.04 -4.52
CA VAL E 52 -18.48 16.35 -5.44
C VAL E 52 -18.40 14.87 -5.15
N VAL E 53 -19.57 14.23 -5.02
CA VAL E 53 -19.71 12.76 -5.05
C VAL E 53 -20.43 12.32 -6.33
N LEU E 54 -19.80 11.41 -7.09
CA LEU E 54 -20.38 10.87 -8.31
C LEU E 54 -20.74 9.39 -8.18
N GLY E 55 -21.90 9.04 -8.72
CA GLY E 55 -22.30 7.67 -8.90
C GLY E 55 -21.74 7.12 -10.20
N GLY E 56 -22.07 5.87 -10.51
CA GLY E 56 -21.48 5.16 -11.66
C GLY E 56 -22.50 4.56 -12.61
N GLY E 57 -23.78 4.88 -12.40
CA GLY E 57 -24.87 4.28 -13.16
C GLY E 57 -24.94 4.54 -14.66
N ASN E 58 -24.31 5.61 -15.14
CA ASN E 58 -24.09 5.83 -16.58
C ASN E 58 -23.14 4.85 -17.26
N LEU E 59 -22.30 4.18 -16.48
CA LEU E 59 -21.28 3.29 -17.02
C LEU E 59 -21.56 1.85 -16.67
N PHE E 60 -22.16 1.60 -15.51
CA PHE E 60 -22.48 0.22 -15.13
C PHE E 60 -23.85 0.12 -14.49
N ARG E 61 -24.71 -0.68 -15.13
CA ARG E 61 -26.01 -1.07 -14.58
C ARG E 61 -25.90 -2.57 -14.35
N GLY E 62 -26.02 -2.99 -13.10
CA GLY E 62 -25.80 -4.39 -12.75
C GLY E 62 -27.00 -5.33 -12.81
N ALA E 63 -28.18 -4.81 -13.17
CA ALA E 63 -29.44 -5.58 -13.04
C ALA E 63 -29.43 -6.89 -13.85
N LYS E 64 -28.98 -6.83 -15.09
CA LYS E 64 -28.88 -8.01 -15.96
C LYS E 64 -27.93 -9.09 -15.44
N LEU E 65 -26.73 -8.69 -15.04
CA LEU E 65 -25.77 -9.64 -14.47
C LEU E 65 -26.24 -10.19 -13.13
N ALA E 66 -26.92 -9.36 -12.33
CA ALA E 66 -27.55 -9.83 -11.09
C ALA E 66 -28.61 -10.88 -11.37
N LYS E 67 -29.38 -10.66 -12.44
CA LYS E 67 -30.42 -11.60 -12.86
C LYS E 67 -29.79 -12.93 -13.22
N ALA E 68 -28.65 -12.88 -13.89
CA ALA E 68 -27.90 -14.08 -14.29
C ALA E 68 -27.18 -14.77 -13.13
N GLY E 69 -27.15 -14.16 -11.95
CA GLY E 69 -26.58 -14.78 -10.76
C GLY E 69 -25.31 -14.13 -10.22
N MET E 70 -24.92 -12.99 -10.76
CA MET E 70 -23.69 -12.36 -10.26
C MET E 70 -23.80 -11.99 -8.79
N ASN E 71 -22.75 -12.30 -8.04
CA ASN E 71 -22.66 -11.92 -6.64
C ASN E 71 -22.77 -10.40 -6.48
N ARG E 72 -23.62 -9.94 -5.55
CA ARG E 72 -23.87 -8.49 -5.38
C ARG E 72 -22.64 -7.74 -4.86
N VAL E 73 -21.81 -8.39 -4.07
CA VAL E 73 -20.50 -7.82 -3.72
C VAL E 73 -19.69 -7.41 -4.95
N VAL E 74 -19.62 -8.32 -5.93
CA VAL E 74 -18.91 -8.11 -7.19
C VAL E 74 -19.53 -6.97 -8.01
N GLY E 75 -20.86 -6.96 -8.14
CA GLY E 75 -21.61 -5.85 -8.75
C GLY E 75 -21.33 -4.51 -8.10
N ASP E 76 -21.27 -4.49 -6.78
CA ASP E 76 -20.95 -3.25 -6.06
C ASP E 76 -19.50 -2.81 -6.34
N HIS E 77 -18.56 -3.75 -6.38
CA HIS E 77 -17.16 -3.41 -6.70
C HIS E 77 -16.99 -2.81 -8.10
N MET E 78 -17.67 -3.41 -9.06
CA MET E 78 -17.71 -2.87 -10.41
C MET E 78 -18.24 -1.44 -10.41
N GLY E 79 -19.37 -1.21 -9.73
CA GLY E 79 -19.94 0.13 -9.58
C GLY E 79 -18.98 1.13 -8.98
N MET E 80 -18.21 0.72 -7.98
CA MET E 80 -17.24 1.61 -7.34
C MET E 80 -16.12 2.02 -8.31
N LEU E 81 -15.65 1.06 -9.10
CA LEU E 81 -14.63 1.33 -10.14
C LEU E 81 -15.14 2.33 -11.18
N ALA E 82 -16.40 2.16 -11.59
CA ALA E 82 -17.10 3.09 -12.47
C ALA E 82 -17.20 4.51 -11.94
N THR E 83 -17.34 4.69 -10.63
CA THR E 83 -17.33 6.06 -10.06
C THR E 83 -15.97 6.73 -10.19
N VAL E 84 -14.88 5.94 -10.16
CA VAL E 84 -13.52 6.46 -10.33
C VAL E 84 -13.34 6.98 -11.77
N MET E 85 -13.82 6.21 -12.75
CA MET E 85 -13.79 6.62 -14.14
C MET E 85 -14.53 7.96 -14.35
N ASN E 86 -15.73 8.08 -13.81
CA ASN E 86 -16.46 9.36 -13.82
C ASN E 86 -15.69 10.46 -13.11
N GLY E 87 -15.09 10.13 -11.98
CA GLY E 87 -14.29 11.09 -11.25
C GLY E 87 -13.10 11.61 -12.02
N LEU E 88 -12.49 10.74 -12.83
CA LEU E 88 -11.34 11.14 -13.65
C LEU E 88 -11.80 12.06 -14.80
N ALA E 89 -12.95 11.76 -15.38
CA ALA E 89 -13.50 12.57 -16.44
C ALA E 89 -13.81 13.96 -15.90
N MET E 90 -14.37 14.04 -14.68
CA MET E 90 -14.76 15.34 -14.09
C MET E 90 -13.54 16.16 -13.72
N ARG E 91 -12.55 15.54 -13.07
CA ARG E 91 -11.29 16.21 -12.78
C ARG E 91 -10.64 16.83 -14.02
N ASP E 92 -10.58 16.07 -15.12
CA ASP E 92 -10.04 16.56 -16.38
C ASP E 92 -10.89 17.70 -16.97
N SER E 93 -12.20 17.59 -16.88
CA SER E 93 -13.10 18.64 -17.33
C SER E 93 -12.93 19.94 -16.51
N LEU E 94 -12.75 19.81 -15.20
CA LEU E 94 -12.47 20.96 -14.34
C LEU E 94 -11.14 21.62 -14.72
N PHE E 95 -10.08 20.83 -14.93
CA PHE E 95 -8.78 21.36 -15.41
C PHE E 95 -8.94 22.17 -16.70
N ARG E 96 -9.71 21.64 -17.64
CA ARG E 96 -9.91 22.28 -18.95
C ARG E 96 -10.73 23.57 -18.87
N ALA E 97 -11.50 23.73 -17.79
CA ALA E 97 -12.24 24.96 -17.47
C ALA E 97 -11.45 25.82 -16.49
N ASP E 98 -10.17 25.51 -16.30
CA ASP E 98 -9.28 26.27 -15.46
C ASP E 98 -9.76 26.37 -13.98
N VAL E 99 -10.33 25.26 -13.48
CA VAL E 99 -10.67 25.10 -12.05
C VAL E 99 -9.72 24.08 -11.41
N ASN E 100 -9.08 24.51 -10.33
CA ASN E 100 -8.19 23.68 -9.52
C ASN E 100 -8.99 22.55 -8.87
N ALA E 101 -8.72 21.30 -9.25
CA ALA E 101 -9.46 20.16 -8.70
C ALA E 101 -8.57 18.98 -8.30
N LYS E 102 -9.12 18.10 -7.46
CA LYS E 102 -8.42 16.89 -7.02
C LYS E 102 -9.42 15.76 -6.91
N LEU E 103 -8.97 14.56 -7.30
CA LEU E 103 -9.74 13.31 -7.16
C LEU E 103 -9.17 12.47 -6.01
N MET E 104 -10.06 12.09 -5.11
CA MET E 104 -9.76 11.18 -4.01
C MET E 104 -10.58 9.94 -4.20
N SER E 105 -10.00 8.84 -3.77
CA SER E 105 -10.58 7.53 -3.93
C SER E 105 -10.51 6.81 -2.60
N ALA E 106 -11.62 6.15 -2.24
CA ALA E 106 -11.65 5.18 -1.16
C ALA E 106 -10.57 4.09 -1.27
N PHE E 107 -10.28 3.58 -2.48
CA PHE E 107 -9.13 2.68 -2.67
C PHE E 107 -7.91 3.47 -3.06
N GLN E 108 -6.77 3.06 -2.52
CA GLN E 108 -5.48 3.55 -2.99
C GLN E 108 -5.30 3.18 -4.47
N LEU E 109 -5.12 4.19 -5.32
CA LEU E 109 -4.87 3.98 -6.74
C LEU E 109 -3.56 4.72 -7.10
N ASN E 110 -2.44 4.18 -6.64
CA ASN E 110 -1.08 4.73 -6.95
C ASN E 110 -0.94 5.10 -8.42
N GLY E 111 -0.54 6.35 -8.68
CA GLY E 111 -0.35 6.82 -10.05
C GLY E 111 -1.58 7.38 -10.77
N ILE E 112 -2.76 7.16 -10.19
CA ILE E 112 -4.03 7.57 -10.80
C ILE E 112 -4.62 8.78 -10.08
N CYS E 113 -4.69 8.72 -8.76
CA CYS E 113 -5.30 9.81 -8.01
C CYS E 113 -4.90 9.73 -6.53
N ASP E 114 -5.46 10.63 -5.71
CA ASP E 114 -5.16 10.66 -4.28
C ASP E 114 -6.03 9.67 -3.47
N THR E 115 -5.47 9.19 -2.37
CA THR E 115 -6.20 8.30 -1.46
C THR E 115 -7.02 9.18 -0.52
N TYR E 116 -8.29 8.85 -0.31
CA TYR E 116 -9.15 9.66 0.56
C TYR E 116 -8.62 9.75 1.99
N ASN E 117 -8.68 10.95 2.54
CA ASN E 117 -8.28 11.27 3.88
C ASN E 117 -9.03 12.55 4.24
N TRP E 118 -9.93 12.45 5.21
CA TRP E 118 -10.87 13.52 5.57
C TRP E 118 -10.22 14.87 5.87
N SER E 119 -9.06 14.84 6.53
CA SER E 119 -8.41 16.09 6.99
C SER E 119 -7.62 16.70 5.84
N GLU E 120 -7.05 15.84 5.00
CA GLU E 120 -6.47 16.34 3.74
C GLU E 120 -7.53 16.91 2.78
N ALA E 121 -8.71 16.30 2.72
CA ALA E 121 -9.79 16.89 1.90
C ALA E 121 -10.22 18.31 2.42
N ILE E 122 -10.39 18.46 3.72
CA ILE E 122 -10.74 19.75 4.33
C ILE E 122 -9.67 20.79 4.04
N LYS E 123 -8.40 20.41 4.18
CA LYS E 123 -7.30 21.31 3.86
C LYS E 123 -7.39 21.77 2.41
N MET E 124 -7.70 20.86 1.46
CA MET E 124 -7.84 21.23 0.04
C MET E 124 -9.03 22.15 -0.25
N LEU E 125 -10.13 21.89 0.43
CA LEU E 125 -11.31 22.75 0.34
C LEU E 125 -11.00 24.15 0.89
N ARG E 126 -10.36 24.22 2.04
CA ARG E 126 -9.88 25.51 2.53
C ARG E 126 -8.94 26.21 1.54
N GLU E 127 -8.14 25.45 0.77
CA GLU E 127 -7.32 26.03 -0.33
C GLU E 127 -8.10 26.38 -1.61
N LYS E 128 -9.44 26.25 -1.57
CA LYS E 128 -10.32 26.53 -2.70
C LYS E 128 -10.10 25.58 -3.91
N ARG E 129 -9.70 24.34 -3.63
CA ARG E 129 -9.69 23.30 -4.66
C ARG E 129 -11.02 22.58 -4.59
N VAL E 130 -11.56 22.18 -5.72
CA VAL E 130 -12.73 21.31 -5.79
C VAL E 130 -12.29 19.85 -5.56
N VAL E 131 -12.89 19.17 -4.58
CA VAL E 131 -12.49 17.81 -4.27
C VAL E 131 -13.60 16.85 -4.69
N ILE E 132 -13.24 15.91 -5.56
CA ILE E 132 -14.11 14.86 -6.03
C ILE E 132 -13.83 13.59 -5.23
N PHE E 133 -14.89 12.94 -4.75
CA PHE E 133 -14.81 11.69 -3.99
C PHE E 133 -15.34 10.53 -4.82
N SER E 134 -14.50 9.53 -5.01
CA SER E 134 -14.91 8.35 -5.77
C SER E 134 -14.60 7.05 -4.98
N ALA E 135 -15.07 5.95 -5.56
CA ALA E 135 -15.00 4.60 -5.01
C ALA E 135 -15.87 4.40 -3.77
N GLY E 136 -16.88 5.25 -3.62
CA GLY E 136 -17.83 5.17 -2.50
C GLY E 136 -17.13 5.17 -1.15
N THR E 137 -17.52 4.23 -0.27
CA THR E 137 -16.78 4.00 0.97
C THR E 137 -15.80 2.85 0.90
N GLY E 138 -15.69 2.23 -0.27
CA GLY E 138 -14.84 1.08 -0.41
C GLY E 138 -15.53 -0.20 -0.01
N ASN E 139 -16.78 -0.12 0.47
CA ASN E 139 -17.58 -1.28 0.88
C ASN E 139 -18.85 -1.49 0.02
N PRO E 140 -19.23 -2.76 -0.22
CA PRO E 140 -20.51 -3.04 -0.90
C PRO E 140 -21.74 -2.69 -0.04
N PHE E 141 -22.92 -2.71 -0.65
CA PHE E 141 -24.20 -2.55 0.04
C PHE E 141 -24.40 -1.19 0.68
N PHE E 142 -23.78 -0.16 0.12
CA PHE E 142 -23.92 1.21 0.66
C PHE E 142 -24.01 2.12 -0.53
N THR E 143 -25.14 2.80 -0.66
CA THR E 143 -25.44 3.64 -1.83
C THR E 143 -24.52 4.85 -1.95
N THR E 144 -24.57 5.45 -3.13
CA THR E 144 -23.91 6.72 -3.39
C THR E 144 -24.53 7.84 -2.52
N ASP E 145 -25.84 7.82 -2.29
CA ASP E 145 -26.46 8.73 -1.28
C ASP E 145 -25.83 8.55 0.10
N SER E 146 -25.60 7.32 0.53
CA SER E 146 -24.88 7.09 1.81
C SER E 146 -23.45 7.67 1.83
N THR E 147 -22.72 7.49 0.74
CA THR E 147 -21.40 8.10 0.56
C THR E 147 -21.45 9.64 0.62
N ALA E 148 -22.41 10.23 -0.07
CA ALA E 148 -22.60 11.68 -0.02
C ALA E 148 -22.83 12.19 1.42
N CYS E 149 -23.65 11.49 2.18
CA CYS E 149 -23.92 11.91 3.56
C CYS E 149 -22.69 11.70 4.46
N LEU E 150 -21.95 10.61 4.23
CA LEU E 150 -20.78 10.27 5.05
C LEU E 150 -19.67 11.27 4.79
N ARG E 151 -19.41 11.54 3.51
CA ARG E 151 -18.33 12.46 3.13
C ARG E 151 -18.67 13.87 3.56
N GLY E 152 -19.93 14.26 3.33
CA GLY E 152 -20.44 15.57 3.73
C GLY E 152 -20.28 15.82 5.21
N ILE E 153 -20.63 14.84 6.05
CA ILE E 153 -20.46 14.94 7.49
C ILE E 153 -18.95 15.01 7.83
N GLU E 154 -18.13 14.11 7.25
CA GLU E 154 -16.67 14.11 7.53
C GLU E 154 -15.92 15.40 7.22
N ILE E 155 -16.21 16.03 6.08
CA ILE E 155 -15.55 17.27 5.68
C ILE E 155 -16.26 18.56 6.14
N GLU E 156 -17.30 18.41 6.96
CA GLU E 156 -17.99 19.52 7.62
C GLU E 156 -18.65 20.43 6.58
N ALA E 157 -19.31 19.82 5.61
CA ALA E 157 -20.11 20.55 4.63
C ALA E 157 -21.35 21.12 5.30
N ASP E 158 -21.87 22.21 4.75
CA ASP E 158 -23.08 22.86 5.32
C ASP E 158 -24.34 22.14 4.90
N VAL E 159 -24.24 21.39 3.81
CA VAL E 159 -25.42 20.85 3.16
C VAL E 159 -24.94 19.80 2.13
N VAL E 160 -25.81 18.83 1.88
CA VAL E 160 -25.70 17.92 0.72
C VAL E 160 -26.74 18.32 -0.28
N LEU E 161 -26.27 18.70 -1.47
CA LEU E 161 -27.14 18.91 -2.59
C LEU E 161 -27.30 17.60 -3.37
N LYS E 162 -28.53 17.10 -3.41
CA LYS E 162 -28.86 15.90 -4.14
C LYS E 162 -29.43 16.28 -5.51
N ALA E 163 -28.54 16.27 -6.50
CA ALA E 163 -28.92 16.59 -7.87
C ALA E 163 -29.75 15.44 -8.46
N THR E 164 -30.94 15.78 -8.97
CA THR E 164 -31.88 14.84 -9.60
C THR E 164 -32.28 15.38 -10.98
N LYS E 165 -33.15 14.67 -11.69
CA LYS E 165 -33.71 15.18 -12.94
C LYS E 165 -35.14 15.73 -12.76
N VAL E 166 -35.63 15.73 -11.51
CA VAL E 166 -36.92 16.32 -11.13
C VAL E 166 -36.74 17.54 -10.21
N ASP E 167 -37.81 18.32 -10.06
CA ASP E 167 -37.74 19.65 -9.43
C ASP E 167 -37.49 19.61 -7.93
N GLY E 168 -37.92 18.52 -7.30
CA GLY E 168 -37.67 18.29 -5.90
C GLY E 168 -38.42 17.08 -5.45
N VAL E 169 -38.92 17.11 -4.22
CA VAL E 169 -39.74 16.03 -3.67
C VAL E 169 -41.23 16.37 -3.83
N TYR E 170 -41.98 15.50 -4.50
CA TYR E 170 -43.42 15.71 -4.69
C TYR E 170 -44.24 14.85 -3.72
N ASP E 171 -45.44 15.32 -3.38
CA ASP E 171 -46.45 14.44 -2.78
C ASP E 171 -46.63 13.27 -3.75
N CYS E 172 -46.59 13.60 -5.04
CA CYS E 172 -46.56 12.61 -6.09
C CYS E 172 -46.03 13.24 -7.38
N ALA E 180 -49.08 17.13 -9.58
CA ALA E 180 -48.28 16.87 -8.38
C ALA E 180 -47.86 18.18 -7.69
N LYS E 181 -47.83 18.19 -6.36
CA LYS E 181 -47.36 19.37 -5.60
C LYS E 181 -45.95 19.21 -5.01
N LEU E 182 -45.07 20.13 -5.37
CA LEU E 182 -43.69 20.13 -4.94
C LEU E 182 -43.56 20.69 -3.52
N TYR E 183 -43.11 19.85 -2.58
CA TYR E 183 -42.74 20.31 -1.24
C TYR E 183 -41.57 21.26 -1.31
N LYS E 184 -41.64 22.36 -0.56
CA LYS E 184 -40.54 23.30 -0.46
C LYS E 184 -39.64 22.95 0.72
N ASN E 185 -40.28 22.58 1.82
CA ASN E 185 -39.59 22.29 3.05
C ASN E 185 -40.20 21.09 3.69
N LEU E 186 -39.33 20.19 4.15
CA LEU E 186 -39.73 19.05 4.95
C LEU E 186 -38.76 18.85 6.11
N SER E 187 -39.28 18.34 7.22
CA SER E 187 -38.42 17.88 8.29
C SER E 187 -38.11 16.40 8.05
N TYR E 188 -37.09 15.89 8.73
CA TYR E 188 -36.80 14.46 8.69
C TYR E 188 -38.01 13.65 9.17
N ALA E 189 -38.59 14.04 10.31
CA ALA E 189 -39.78 13.36 10.86
C ALA E 189 -40.95 13.27 9.86
N GLU E 190 -41.20 14.37 9.15
CA GLU E 190 -42.19 14.47 8.07
C GLU E 190 -41.95 13.52 6.90
N VAL E 191 -40.71 13.48 6.39
CA VAL E 191 -40.35 12.57 5.30
C VAL E 191 -40.75 11.13 5.65
N ILE E 192 -40.43 10.72 6.88
CA ILE E 192 -40.77 9.39 7.36
C ILE E 192 -42.29 9.22 7.60
N ASP E 193 -42.92 10.22 8.26
CA ASP E 193 -44.39 10.21 8.47
C ASP E 193 -45.19 10.06 7.17
N LYS E 194 -44.84 10.84 6.14
CA LYS E 194 -45.54 10.79 4.86
C LYS E 194 -44.96 9.75 3.89
N GLU E 195 -43.97 8.97 4.36
CA GLU E 195 -43.33 7.90 3.59
C GLU E 195 -42.90 8.34 2.19
N LEU E 196 -42.33 9.53 2.11
CA LEU E 196 -41.83 10.08 0.86
C LEU E 196 -40.49 9.43 0.55
N LYS E 197 -40.15 9.31 -0.73
CA LYS E 197 -38.83 8.75 -1.10
C LYS E 197 -37.85 9.87 -1.41
N VAL E 198 -36.79 9.93 -0.61
CA VAL E 198 -35.74 10.90 -0.82
C VAL E 198 -34.43 10.16 -1.07
N MET E 199 -34.00 9.38 -0.09
CA MET E 199 -32.88 8.48 -0.26
C MET E 199 -33.14 7.20 0.52
N ASP E 200 -32.23 6.25 0.43
CA ASP E 200 -32.38 5.02 1.18
C ASP E 200 -32.27 5.32 2.67
N LEU E 201 -32.94 4.48 3.46
CA LEU E 201 -33.10 4.68 4.88
C LEU E 201 -31.76 4.85 5.60
N SER E 202 -30.74 4.10 5.18
CA SER E 202 -29.40 4.19 5.77
C SER E 202 -28.81 5.60 5.61
N ALA E 203 -28.85 6.10 4.39
CA ALA E 203 -28.32 7.43 4.08
C ALA E 203 -29.07 8.50 4.85
N PHE E 204 -30.40 8.44 4.79
CA PHE E 204 -31.28 9.41 5.40
C PHE E 204 -31.08 9.44 6.91
N THR E 205 -30.88 8.26 7.51
CA THR E 205 -30.68 8.09 8.92
C THR E 205 -29.36 8.72 9.35
N LEU E 206 -28.31 8.54 8.56
CA LEU E 206 -27.03 9.16 8.82
C LEU E 206 -27.15 10.68 8.73
N ALA E 207 -27.83 11.19 7.71
CA ALA E 207 -28.04 12.64 7.57
C ALA E 207 -28.86 13.19 8.77
N ARG E 208 -29.90 12.45 9.13
CA ARG E 208 -30.79 12.81 10.23
C ARG E 208 -30.09 12.84 11.61
N ASP E 209 -29.31 11.80 11.93
CA ASP E 209 -28.64 11.77 13.24
C ASP E 209 -27.56 12.81 13.39
N HIS E 210 -27.04 13.34 12.29
CA HIS E 210 -26.02 14.38 12.35
C HIS E 210 -26.56 15.76 12.00
N GLY E 211 -27.86 15.84 11.68
CA GLY E 211 -28.49 17.10 11.30
C GLY E 211 -27.96 17.74 10.03
N MET E 212 -27.44 16.91 9.12
CA MET E 212 -27.03 17.37 7.80
C MET E 212 -28.27 17.70 6.97
N PRO E 213 -28.42 18.97 6.56
CA PRO E 213 -29.56 19.24 5.71
C PRO E 213 -29.29 18.81 4.25
N ILE E 214 -30.37 18.51 3.54
CA ILE E 214 -30.33 18.02 2.16
C ILE E 214 -31.21 18.93 1.32
N ARG E 215 -30.68 19.34 0.17
CA ARG E 215 -31.49 19.97 -0.87
C ARG E 215 -31.60 19.04 -2.07
N VAL E 216 -32.83 18.72 -2.44
CA VAL E 216 -33.13 17.95 -3.65
C VAL E 216 -33.54 18.93 -4.74
N PHE E 217 -32.83 18.94 -5.86
CA PHE E 217 -33.08 19.89 -6.94
C PHE E 217 -32.84 19.32 -8.35
N ASN E 218 -33.18 20.10 -9.35
CA ASN E 218 -33.11 19.66 -10.76
C ASN E 218 -31.82 20.18 -11.43
N MET E 219 -30.80 19.32 -11.46
CA MET E 219 -29.46 19.70 -11.99
C MET E 219 -29.51 19.84 -13.51
N GLY E 220 -30.34 19.01 -14.12
CA GLY E 220 -30.58 19.06 -15.56
C GLY E 220 -31.21 20.33 -16.08
N LYS E 221 -31.71 21.18 -15.17
CA LYS E 221 -32.10 22.55 -15.51
C LYS E 221 -30.90 23.48 -15.36
N PRO E 222 -30.23 23.84 -16.47
CA PRO E 222 -29.17 24.83 -16.28
C PRO E 222 -29.61 26.06 -15.44
N GLY E 223 -28.73 26.51 -14.56
CA GLY E 223 -29.00 27.62 -13.64
C GLY E 223 -29.56 27.24 -12.28
N ALA E 224 -30.17 26.06 -12.17
CA ALA E 224 -30.77 25.61 -10.90
C ALA E 224 -29.78 25.41 -9.75
N LEU E 225 -28.54 25.06 -10.05
CA LEU E 225 -27.48 24.86 -9.04
C LEU E 225 -27.07 26.16 -8.36
N ARG E 226 -26.88 27.20 -9.16
CA ARG E 226 -26.62 28.53 -8.64
C ARG E 226 -27.79 29.10 -7.81
N GLN E 227 -29.02 28.89 -8.30
CA GLN E 227 -30.21 29.25 -7.51
C GLN E 227 -30.23 28.50 -6.16
N VAL E 228 -29.95 27.21 -6.19
CA VAL E 228 -29.89 26.43 -4.94
C VAL E 228 -28.84 26.97 -3.98
N VAL E 229 -27.67 27.34 -4.47
CA VAL E 229 -26.57 27.80 -3.63
C VAL E 229 -26.79 29.24 -3.12
N THR E 230 -27.59 30.03 -3.84
CA THR E 230 -27.80 31.45 -3.50
C THR E 230 -29.19 31.77 -2.94
N GLY E 231 -30.06 30.78 -2.84
CA GLY E 231 -31.38 31.04 -2.30
C GLY E 231 -32.05 29.83 -1.69
N THR E 232 -33.13 30.12 -1.00
CA THR E 232 -33.91 29.17 -0.23
C THR E 232 -35.03 28.56 -1.08
N GLU E 233 -35.28 29.17 -2.26
CA GLU E 233 -36.49 28.88 -3.06
C GLU E 233 -36.45 27.66 -4.02
N GLU E 234 -35.30 27.37 -4.64
CA GLU E 234 -35.21 26.26 -5.62
C GLU E 234 -35.23 24.91 -4.94
N GLY E 235 -36.12 24.01 -5.37
CA GLY E 235 -36.13 22.64 -4.92
C GLY E 235 -36.70 22.44 -3.55
N THR E 236 -36.40 21.28 -2.99
CA THR E 236 -36.90 20.86 -1.70
C THR E 236 -35.77 20.79 -0.68
N THR E 237 -35.98 21.44 0.47
CA THR E 237 -35.10 21.34 1.61
C THR E 237 -35.62 20.33 2.61
N ILE E 238 -34.71 19.48 3.07
CA ILE E 238 -34.98 18.54 4.13
C ILE E 238 -34.04 18.87 5.30
N CYS E 239 -34.60 19.23 6.44
CA CYS E 239 -33.78 19.53 7.61
C CYS E 239 -34.47 19.22 8.93
N GLU E 240 -33.77 19.47 10.03
CA GLU E 240 -34.32 19.19 11.35
C GLU E 240 -35.51 20.12 11.61
N GLY E 241 -36.58 19.57 12.19
CA GLY E 241 -37.76 20.34 12.52
C GLY E 241 -37.47 21.29 13.67
N HIS E 242 -38.24 22.38 13.73
CA HIS E 242 -38.04 23.47 14.70
C HIS E 242 -38.33 23.09 16.16
N HIS E 243 -39.04 21.98 16.36
CA HIS E 243 -39.61 21.64 17.66
C HIS E 243 -38.70 20.80 18.56
N HIS E 244 -37.41 21.12 18.62
CA HIS E 244 -36.45 20.30 19.41
C HIS E 244 -35.69 21.01 20.53
N HIS E 245 -35.24 22.25 20.30
CA HIS E 245 -34.28 22.93 21.23
C HIS E 245 -34.70 24.31 21.74
N SER F 4 -9.37 -35.00 -30.52
CA SER F 4 -8.29 -33.99 -30.72
C SER F 4 -7.85 -33.49 -29.35
N GLN F 5 -6.54 -33.32 -29.18
CA GLN F 5 -5.94 -33.05 -27.87
C GLN F 5 -5.12 -31.76 -27.92
N PRO F 6 -4.91 -31.12 -26.76
CA PRO F 6 -4.32 -29.79 -26.83
C PRO F 6 -2.85 -29.83 -27.28
N ILE F 7 -2.47 -28.89 -28.13
CA ILE F 7 -1.08 -28.73 -28.53
C ILE F 7 -0.30 -27.77 -27.63
N TYR F 8 -1.01 -27.17 -26.66
CA TYR F 8 -0.42 -26.25 -25.69
C TYR F 8 -0.57 -26.73 -24.24
N LYS F 9 0.46 -26.50 -23.44
CA LYS F 9 0.42 -26.67 -22.00
C LYS F 9 -0.17 -25.43 -21.27
N ARG F 10 0.20 -24.24 -21.74
CA ARG F 10 -0.15 -22.98 -21.08
C ARG F 10 -0.44 -21.96 -22.15
N ILE F 11 -1.61 -21.32 -22.09
CA ILE F 11 -1.95 -20.28 -23.07
C ILE F 11 -2.27 -18.95 -22.40
N LEU F 12 -2.17 -17.89 -23.18
CA LEU F 12 -2.74 -16.62 -22.80
C LEU F 12 -3.74 -16.20 -23.84
N LEU F 13 -5.00 -16.15 -23.41
CA LEU F 13 -6.11 -15.73 -24.24
C LEU F 13 -6.39 -14.23 -24.10
N LYS F 14 -6.17 -13.49 -25.19
CA LYS F 14 -6.42 -12.05 -25.24
C LYS F 14 -7.79 -11.80 -25.87
N LEU F 15 -8.70 -11.22 -25.06
CA LEU F 15 -10.06 -10.83 -25.48
C LEU F 15 -10.22 -9.34 -25.41
N SER F 16 -10.72 -8.74 -26.49
CA SER F 16 -11.08 -7.34 -26.47
C SER F 16 -12.32 -7.21 -25.57
N GLY F 17 -12.50 -6.04 -24.98
CA GLY F 17 -13.72 -5.75 -24.22
C GLY F 17 -14.98 -6.00 -25.06
N GLU F 18 -14.92 -5.64 -26.33
CA GLU F 18 -16.06 -5.78 -27.24
C GLU F 18 -16.49 -7.24 -27.47
N ALA F 19 -15.67 -8.19 -27.05
CA ALA F 19 -16.07 -9.60 -27.08
C ALA F 19 -17.17 -9.93 -26.06
N LEU F 20 -17.30 -9.15 -24.98
CA LEU F 20 -18.35 -9.38 -23.98
C LEU F 20 -19.65 -8.66 -24.37
N GLN F 21 -19.50 -7.67 -25.26
CA GLN F 21 -20.55 -6.79 -25.75
C GLN F 21 -21.76 -7.52 -26.34
N GLY F 22 -22.96 -7.04 -26.00
CA GLY F 22 -24.17 -7.54 -26.62
C GLY F 22 -24.31 -6.97 -28.02
N GLU F 23 -25.00 -7.70 -28.89
CA GLU F 23 -25.37 -7.18 -30.23
C GLU F 23 -25.97 -5.76 -30.15
N ASP F 24 -26.59 -5.46 -29.02
CA ASP F 24 -27.05 -4.10 -28.69
C ASP F 24 -25.91 -3.07 -28.70
N GLY F 25 -24.69 -3.52 -28.40
CA GLY F 25 -23.47 -2.74 -28.67
C GLY F 25 -22.72 -2.24 -27.46
N LEU F 26 -23.30 -2.39 -26.26
CA LEU F 26 -22.71 -1.84 -25.05
C LEU F 26 -22.63 -2.84 -23.88
N GLY F 27 -21.66 -2.58 -23.00
CA GLY F 27 -21.55 -3.29 -21.71
C GLY F 27 -21.22 -4.76 -21.80
N ILE F 28 -21.87 -5.52 -20.92
CA ILE F 28 -21.58 -6.93 -20.72
C ILE F 28 -22.85 -7.74 -20.91
N ASP F 29 -22.83 -8.63 -21.90
CA ASP F 29 -23.96 -9.54 -22.14
C ASP F 29 -23.72 -10.82 -21.34
N PRO F 30 -24.58 -11.10 -20.34
CA PRO F 30 -24.33 -12.29 -19.52
C PRO F 30 -24.28 -13.62 -20.32
N ALA F 31 -25.14 -13.78 -21.30
CA ALA F 31 -25.17 -15.00 -22.13
C ALA F 31 -23.82 -15.23 -22.83
N ILE F 32 -23.30 -14.18 -23.44
CA ILE F 32 -22.01 -14.25 -24.13
C ILE F 32 -20.91 -14.54 -23.13
N LEU F 33 -20.96 -13.86 -21.99
CA LEU F 33 -19.99 -14.05 -20.92
C LEU F 33 -20.01 -15.46 -20.38
N ASP F 34 -21.20 -16.01 -20.14
CA ASP F 34 -21.32 -17.37 -19.61
C ASP F 34 -20.97 -18.44 -20.67
N ARG F 35 -21.18 -18.13 -21.95
CA ARG F 35 -20.72 -18.98 -23.05
C ARG F 35 -19.19 -19.08 -22.99
N MET F 36 -18.51 -17.94 -22.84
CA MET F 36 -17.05 -17.92 -22.72
C MET F 36 -16.51 -18.73 -21.54
N ALA F 37 -17.21 -18.72 -20.41
CA ALA F 37 -16.79 -19.48 -19.23
C ALA F 37 -16.88 -20.99 -19.47
N VAL F 38 -17.89 -21.41 -20.21
CA VAL F 38 -18.06 -22.82 -20.60
C VAL F 38 -16.94 -23.30 -21.54
N GLU F 39 -16.58 -22.45 -22.50
CA GLU F 39 -15.45 -22.72 -23.39
C GLU F 39 -14.12 -22.78 -22.66
N ILE F 40 -13.92 -21.89 -21.70
CA ILE F 40 -12.72 -21.93 -20.87
C ILE F 40 -12.72 -23.19 -19.98
N LYS F 41 -13.85 -23.49 -19.35
CA LYS F 41 -13.95 -24.70 -18.54
C LYS F 41 -13.50 -25.93 -19.35
N GLU F 42 -13.95 -26.03 -20.58
CA GLU F 42 -13.57 -27.19 -21.40
C GLU F 42 -12.07 -27.19 -21.76
N LEU F 43 -11.43 -26.03 -21.80
CA LEU F 43 -9.96 -25.99 -21.90
C LEU F 43 -9.29 -26.49 -20.62
N VAL F 44 -9.80 -26.06 -19.48
CA VAL F 44 -9.29 -26.50 -18.18
C VAL F 44 -9.47 -28.01 -18.00
N GLU F 45 -10.66 -28.51 -18.35
CA GLU F 45 -10.98 -29.95 -18.29
C GLU F 45 -10.05 -30.83 -19.20
N MET F 46 -9.46 -30.22 -20.24
CA MET F 46 -8.43 -30.88 -21.06
C MET F 46 -6.99 -30.76 -20.52
N GLY F 47 -6.81 -30.13 -19.37
CA GLY F 47 -5.50 -29.97 -18.76
C GLY F 47 -4.70 -28.72 -19.15
N VAL F 48 -5.27 -27.86 -19.99
CA VAL F 48 -4.63 -26.60 -20.40
C VAL F 48 -4.67 -25.57 -19.24
N GLU F 49 -3.51 -24.99 -18.94
CA GLU F 49 -3.40 -23.85 -17.99
C GLU F 49 -3.77 -22.54 -18.68
N VAL F 50 -4.83 -21.90 -18.24
CA VAL F 50 -5.40 -20.75 -18.93
C VAL F 50 -5.17 -19.43 -18.17
N SER F 51 -4.58 -18.49 -18.86
CA SER F 51 -4.56 -17.12 -18.38
C SER F 51 -5.33 -16.29 -19.39
N VAL F 52 -5.87 -15.17 -18.92
CA VAL F 52 -6.76 -14.34 -19.70
C VAL F 52 -6.39 -12.86 -19.53
N VAL F 53 -6.35 -12.15 -20.64
CA VAL F 53 -6.14 -10.72 -20.71
C VAL F 53 -7.39 -10.09 -21.37
N LEU F 54 -8.06 -9.20 -20.63
CA LEU F 54 -9.27 -8.51 -21.07
C LEU F 54 -9.04 -7.02 -21.38
N GLY F 55 -9.60 -6.57 -22.50
CA GLY F 55 -9.66 -5.16 -22.84
C GLY F 55 -10.88 -4.49 -22.19
N GLY F 56 -11.08 -3.20 -22.45
CA GLY F 56 -12.20 -2.46 -21.80
C GLY F 56 -13.12 -1.66 -22.69
N GLY F 57 -13.01 -1.81 -24.01
CA GLY F 57 -13.75 -0.96 -24.95
C GLY F 57 -15.26 -1.15 -25.05
N ASN F 58 -15.79 -2.19 -24.41
CA ASN F 58 -17.24 -2.37 -24.24
C ASN F 58 -17.85 -1.46 -23.17
N LEU F 59 -17.01 -0.94 -22.28
CA LEU F 59 -17.41 -0.12 -21.17
C LEU F 59 -16.97 1.32 -21.30
N PHE F 60 -15.91 1.53 -22.05
CA PHE F 60 -15.38 2.86 -22.24
C PHE F 60 -14.65 2.99 -23.56
N ARG F 61 -15.17 3.86 -24.41
CA ARG F 61 -14.43 4.29 -25.60
C ARG F 61 -14.23 5.81 -25.49
N GLY F 62 -12.97 6.23 -25.56
CA GLY F 62 -12.61 7.60 -25.19
C GLY F 62 -12.53 8.57 -26.34
N ALA F 63 -13.09 8.22 -27.49
CA ALA F 63 -12.97 9.01 -28.73
C ALA F 63 -13.58 10.38 -28.57
N LYS F 64 -14.83 10.42 -28.12
CA LYS F 64 -15.51 11.70 -27.89
C LYS F 64 -14.80 12.62 -26.87
N LEU F 65 -14.53 12.09 -25.67
CA LEU F 65 -13.86 12.89 -24.61
C LEU F 65 -12.50 13.40 -25.10
N ALA F 66 -11.80 12.59 -25.90
CA ALA F 66 -10.51 12.98 -26.46
C ALA F 66 -10.62 14.13 -27.45
N LYS F 67 -11.64 14.11 -28.29
CA LYS F 67 -11.85 15.21 -29.25
C LYS F 67 -12.23 16.49 -28.48
N ALA F 68 -12.86 16.32 -27.31
CA ALA F 68 -13.17 17.44 -26.44
C ALA F 68 -11.96 17.98 -25.68
N GLY F 69 -10.82 17.27 -25.72
CA GLY F 69 -9.61 17.79 -25.08
C GLY F 69 -9.09 17.01 -23.88
N MET F 70 -9.76 15.91 -23.52
CA MET F 70 -9.30 15.09 -22.42
C MET F 70 -7.84 14.59 -22.61
N ASN F 71 -7.02 14.79 -21.59
CA ASN F 71 -5.67 14.25 -21.57
C ASN F 71 -5.73 12.74 -21.77
N ARG F 72 -4.89 12.24 -22.69
CA ARG F 72 -4.88 10.81 -23.06
C ARG F 72 -4.40 9.89 -21.95
N VAL F 73 -3.53 10.40 -21.07
CA VAL F 73 -3.17 9.68 -19.83
C VAL F 73 -4.41 9.37 -19.02
N VAL F 74 -5.27 10.37 -18.83
CA VAL F 74 -6.52 10.20 -18.08
C VAL F 74 -7.45 9.23 -18.78
N GLY F 75 -7.59 9.35 -20.09
CA GLY F 75 -8.31 8.37 -20.89
C GLY F 75 -7.79 6.94 -20.77
N ASP F 76 -6.46 6.75 -20.76
CA ASP F 76 -5.87 5.41 -20.60
C ASP F 76 -6.12 4.84 -19.18
N HIS F 77 -6.12 5.70 -18.16
CA HIS F 77 -6.49 5.27 -16.79
C HIS F 77 -7.93 4.81 -16.66
N MET F 78 -8.85 5.51 -17.33
CA MET F 78 -10.27 5.10 -17.36
C MET F 78 -10.39 3.72 -18.04
N GLY F 79 -9.74 3.55 -19.17
CA GLY F 79 -9.69 2.23 -19.83
C GLY F 79 -9.13 1.16 -18.94
N MET F 80 -8.05 1.44 -18.22
CA MET F 80 -7.51 0.40 -17.34
C MET F 80 -8.51 -0.04 -16.25
N LEU F 81 -9.25 0.92 -15.69
CA LEU F 81 -10.27 0.60 -14.66
C LEU F 81 -11.42 -0.24 -15.21
N ALA F 82 -11.87 0.08 -16.42
CA ALA F 82 -12.82 -0.75 -17.18
C ALA F 82 -12.39 -2.21 -17.43
N THR F 83 -11.09 -2.45 -17.63
CA THR F 83 -10.61 -3.83 -17.72
C THR F 83 -10.75 -4.58 -16.40
N VAL F 84 -10.63 -3.88 -15.28
CA VAL F 84 -10.86 -4.49 -13.97
C VAL F 84 -12.33 -4.87 -13.78
N MET F 85 -13.25 -3.99 -14.20
CA MET F 85 -14.68 -4.29 -14.16
C MET F 85 -15.00 -5.53 -15.00
N ASN F 86 -14.42 -5.61 -16.20
CA ASN F 86 -14.56 -6.82 -17.05
C ASN F 86 -14.00 -8.07 -16.39
N GLY F 87 -12.87 -7.90 -15.71
CA GLY F 87 -12.22 -9.00 -15.03
C GLY F 87 -13.02 -9.53 -13.88
N LEU F 88 -13.70 -8.63 -13.15
CA LEU F 88 -14.57 -9.01 -12.04
C LEU F 88 -15.78 -9.82 -12.53
N ALA F 89 -16.41 -9.32 -13.58
CA ALA F 89 -17.49 -10.06 -14.25
C ALA F 89 -17.05 -11.45 -14.74
N MET F 90 -15.85 -11.55 -15.32
CA MET F 90 -15.32 -12.82 -15.85
C MET F 90 -15.01 -13.80 -14.72
N ARG F 91 -14.40 -13.28 -13.65
CA ARG F 91 -14.11 -14.11 -12.48
C ARG F 91 -15.39 -14.69 -11.90
N ASP F 92 -16.43 -13.88 -11.80
CA ASP F 92 -17.74 -14.31 -11.27
C ASP F 92 -18.35 -15.38 -12.17
N SER F 93 -18.31 -15.17 -13.48
CA SER F 93 -18.88 -16.13 -14.43
C SER F 93 -18.18 -17.46 -14.36
N LEU F 94 -16.85 -17.44 -14.26
CA LEU F 94 -16.09 -18.70 -14.12
C LEU F 94 -16.47 -19.42 -12.83
N PHE F 95 -16.59 -18.66 -11.74
CA PHE F 95 -17.06 -19.20 -10.48
C PHE F 95 -18.43 -19.87 -10.64
N ARG F 96 -19.33 -19.21 -11.37
CA ARG F 96 -20.66 -19.74 -11.57
C ARG F 96 -20.65 -21.00 -12.48
N ALA F 97 -19.62 -21.14 -13.33
CA ALA F 97 -19.42 -22.35 -14.13
C ALA F 97 -18.57 -23.40 -13.40
N ASP F 98 -18.35 -23.19 -12.10
CA ASP F 98 -17.60 -24.12 -11.27
C ASP F 98 -16.14 -24.24 -11.74
N VAL F 99 -15.54 -23.11 -12.11
CA VAL F 99 -14.14 -23.02 -12.49
C VAL F 99 -13.39 -22.16 -11.49
N ASN F 100 -12.29 -22.70 -10.97
CA ASN F 100 -11.38 -22.03 -10.03
C ASN F 100 -10.59 -20.96 -10.77
N ALA F 101 -10.84 -19.70 -10.41
CA ALA F 101 -10.28 -18.54 -11.10
C ALA F 101 -9.87 -17.42 -10.14
N LYS F 102 -8.84 -16.68 -10.55
CA LYS F 102 -8.33 -15.58 -9.76
C LYS F 102 -8.19 -14.34 -10.63
N LEU F 103 -8.40 -13.16 -10.04
CA LEU F 103 -8.19 -11.90 -10.75
C LEU F 103 -6.99 -11.17 -10.17
N MET F 104 -6.05 -10.82 -11.05
CA MET F 104 -4.88 -10.04 -10.69
C MET F 104 -4.96 -8.72 -11.43
N SER F 105 -4.59 -7.67 -10.73
CA SER F 105 -4.65 -6.32 -11.24
C SER F 105 -3.26 -5.72 -11.17
N ALA F 106 -2.90 -4.95 -12.19
CA ALA F 106 -1.66 -4.20 -12.20
C ALA F 106 -1.66 -3.15 -11.08
N PHE F 107 -2.82 -2.63 -10.65
CA PHE F 107 -2.89 -1.85 -9.40
C PHE F 107 -3.33 -2.73 -8.24
N GLN F 108 -2.72 -2.46 -7.08
CA GLN F 108 -3.24 -2.91 -5.80
C GLN F 108 -4.68 -2.42 -5.62
N LEU F 109 -5.60 -3.35 -5.36
CA LEU F 109 -7.01 -3.03 -5.10
C LEU F 109 -7.41 -3.89 -3.92
N ASN F 110 -7.07 -3.39 -2.72
CA ASN F 110 -7.29 -4.10 -1.48
C ASN F 110 -8.77 -4.36 -1.35
N GLY F 111 -9.15 -5.58 -0.99
CA GLY F 111 -10.54 -5.96 -0.87
C GLY F 111 -11.23 -6.44 -2.12
N ILE F 112 -10.69 -6.14 -3.29
CA ILE F 112 -11.37 -6.42 -4.56
C ILE F 112 -10.75 -7.63 -5.22
N CYS F 113 -9.43 -7.66 -5.33
CA CYS F 113 -8.74 -8.74 -6.04
C CYS F 113 -7.27 -8.77 -5.66
N ASP F 114 -6.54 -9.74 -6.22
CA ASP F 114 -5.11 -9.88 -5.95
C ASP F 114 -4.26 -8.89 -6.74
N THR F 115 -3.08 -8.59 -6.21
CA THR F 115 -2.12 -7.72 -6.89
C THR F 115 -1.24 -8.56 -7.80
N TYR F 116 -0.99 -8.09 -9.01
CA TYR F 116 -0.21 -8.88 -9.96
C TYR F 116 1.21 -9.14 -9.45
N ASN F 117 1.56 -10.41 -9.46
CA ASN F 117 2.92 -10.87 -9.22
C ASN F 117 3.13 -12.06 -10.17
N TRP F 118 4.19 -11.97 -10.98
CA TRP F 118 4.45 -12.94 -12.08
C TRP F 118 4.64 -14.38 -11.57
N SER F 119 5.38 -14.58 -10.47
CA SER F 119 5.60 -15.95 -9.97
C SER F 119 4.41 -16.51 -9.18
N GLU F 120 3.69 -15.67 -8.44
CA GLU F 120 2.39 -16.09 -7.89
C GLU F 120 1.42 -16.51 -8.98
N ALA F 121 1.44 -15.82 -10.11
CA ALA F 121 0.57 -16.16 -11.23
C ALA F 121 0.98 -17.53 -11.85
N ILE F 122 2.27 -17.75 -12.01
CA ILE F 122 2.76 -19.06 -12.48
C ILE F 122 2.34 -20.16 -11.50
N LYS F 123 2.42 -19.89 -10.20
CA LYS F 123 2.07 -20.87 -9.19
C LYS F 123 0.59 -21.21 -9.26
N MET F 124 -0.28 -20.21 -9.44
CA MET F 124 -1.73 -20.45 -9.60
C MET F 124 -2.05 -21.21 -10.88
N LEU F 125 -1.31 -20.94 -11.96
CA LEU F 125 -1.50 -21.65 -13.24
C LEU F 125 -1.10 -23.12 -13.12
N ARG F 126 0.02 -23.38 -12.45
CA ARG F 126 0.43 -24.74 -12.12
C ARG F 126 -0.57 -25.49 -11.25
N GLU F 127 -1.25 -24.78 -10.34
CA GLU F 127 -2.40 -25.30 -9.60
C GLU F 127 -3.69 -25.42 -10.42
N LYS F 128 -3.63 -25.08 -11.71
CA LYS F 128 -4.75 -25.27 -12.62
C LYS F 128 -5.90 -24.31 -12.30
N ARG F 129 -5.53 -23.10 -11.89
CA ARG F 129 -6.48 -22.02 -11.75
C ARG F 129 -6.35 -21.18 -12.97
N VAL F 130 -7.48 -20.71 -13.46
CA VAL F 130 -7.52 -19.67 -14.48
C VAL F 130 -7.13 -18.32 -13.85
N VAL F 131 -6.13 -17.65 -14.42
CA VAL F 131 -5.71 -16.35 -13.93
C VAL F 131 -6.10 -15.26 -14.93
N ILE F 132 -6.91 -14.30 -14.45
CA ILE F 132 -7.30 -13.12 -15.24
C ILE F 132 -6.40 -11.94 -14.87
N PHE F 133 -5.83 -11.30 -15.89
CA PHE F 133 -5.02 -10.10 -15.70
C PHE F 133 -5.79 -8.86 -16.17
N SER F 134 -5.91 -7.88 -15.28
CA SER F 134 -6.57 -6.61 -15.61
C SER F 134 -5.70 -5.41 -15.24
N ALA F 135 -6.17 -4.23 -15.65
CA ALA F 135 -5.48 -2.96 -15.47
C ALA F 135 -4.22 -2.85 -16.31
N GLY F 136 -4.16 -3.56 -17.43
CA GLY F 136 -3.00 -3.50 -18.32
C GLY F 136 -1.67 -3.68 -17.58
N THR F 137 -0.74 -2.76 -17.82
CA THR F 137 0.52 -2.74 -17.13
C THR F 137 0.62 -1.63 -16.10
N GLY F 138 -0.50 -0.97 -15.79
CA GLY F 138 -0.47 0.17 -14.91
C GLY F 138 0.01 1.47 -15.58
N ASN F 139 0.47 1.40 -16.83
CA ASN F 139 0.92 2.58 -17.57
C ASN F 139 0.06 2.96 -18.77
N PRO F 140 -0.04 4.29 -19.07
CA PRO F 140 -0.75 4.75 -20.26
C PRO F 140 0.10 4.50 -21.49
N PHE F 141 -0.50 4.69 -22.67
CA PHE F 141 0.14 4.59 -23.98
C PHE F 141 0.55 3.19 -24.41
N PHE F 142 0.00 2.16 -23.77
CA PHE F 142 0.35 0.76 -24.10
C PHE F 142 -0.91 -0.04 -24.26
N THR F 143 -1.02 -0.73 -25.39
CA THR F 143 -2.27 -1.38 -25.75
C THR F 143 -2.48 -2.63 -24.92
N THR F 144 -3.73 -3.09 -24.94
CA THR F 144 -4.07 -4.41 -24.43
C THR F 144 -3.29 -5.54 -25.10
N ASP F 145 -3.04 -5.40 -26.40
CA ASP F 145 -2.14 -6.33 -27.11
C ASP F 145 -0.77 -6.35 -26.47
N SER F 146 -0.21 -5.19 -26.16
CA SER F 146 1.09 -5.11 -25.47
C SER F 146 1.08 -5.76 -24.08
N THR F 147 -0.03 -5.58 -23.36
CA THR F 147 -0.29 -6.29 -22.10
C THR F 147 -0.33 -7.80 -22.28
N ALA F 148 -1.06 -8.29 -23.28
CA ALA F 148 -1.14 -9.72 -23.52
C ALA F 148 0.24 -10.31 -23.80
N CYS F 149 1.01 -9.64 -24.63
CA CYS F 149 2.38 -10.11 -24.94
C CYS F 149 3.32 -10.09 -23.74
N LEU F 150 3.25 -9.02 -22.95
CA LEU F 150 4.09 -8.88 -21.79
C LEU F 150 3.80 -9.96 -20.77
N ARG F 151 2.52 -10.13 -20.41
CA ARG F 151 2.08 -11.10 -19.43
C ARG F 151 2.36 -12.52 -19.91
N GLY F 152 2.04 -12.80 -21.16
CA GLY F 152 2.39 -14.05 -21.84
C GLY F 152 3.84 -14.43 -21.69
N ILE F 153 4.77 -13.51 -22.03
CA ILE F 153 6.22 -13.72 -21.78
C ILE F 153 6.55 -14.00 -20.31
N GLU F 154 6.00 -13.18 -19.38
CA GLU F 154 6.35 -13.26 -17.96
C GLU F 154 5.91 -14.57 -17.31
N ILE F 155 4.67 -14.98 -17.57
CA ILE F 155 4.16 -16.25 -17.05
C ILE F 155 4.49 -17.47 -17.95
N GLU F 156 5.33 -17.23 -18.97
CA GLU F 156 5.89 -18.26 -19.83
C GLU F 156 4.83 -19.07 -20.55
N ALA F 157 3.82 -18.38 -21.06
CA ALA F 157 2.79 -19.00 -21.87
C ALA F 157 3.45 -19.64 -23.11
N ASP F 158 2.86 -20.72 -23.62
CA ASP F 158 3.28 -21.31 -24.90
C ASP F 158 2.92 -20.43 -26.09
N VAL F 159 1.88 -19.62 -25.93
CA VAL F 159 1.31 -18.92 -27.04
C VAL F 159 0.39 -17.81 -26.53
N VAL F 160 0.23 -16.76 -27.33
CA VAL F 160 -0.81 -15.76 -27.12
C VAL F 160 -1.91 -15.94 -28.17
N LEU F 161 -3.13 -16.24 -27.70
CA LEU F 161 -4.29 -16.31 -28.58
C LEU F 161 -4.98 -14.93 -28.61
N LYS F 162 -5.00 -14.32 -29.81
CA LYS F 162 -5.68 -13.09 -30.02
C LYS F 162 -7.05 -13.36 -30.60
N ALA F 163 -8.05 -13.35 -29.73
CA ALA F 163 -9.43 -13.46 -30.11
C ALA F 163 -9.88 -12.21 -30.87
N THR F 164 -10.49 -12.41 -32.04
CA THR F 164 -11.08 -11.33 -32.83
C THR F 164 -12.48 -11.74 -33.30
N LYS F 165 -13.10 -10.86 -34.09
CA LYS F 165 -14.37 -11.13 -34.73
C LYS F 165 -14.17 -11.58 -36.18
N VAL F 166 -12.90 -11.73 -36.62
CA VAL F 166 -12.60 -12.24 -37.97
C VAL F 166 -11.88 -13.59 -37.89
N ASP F 167 -11.74 -14.26 -39.03
CA ASP F 167 -11.23 -15.63 -39.04
C ASP F 167 -9.70 -15.70 -38.90
N GLY F 168 -9.01 -14.58 -39.09
CA GLY F 168 -7.54 -14.51 -38.95
C GLY F 168 -7.03 -13.33 -39.71
N VAL F 169 -5.77 -13.38 -40.15
CA VAL F 169 -5.18 -12.31 -40.96
C VAL F 169 -5.35 -12.61 -42.45
N TYR F 170 -5.79 -11.57 -43.17
CA TYR F 170 -6.09 -11.68 -44.60
C TYR F 170 -5.13 -10.86 -45.42
N ASP F 171 -5.21 -11.05 -46.74
CA ASP F 171 -4.81 -10.01 -47.68
C ASP F 171 -5.69 -8.79 -47.37
N CYS F 172 -7.01 -9.02 -47.34
CA CYS F 172 -8.00 -8.04 -46.84
C CYS F 172 -9.14 -8.73 -46.09
N ALA F 180 -10.51 -12.36 -50.82
CA ALA F 180 -9.39 -12.19 -49.91
C ALA F 180 -8.88 -13.54 -49.39
N LYS F 181 -7.56 -13.75 -49.46
CA LYS F 181 -6.91 -14.93 -48.88
C LYS F 181 -6.72 -14.74 -47.37
N LEU F 182 -7.10 -15.77 -46.60
CA LEU F 182 -6.75 -15.89 -45.17
C LEU F 182 -5.37 -16.53 -45.11
N TYR F 183 -4.42 -15.89 -44.44
CA TYR F 183 -3.09 -16.50 -44.24
C TYR F 183 -3.17 -17.56 -43.16
N LYS F 184 -2.49 -18.67 -43.40
CA LYS F 184 -2.49 -19.78 -42.47
C LYS F 184 -1.32 -19.62 -41.48
N ASN F 185 -0.14 -19.35 -42.03
CA ASN F 185 1.08 -19.22 -41.26
C ASN F 185 1.87 -18.05 -41.77
N LEU F 186 2.35 -17.23 -40.85
CA LEU F 186 3.18 -16.09 -41.20
C LEU F 186 4.36 -16.03 -40.26
N SER F 187 5.50 -15.60 -40.77
CA SER F 187 6.62 -15.29 -39.89
C SER F 187 6.49 -13.83 -39.48
N TYR F 188 7.22 -13.45 -38.42
CA TYR F 188 7.30 -12.02 -38.01
C TYR F 188 7.80 -11.15 -39.18
N ALA F 189 8.89 -11.58 -39.83
CA ALA F 189 9.44 -10.90 -41.00
C ALA F 189 8.46 -10.78 -42.17
N GLU F 190 7.63 -11.79 -42.40
CA GLU F 190 6.58 -11.71 -43.42
C GLU F 190 5.52 -10.62 -43.13
N VAL F 191 5.14 -10.47 -41.87
CA VAL F 191 4.12 -9.49 -41.46
C VAL F 191 4.60 -8.06 -41.77
N ILE F 192 5.84 -7.76 -41.38
CA ILE F 192 6.48 -6.46 -41.65
C ILE F 192 6.74 -6.26 -43.16
N ASP F 193 7.22 -7.31 -43.83
CA ASP F 193 7.53 -7.26 -45.27
C ASP F 193 6.28 -7.07 -46.13
N LYS F 194 5.18 -7.75 -45.76
CA LYS F 194 3.91 -7.62 -46.47
C LYS F 194 3.02 -6.47 -45.95
N GLU F 195 3.53 -5.72 -44.97
CA GLU F 195 2.78 -4.63 -44.31
C GLU F 195 1.37 -5.01 -43.85
N LEU F 196 1.25 -6.16 -43.19
CA LEU F 196 -0.04 -6.63 -42.66
C LEU F 196 -0.26 -6.04 -41.27
N LYS F 197 -1.54 -5.94 -40.86
CA LYS F 197 -1.89 -5.36 -39.56
C LYS F 197 -2.38 -6.45 -38.61
N VAL F 198 -1.58 -6.74 -37.59
CA VAL F 198 -1.87 -7.84 -36.65
C VAL F 198 -2.04 -7.33 -35.19
N MET F 199 -1.06 -6.57 -34.70
CA MET F 199 -1.16 -5.86 -33.40
C MET F 199 -0.69 -4.44 -33.64
N ASP F 200 -0.39 -3.68 -32.59
CA ASP F 200 0.39 -2.44 -32.75
C ASP F 200 1.87 -2.80 -32.73
N LEU F 201 2.70 -1.96 -33.34
CA LEU F 201 4.12 -2.22 -33.50
C LEU F 201 4.88 -2.63 -32.23
N SER F 202 4.57 -1.99 -31.11
CA SER F 202 5.30 -2.28 -29.86
C SER F 202 4.92 -3.65 -29.27
N ALA F 203 3.67 -4.02 -29.41
CA ALA F 203 3.22 -5.36 -29.03
C ALA F 203 3.90 -6.44 -29.88
N PHE F 204 3.85 -6.26 -31.18
CA PHE F 204 4.44 -7.20 -32.14
C PHE F 204 5.95 -7.31 -31.94
N THR F 205 6.58 -6.18 -31.64
CA THR F 205 8.01 -6.10 -31.43
C THR F 205 8.42 -6.94 -30.22
N LEU F 206 7.61 -6.87 -29.17
CA LEU F 206 7.87 -7.60 -27.94
C LEU F 206 7.73 -9.11 -28.16
N ALA F 207 6.61 -9.50 -28.76
CA ALA F 207 6.38 -10.86 -29.20
C ALA F 207 7.54 -11.38 -30.06
N ARG F 208 7.93 -10.60 -31.05
CA ARG F 208 9.02 -10.93 -31.94
C ARG F 208 10.36 -11.18 -31.24
N ASP F 209 10.80 -10.20 -30.46
CA ASP F 209 12.07 -10.27 -29.73
C ASP F 209 12.15 -11.45 -28.79
N HIS F 210 11.00 -11.87 -28.24
CA HIS F 210 10.94 -12.99 -27.31
C HIS F 210 10.48 -14.32 -27.97
N GLY F 211 10.18 -14.28 -29.26
CA GLY F 211 9.81 -15.50 -30.00
C GLY F 211 8.48 -16.10 -29.57
N MET F 212 7.61 -15.25 -29.02
CA MET F 212 6.29 -15.66 -28.58
C MET F 212 5.38 -15.85 -29.81
N PRO F 213 4.92 -17.08 -30.07
CA PRO F 213 3.98 -17.21 -31.17
C PRO F 213 2.59 -16.59 -30.83
N ILE F 214 1.90 -16.11 -31.85
CA ILE F 214 0.53 -15.56 -31.72
C ILE F 214 -0.40 -16.29 -32.69
N ARG F 215 -1.59 -16.63 -32.20
CA ARG F 215 -2.69 -17.11 -33.05
C ARG F 215 -3.84 -16.11 -33.11
N VAL F 216 -4.15 -15.64 -34.31
CA VAL F 216 -5.28 -14.74 -34.54
C VAL F 216 -6.46 -15.59 -35.05
N PHE F 217 -7.58 -15.56 -34.34
CA PHE F 217 -8.73 -16.42 -34.68
C PHE F 217 -10.09 -15.77 -34.35
N ASN F 218 -11.16 -16.38 -34.88
CA ASN F 218 -12.54 -15.90 -34.68
C ASN F 218 -13.12 -16.51 -33.40
N MET F 219 -13.12 -15.73 -32.33
CA MET F 219 -13.69 -16.15 -31.07
C MET F 219 -15.22 -16.13 -31.14
N GLY F 220 -15.76 -15.34 -32.07
CA GLY F 220 -17.20 -15.26 -32.28
C GLY F 220 -17.79 -16.50 -32.93
N LYS F 221 -16.92 -17.42 -33.35
CA LYS F 221 -17.30 -18.77 -33.78
C LYS F 221 -17.23 -19.73 -32.61
N PRO F 222 -18.38 -20.13 -32.02
CA PRO F 222 -18.38 -21.28 -31.10
C PRO F 222 -17.67 -22.54 -31.67
N GLY F 223 -16.80 -23.15 -30.86
CA GLY F 223 -15.93 -24.24 -31.28
C GLY F 223 -14.52 -23.82 -31.73
N ALA F 224 -14.36 -22.56 -32.14
CA ALA F 224 -13.09 -22.08 -32.69
C ALA F 224 -11.97 -22.09 -31.64
N LEU F 225 -12.27 -21.63 -30.42
CA LEU F 225 -11.27 -21.63 -29.36
C LEU F 225 -10.72 -23.04 -29.13
N ARG F 226 -11.62 -24.01 -29.04
CA ARG F 226 -11.24 -25.40 -28.84
C ARG F 226 -10.39 -25.91 -30.00
N GLN F 227 -10.81 -25.61 -31.22
CA GLN F 227 -10.05 -25.96 -32.40
C GLN F 227 -8.65 -25.34 -32.41
N VAL F 228 -8.53 -24.06 -32.06
CA VAL F 228 -7.21 -23.38 -32.01
C VAL F 228 -6.25 -24.09 -31.05
N VAL F 229 -6.77 -24.54 -29.92
CA VAL F 229 -5.95 -25.14 -28.87
C VAL F 229 -5.59 -26.61 -29.16
N THR F 230 -6.43 -27.30 -29.93
CA THR F 230 -6.22 -28.73 -30.21
C THR F 230 -5.67 -29.03 -31.63
N GLY F 231 -5.13 -28.03 -32.32
CA GLY F 231 -4.66 -28.23 -33.68
C GLY F 231 -4.16 -26.97 -34.34
N THR F 232 -3.60 -27.12 -35.53
CA THR F 232 -2.88 -26.07 -36.26
C THR F 232 -3.73 -25.32 -37.30
N GLU F 233 -4.92 -25.83 -37.61
CA GLU F 233 -5.69 -25.34 -38.77
C GLU F 233 -6.46 -24.01 -38.60
N GLU F 234 -7.20 -23.86 -37.50
CA GLU F 234 -8.02 -22.65 -37.31
C GLU F 234 -7.19 -21.35 -37.15
N GLY F 235 -7.52 -20.36 -37.96
CA GLY F 235 -6.91 -19.05 -37.84
C GLY F 235 -5.53 -18.92 -38.46
N THR F 236 -4.82 -17.88 -38.03
CA THR F 236 -3.53 -17.51 -38.56
C THR F 236 -2.50 -17.57 -37.43
N THR F 237 -1.42 -18.31 -37.65
CA THR F 237 -0.29 -18.38 -36.75
C THR F 237 0.83 -17.45 -37.21
N ILE F 238 1.40 -16.72 -36.26
CA ILE F 238 2.51 -15.84 -36.54
C ILE F 238 3.64 -16.32 -35.64
N CYS F 239 4.76 -16.73 -36.21
CA CYS F 239 5.86 -17.18 -35.38
C CYS F 239 7.22 -16.89 -36.02
N GLU F 240 8.29 -17.28 -35.34
CA GLU F 240 9.62 -17.15 -35.91
C GLU F 240 9.82 -18.03 -37.14
N GLY F 241 10.28 -17.43 -38.23
CA GLY F 241 10.67 -18.14 -39.44
C GLY F 241 11.75 -19.18 -39.22
N HIS F 242 11.77 -20.20 -40.08
CA HIS F 242 12.73 -21.31 -39.98
C HIS F 242 14.17 -20.93 -40.32
N HIS F 243 14.38 -19.77 -40.95
CA HIS F 243 15.67 -19.43 -41.53
C HIS F 243 16.81 -18.97 -40.58
N HIS F 244 16.53 -18.89 -39.27
CA HIS F 244 17.53 -18.41 -38.29
C HIS F 244 18.26 -19.57 -37.61
#